data_2FC8
#
_entry.id   2FC8
#
_entity_poly.entity_id   1
_entity_poly.type   'polypeptide(L)'
_entity_poly.pdbx_seq_one_letter_code
;GSSGSSGPNARSQPSKTLFVKGLSEDTTEETLKESFDGSVRARIVTDRETGSSKGFGFVDFNSEEDAKAAKEAMEDGEID
GNKVTLDWAKPKGEGGSGPSSG
;
_entity_poly.pdbx_strand_id   A
#
# COMPACT_ATOMS: atom_id res chain seq x y z
N GLY A 1 -17.90 -12.21 -19.90
CA GLY A 1 -17.80 -13.10 -18.75
C GLY A 1 -16.39 -13.63 -18.55
N SER A 2 -15.73 -13.97 -19.65
CA SER A 2 -14.37 -14.50 -19.59
C SER A 2 -13.54 -13.73 -18.56
N SER A 3 -13.33 -14.35 -17.40
CA SER A 3 -12.54 -13.73 -16.34
C SER A 3 -11.64 -14.75 -15.66
N GLY A 4 -10.37 -14.38 -15.48
CA GLY A 4 -9.42 -15.27 -14.84
C GLY A 4 -7.99 -14.80 -15.00
N SER A 5 -7.23 -14.86 -13.91
CA SER A 5 -5.84 -14.43 -13.93
C SER A 5 -4.94 -15.44 -13.22
N SER A 6 -3.63 -15.30 -13.39
CA SER A 6 -2.68 -16.20 -12.76
C SER A 6 -1.51 -15.43 -12.17
N GLY A 7 -1.05 -15.86 -11.00
CA GLY A 7 0.06 -15.19 -10.34
C GLY A 7 -0.25 -13.75 -10.00
N PRO A 8 0.81 -12.95 -9.77
CA PRO A 8 0.66 -11.53 -9.42
C PRO A 8 0.16 -10.70 -10.60
N ASN A 9 0.31 -11.22 -11.81
CA ASN A 9 -0.12 -10.53 -13.01
C ASN A 9 0.79 -9.35 -13.32
N ALA A 10 2.08 -9.51 -13.01
CA ALA A 10 3.07 -8.46 -13.26
C ALA A 10 4.39 -9.05 -13.73
N ARG A 11 5.29 -8.19 -14.16
CA ARG A 11 6.60 -8.62 -14.64
C ARG A 11 7.42 -9.23 -13.51
N SER A 12 7.52 -8.51 -12.40
CA SER A 12 8.28 -8.97 -11.25
C SER A 12 7.35 -9.37 -10.11
N GLN A 13 7.90 -10.06 -9.12
CA GLN A 13 7.12 -10.50 -7.97
C GLN A 13 6.45 -9.32 -7.27
N PRO A 14 5.30 -9.57 -6.64
CA PRO A 14 4.54 -8.54 -5.93
C PRO A 14 5.24 -8.09 -4.66
N SER A 15 4.62 -7.13 -3.96
CA SER A 15 5.19 -6.61 -2.72
C SER A 15 4.39 -7.07 -1.51
N LYS A 16 5.04 -7.11 -0.35
CA LYS A 16 4.39 -7.53 0.88
C LYS A 16 3.59 -6.39 1.50
N THR A 17 4.08 -5.17 1.31
CA THR A 17 3.42 -4.00 1.86
C THR A 17 2.56 -3.30 0.80
N LEU A 18 1.30 -3.03 1.14
CA LEU A 18 0.38 -2.38 0.23
C LEU A 18 0.32 -0.88 0.49
N PHE A 19 0.47 -0.08 -0.56
CA PHE A 19 0.43 1.36 -0.44
C PHE A 19 -1.01 1.87 -0.50
N VAL A 20 -1.44 2.52 0.58
CA VAL A 20 -2.80 3.05 0.66
C VAL A 20 -2.79 4.57 0.57
N LYS A 21 -3.33 5.11 -0.52
CA LYS A 21 -3.40 6.55 -0.71
C LYS A 21 -4.84 7.01 -0.87
N GLY A 22 -5.15 8.16 -0.27
CA GLY A 22 -6.50 8.69 -0.36
C GLY A 22 -7.25 8.59 0.95
N LEU A 23 -6.54 8.77 2.06
CA LEU A 23 -7.15 8.68 3.38
C LEU A 23 -7.51 10.07 3.90
N SER A 24 -8.14 10.11 5.07
CA SER A 24 -8.54 11.37 5.67
C SER A 24 -7.53 11.83 6.73
N GLU A 25 -7.27 13.13 6.77
CA GLU A 25 -6.32 13.69 7.73
C GLU A 25 -6.51 13.06 9.11
N ASP A 26 -7.71 12.55 9.36
CA ASP A 26 -8.04 11.92 10.63
C ASP A 26 -7.73 10.43 10.61
N THR A 27 -7.91 9.82 9.43
CA THR A 27 -7.66 8.39 9.26
C THR A 27 -6.43 7.95 10.05
N THR A 28 -6.64 7.09 11.05
CA THR A 28 -5.56 6.60 11.88
C THR A 28 -5.13 5.19 11.45
N GLU A 29 -3.89 4.83 11.76
CA GLU A 29 -3.36 3.52 11.41
C GLU A 29 -4.32 2.42 11.86
N GLU A 30 -5.11 2.71 12.90
CA GLU A 30 -6.06 1.74 13.41
C GLU A 30 -7.11 1.38 12.37
N THR A 31 -7.77 2.41 11.84
CA THR A 31 -8.80 2.21 10.82
C THR A 31 -8.19 1.71 9.51
N LEU A 32 -6.92 2.01 9.31
CA LEU A 32 -6.22 1.59 8.09
C LEU A 32 -5.89 0.10 8.14
N LYS A 33 -5.51 -0.37 9.32
CA LYS A 33 -5.17 -1.78 9.51
C LYS A 33 -6.39 -2.67 9.31
N GLU A 34 -7.40 -2.48 10.16
CA GLU A 34 -8.63 -3.27 10.07
C GLU A 34 -9.15 -3.30 8.64
N SER A 35 -9.14 -2.15 7.98
CA SER A 35 -9.62 -2.05 6.61
C SER A 35 -9.26 -3.31 5.82
N PHE A 36 -8.08 -3.86 6.09
CA PHE A 36 -7.62 -5.07 5.42
C PHE A 36 -7.70 -6.28 6.33
N ASP A 37 -8.72 -7.11 6.12
CA ASP A 37 -8.91 -8.31 6.94
C ASP A 37 -7.83 -9.33 6.65
N GLY A 38 -6.80 -9.36 7.50
CA GLY A 38 -5.71 -10.30 7.33
C GLY A 38 -4.37 -9.70 7.68
N SER A 39 -4.20 -8.40 7.37
CA SER A 39 -2.95 -7.71 7.65
C SER A 39 -2.50 -7.95 9.08
N VAL A 40 -1.25 -7.63 9.37
CA VAL A 40 -0.69 -7.81 10.70
C VAL A 40 -0.47 -6.46 11.40
N ARG A 41 -0.17 -5.44 10.60
CA ARG A 41 0.07 -4.10 11.12
C ARG A 41 -0.22 -3.04 10.07
N ALA A 42 -0.27 -1.78 10.50
CA ALA A 42 -0.54 -0.67 9.59
C ALA A 42 0.30 0.55 9.96
N ARG A 43 0.64 1.35 8.95
CA ARG A 43 1.43 2.55 9.15
C ARG A 43 0.85 3.73 8.39
N ILE A 44 1.03 4.93 8.93
CA ILE A 44 0.52 6.14 8.30
C ILE A 44 1.56 7.26 8.33
N VAL A 45 1.71 7.95 7.20
CA VAL A 45 2.67 9.04 7.10
C VAL A 45 2.12 10.32 7.72
N THR A 46 3.02 11.18 8.19
CA THR A 46 2.62 12.44 8.81
C THR A 46 3.52 13.58 8.36
N ASP A 47 2.95 14.77 8.23
CA ASP A 47 3.70 15.95 7.81
C ASP A 47 4.61 16.44 8.93
N ARG A 48 5.71 17.09 8.56
CA ARG A 48 6.65 17.61 9.54
C ARG A 48 6.37 19.07 9.86
N GLU A 49 5.61 19.73 8.97
CA GLU A 49 5.27 21.13 9.17
C GLU A 49 4.00 21.26 10.02
N THR A 50 2.95 20.59 9.60
CA THR A 50 1.68 20.62 10.33
C THR A 50 1.64 19.56 11.42
N GLY A 51 2.21 18.40 11.13
CA GLY A 51 2.24 17.32 12.09
C GLY A 51 0.93 16.54 12.11
N SER A 52 0.26 16.47 10.97
CA SER A 52 -1.00 15.76 10.85
C SER A 52 -0.93 14.70 9.75
N SER A 53 -1.74 13.66 9.89
CA SER A 53 -1.77 12.58 8.92
C SER A 53 -1.91 13.13 7.49
N LYS A 54 -0.86 12.97 6.70
CA LYS A 54 -0.86 13.46 5.33
C LYS A 54 -2.08 12.95 4.57
N GLY A 55 -2.37 11.67 4.70
CA GLY A 55 -3.52 11.08 4.04
C GLY A 55 -3.17 9.81 3.29
N PHE A 56 -2.09 9.15 3.72
CA PHE A 56 -1.66 7.91 3.09
C PHE A 56 -0.66 7.17 3.96
N GLY A 57 -0.63 5.84 3.83
CA GLY A 57 0.28 5.04 4.63
C GLY A 57 0.62 3.73 3.96
N PHE A 58 0.77 2.67 4.76
CA PHE A 58 1.10 1.36 4.24
C PHE A 58 0.57 0.25 5.16
N VAL A 59 0.36 -0.93 4.61
CA VAL A 59 -0.13 -2.06 5.38
C VAL A 59 0.78 -3.27 5.24
N ASP A 60 1.46 -3.60 6.33
CA ASP A 60 2.39 -4.74 6.33
C ASP A 60 1.61 -6.06 6.42
N PHE A 61 2.04 -7.04 5.62
CA PHE A 61 1.39 -8.34 5.60
C PHE A 61 2.41 -9.45 5.81
N ASN A 62 1.93 -10.60 6.27
CA ASN A 62 2.80 -11.75 6.51
C ASN A 62 3.53 -12.16 5.25
N SER A 63 2.85 -12.04 4.11
CA SER A 63 3.44 -12.39 2.83
C SER A 63 2.71 -11.70 1.68
N GLU A 64 3.39 -11.55 0.55
CA GLU A 64 2.81 -10.90 -0.62
C GLU A 64 1.41 -11.46 -0.91
N GLU A 65 1.27 -12.78 -0.76
CA GLU A 65 -0.01 -13.44 -1.01
C GLU A 65 -1.13 -12.78 -0.20
N ASP A 66 -1.00 -12.84 1.12
CA ASP A 66 -2.00 -12.24 2.00
C ASP A 66 -2.30 -10.81 1.60
N ALA A 67 -1.26 -10.06 1.26
CA ALA A 67 -1.41 -8.67 0.85
C ALA A 67 -2.33 -8.56 -0.37
N LYS A 68 -1.99 -9.30 -1.42
CA LYS A 68 -2.79 -9.28 -2.65
C LYS A 68 -4.25 -9.60 -2.36
N ALA A 69 -4.49 -10.76 -1.77
CA ALA A 69 -5.84 -11.18 -1.44
C ALA A 69 -6.61 -10.07 -0.72
N ALA A 70 -5.87 -9.22 -0.01
CA ALA A 70 -6.48 -8.11 0.73
C ALA A 70 -6.67 -6.91 -0.18
N LYS A 71 -5.82 -6.78 -1.20
CA LYS A 71 -5.90 -5.68 -2.13
C LYS A 71 -7.19 -5.74 -2.95
N GLU A 72 -7.49 -6.92 -3.48
CA GLU A 72 -8.69 -7.13 -4.28
C GLU A 72 -9.94 -6.81 -3.47
N ALA A 73 -9.91 -7.14 -2.19
CA ALA A 73 -11.05 -6.89 -1.30
C ALA A 73 -11.29 -5.40 -1.15
N MET A 74 -10.26 -4.66 -0.78
CA MET A 74 -10.36 -3.22 -0.59
C MET A 74 -10.11 -2.48 -1.92
N GLU A 75 -10.00 -3.25 -3.00
CA GLU A 75 -9.77 -2.66 -4.32
C GLU A 75 -10.58 -1.40 -4.50
N ASP A 76 -11.89 -1.50 -4.29
CA ASP A 76 -12.78 -0.35 -4.43
C ASP A 76 -13.33 0.08 -3.08
N GLY A 77 -12.58 -0.21 -2.01
CA GLY A 77 -13.01 0.15 -0.68
C GLY A 77 -12.67 1.59 -0.32
N GLU A 78 -13.39 2.16 0.63
CA GLU A 78 -13.15 3.53 1.06
C GLU A 78 -13.04 3.61 2.58
N ILE A 79 -11.87 4.01 3.06
CA ILE A 79 -11.64 4.13 4.49
C ILE A 79 -12.14 5.47 5.02
N ASP A 80 -12.79 5.43 6.18
CA ASP A 80 -13.33 6.64 6.80
C ASP A 80 -14.17 7.44 5.80
N GLY A 81 -15.03 6.73 5.07
CA GLY A 81 -15.87 7.38 4.08
C GLY A 81 -15.07 8.08 3.00
N ASN A 82 -13.87 7.56 2.74
CA ASN A 82 -13.01 8.13 1.70
C ASN A 82 -12.41 7.04 0.82
N LYS A 83 -12.49 7.25 -0.49
CA LYS A 83 -11.96 6.29 -1.44
C LYS A 83 -10.44 6.19 -1.33
N VAL A 84 -9.93 4.96 -1.25
CA VAL A 84 -8.50 4.72 -1.14
C VAL A 84 -7.99 3.87 -2.30
N THR A 85 -6.76 4.13 -2.72
CA THR A 85 -6.15 3.39 -3.82
C THR A 85 -5.01 2.52 -3.33
N LEU A 86 -5.13 1.21 -3.51
CA LEU A 86 -4.10 0.27 -3.09
C LEU A 86 -3.14 -0.04 -4.23
N ASP A 87 -1.85 0.14 -3.98
CA ASP A 87 -0.83 -0.11 -4.99
C ASP A 87 0.43 -0.70 -4.35
N TRP A 88 1.08 -1.61 -5.08
CA TRP A 88 2.30 -2.25 -4.58
C TRP A 88 3.42 -1.23 -4.40
N ALA A 89 3.86 -1.06 -3.16
CA ALA A 89 4.94 -0.11 -2.86
C ALA A 89 6.19 -0.45 -3.66
N LYS A 90 6.32 0.15 -4.84
CA LYS A 90 7.47 -0.07 -5.70
C LYS A 90 8.03 1.25 -6.22
N PRO A 91 9.37 1.34 -6.26
CA PRO A 91 10.05 2.55 -6.73
C PRO A 91 9.90 2.76 -8.23
N LYS A 92 10.64 3.72 -8.77
CA LYS A 92 10.58 4.02 -10.20
C LYS A 92 11.98 4.20 -10.78
N GLY A 93 12.74 5.11 -10.18
CA GLY A 93 14.10 5.37 -10.66
C GLY A 93 14.39 6.84 -10.81
N GLU A 94 15.44 7.16 -11.56
CA GLU A 94 15.82 8.55 -11.79
C GLU A 94 14.92 9.20 -12.83
N GLY A 95 13.92 8.46 -13.29
CA GLY A 95 13.00 8.98 -14.28
C GLY A 95 12.16 7.90 -14.92
N GLY A 96 12.78 7.07 -15.75
CA GLY A 96 12.05 6.00 -16.41
C GLY A 96 12.97 5.01 -17.09
N SER A 97 13.71 4.24 -16.30
CA SER A 97 14.64 3.25 -16.83
C SER A 97 14.30 1.85 -16.33
N GLY A 98 14.19 0.91 -17.27
CA GLY A 98 13.87 -0.46 -16.91
C GLY A 98 13.07 -1.16 -17.99
N PRO A 99 11.74 -1.05 -17.92
CA PRO A 99 10.84 -1.68 -18.88
C PRO A 99 10.92 -1.03 -20.26
N SER A 100 11.34 -1.81 -21.26
CA SER A 100 11.47 -1.30 -22.62
C SER A 100 11.38 -2.46 -23.62
N SER A 101 11.40 -2.10 -24.91
CA SER A 101 11.31 -3.09 -25.97
C SER A 101 12.69 -3.30 -26.62
N GLY A 102 13.25 -2.23 -27.16
CA GLY A 102 14.54 -2.31 -27.80
C GLY A 102 15.53 -1.29 -27.25
N GLY A 1 -3.88 -7.94 -24.81
CA GLY A 1 -4.93 -8.16 -25.80
C GLY A 1 -5.36 -9.60 -25.89
N SER A 2 -4.56 -10.41 -26.57
CA SER A 2 -4.86 -11.83 -26.72
C SER A 2 -4.46 -12.62 -25.48
N SER A 3 -3.20 -12.48 -25.09
CA SER A 3 -2.68 -13.19 -23.92
C SER A 3 -3.21 -12.55 -22.64
N GLY A 4 -4.11 -13.26 -21.97
CA GLY A 4 -4.69 -12.76 -20.73
C GLY A 4 -4.36 -13.65 -19.54
N SER A 5 -3.10 -13.63 -19.13
CA SER A 5 -2.65 -14.43 -17.99
C SER A 5 -2.85 -13.68 -16.68
N SER A 6 -2.88 -14.43 -15.58
CA SER A 6 -3.07 -13.83 -14.26
C SER A 6 -1.89 -14.16 -13.35
N GLY A 7 -1.76 -13.42 -12.26
CA GLY A 7 -0.68 -13.64 -11.33
C GLY A 7 0.10 -12.38 -11.01
N PRO A 8 0.52 -12.24 -9.75
CA PRO A 8 1.29 -11.07 -9.29
C PRO A 8 2.69 -11.05 -9.87
N ASN A 9 3.03 -12.06 -10.67
CA ASN A 9 4.34 -12.16 -11.28
C ASN A 9 4.24 -12.09 -12.79
N ALA A 10 3.40 -11.19 -13.29
CA ALA A 10 3.22 -11.01 -14.73
C ALA A 10 3.93 -9.77 -15.23
N ARG A 11 3.75 -8.66 -14.51
CA ARG A 11 4.37 -7.40 -14.89
C ARG A 11 5.46 -7.01 -13.89
N SER A 12 5.15 -7.13 -12.60
CA SER A 12 6.11 -6.79 -11.56
C SER A 12 5.79 -7.56 -10.27
N GLN A 13 6.85 -7.98 -9.57
CA GLN A 13 6.69 -8.72 -8.33
C GLN A 13 5.90 -7.90 -7.31
N PRO A 14 5.09 -8.60 -6.49
CA PRO A 14 4.28 -7.96 -5.45
C PRO A 14 5.13 -7.40 -4.31
N SER A 15 4.46 -6.94 -3.25
CA SER A 15 5.15 -6.38 -2.10
C SER A 15 4.39 -6.70 -0.81
N LYS A 16 5.14 -7.10 0.21
CA LYS A 16 4.54 -7.44 1.51
C LYS A 16 3.77 -6.25 2.06
N THR A 17 4.26 -5.04 1.80
CA THR A 17 3.61 -3.83 2.28
C THR A 17 2.80 -3.16 1.17
N LEU A 18 1.53 -2.90 1.44
CA LEU A 18 0.66 -2.26 0.48
C LEU A 18 0.56 -0.77 0.72
N PHE A 19 0.74 0.03 -0.33
CA PHE A 19 0.68 1.48 -0.22
C PHE A 19 -0.77 1.96 -0.30
N VAL A 20 -1.23 2.63 0.76
CA VAL A 20 -2.59 3.15 0.81
C VAL A 20 -2.60 4.66 0.74
N LYS A 21 -3.12 5.19 -0.37
CA LYS A 21 -3.19 6.64 -0.56
C LYS A 21 -4.64 7.09 -0.72
N GLY A 22 -4.94 8.30 -0.26
CA GLY A 22 -6.28 8.83 -0.37
C GLY A 22 -7.07 8.69 0.92
N LEU A 23 -6.42 8.97 2.04
CA LEU A 23 -7.06 8.87 3.35
C LEU A 23 -7.37 10.25 3.91
N SER A 24 -8.16 10.28 4.98
CA SER A 24 -8.54 11.54 5.61
C SER A 24 -7.52 11.96 6.67
N GLU A 25 -7.23 13.26 6.73
CA GLU A 25 -6.27 13.77 7.69
C GLU A 25 -6.47 13.14 9.06
N ASP A 26 -7.67 12.64 9.31
CA ASP A 26 -7.99 12.01 10.58
C ASP A 26 -7.68 10.52 10.54
N THR A 27 -7.85 9.92 9.36
CA THR A 27 -7.59 8.49 9.19
C THR A 27 -6.42 8.04 10.04
N THR A 28 -6.69 7.18 11.00
CA THR A 28 -5.65 6.67 11.89
C THR A 28 -5.24 5.25 11.51
N GLU A 29 -4.00 4.89 11.82
CA GLU A 29 -3.48 3.56 11.51
C GLU A 29 -4.45 2.48 11.96
N GLU A 30 -5.23 2.78 12.99
CA GLU A 30 -6.21 1.83 13.51
C GLU A 30 -7.25 1.48 12.45
N THR A 31 -7.85 2.50 11.85
CA THR A 31 -8.86 2.29 10.83
C THR A 31 -8.23 1.85 9.51
N LEU A 32 -6.93 2.05 9.39
CA LEU A 32 -6.19 1.66 8.18
C LEU A 32 -5.87 0.18 8.19
N LYS A 33 -5.56 -0.35 9.38
CA LYS A 33 -5.22 -1.76 9.53
C LYS A 33 -6.47 -2.63 9.36
N GLU A 34 -7.50 -2.31 10.12
CA GLU A 34 -8.76 -3.06 10.07
C GLU A 34 -9.29 -3.12 8.63
N SER A 35 -9.24 -1.99 7.94
CA SER A 35 -9.72 -1.90 6.56
C SER A 35 -9.36 -3.16 5.79
N PHE A 36 -8.25 -3.78 6.16
CA PHE A 36 -7.79 -5.00 5.49
C PHE A 36 -7.94 -6.21 6.42
N ASP A 37 -8.94 -7.05 6.14
CA ASP A 37 -9.18 -8.24 6.95
C ASP A 37 -8.08 -9.26 6.76
N GLY A 38 -6.98 -9.09 7.49
CA GLY A 38 -5.86 -10.01 7.38
C GLY A 38 -4.55 -9.38 7.79
N SER A 39 -4.37 -8.12 7.43
CA SER A 39 -3.14 -7.39 7.76
C SER A 39 -2.77 -7.59 9.22
N VAL A 40 -1.51 -7.33 9.55
CA VAL A 40 -1.02 -7.47 10.91
C VAL A 40 -0.70 -6.12 11.53
N ARG A 41 -0.21 -5.20 10.71
CA ARG A 41 0.15 -3.87 11.18
C ARG A 41 -0.12 -2.82 10.10
N ALA A 42 -0.26 -1.56 10.51
CA ALA A 42 -0.52 -0.48 9.58
C ALA A 42 0.26 0.78 9.98
N ARG A 43 0.60 1.59 8.98
CA ARG A 43 1.34 2.83 9.23
C ARG A 43 0.75 3.98 8.43
N ILE A 44 0.92 5.20 8.94
CA ILE A 44 0.40 6.38 8.28
C ILE A 44 1.43 7.51 8.28
N VAL A 45 1.67 8.09 7.11
CA VAL A 45 2.63 9.18 6.99
C VAL A 45 2.09 10.47 7.62
N THR A 46 2.99 11.34 8.06
CA THR A 46 2.61 12.60 8.68
C THR A 46 3.56 13.72 8.27
N ASP A 47 3.05 14.95 8.28
CA ASP A 47 3.85 16.11 7.92
C ASP A 47 4.87 16.43 9.01
N ARG A 48 5.93 17.15 8.64
CA ARG A 48 6.96 17.53 9.58
C ARG A 48 6.69 18.91 10.17
N GLU A 49 5.80 19.66 9.53
CA GLU A 49 5.45 21.00 9.98
C GLU A 49 4.14 20.98 10.76
N THR A 50 3.10 20.40 10.16
CA THR A 50 1.80 20.32 10.81
C THR A 50 1.71 19.12 11.74
N GLY A 51 2.47 18.08 11.42
CA GLY A 51 2.47 16.88 12.25
C GLY A 51 1.13 16.17 12.23
N SER A 52 0.54 16.07 11.03
CA SER A 52 -0.74 15.40 10.88
C SER A 52 -0.72 14.42 9.72
N SER A 53 -1.61 13.43 9.75
CA SER A 53 -1.69 12.42 8.70
C SER A 53 -1.93 13.07 7.34
N LYS A 54 -0.88 13.15 6.53
CA LYS A 54 -0.98 13.74 5.20
C LYS A 54 -2.20 13.21 4.45
N GLY A 55 -2.38 11.89 4.50
CA GLY A 55 -3.51 11.28 3.82
C GLY A 55 -3.13 10.00 3.10
N PHE A 56 -2.14 9.29 3.64
CA PHE A 56 -1.69 8.04 3.03
C PHE A 56 -0.69 7.33 3.95
N GLY A 57 -0.62 6.01 3.83
CA GLY A 57 0.30 5.24 4.64
C GLY A 57 0.68 3.92 4.00
N PHE A 58 0.76 2.86 4.81
CA PHE A 58 1.12 1.55 4.31
C PHE A 58 0.51 0.45 5.19
N VAL A 59 0.38 -0.74 4.63
CA VAL A 59 -0.18 -1.88 5.35
C VAL A 59 0.73 -3.09 5.28
N ASP A 60 1.23 -3.52 6.43
CA ASP A 60 2.12 -4.68 6.51
C ASP A 60 1.32 -5.98 6.41
N PHE A 61 1.89 -6.97 5.74
CA PHE A 61 1.24 -8.26 5.57
C PHE A 61 2.24 -9.41 5.77
N ASN A 62 1.76 -10.50 6.35
CA ASN A 62 2.60 -11.66 6.60
C ASN A 62 3.40 -12.03 5.35
N SER A 63 2.77 -11.90 4.19
CA SER A 63 3.41 -12.22 2.92
C SER A 63 2.69 -11.58 1.76
N GLU A 64 3.41 -11.32 0.67
CA GLU A 64 2.83 -10.70 -0.51
C GLU A 64 1.48 -11.32 -0.84
N GLU A 65 1.42 -12.65 -0.79
CA GLU A 65 0.18 -13.36 -1.09
C GLU A 65 -0.99 -12.77 -0.32
N ASP A 66 -0.91 -12.84 1.00
CA ASP A 66 -1.97 -12.31 1.86
C ASP A 66 -2.28 -10.86 1.50
N ALA A 67 -1.23 -10.08 1.24
CA ALA A 67 -1.39 -8.68 0.89
C ALA A 67 -2.25 -8.52 -0.36
N LYS A 68 -1.98 -9.34 -1.37
CA LYS A 68 -2.73 -9.29 -2.62
C LYS A 68 -4.20 -9.57 -2.38
N ALA A 69 -4.49 -10.70 -1.74
CA ALA A 69 -5.87 -11.08 -1.45
C ALA A 69 -6.62 -9.95 -0.77
N ALA A 70 -5.90 -9.15 0.00
CA ALA A 70 -6.50 -8.02 0.71
C ALA A 70 -6.64 -6.81 -0.22
N LYS A 71 -5.74 -6.69 -1.18
CA LYS A 71 -5.76 -5.59 -2.12
C LYS A 71 -7.01 -5.64 -3.00
N GLU A 72 -7.31 -6.82 -3.52
CA GLU A 72 -8.49 -7.01 -4.37
C GLU A 72 -9.77 -6.69 -3.61
N ALA A 73 -9.80 -7.09 -2.34
CA ALA A 73 -10.97 -6.84 -1.50
C ALA A 73 -11.23 -5.35 -1.34
N MET A 74 -10.20 -4.62 -0.94
CA MET A 74 -10.31 -3.17 -0.74
C MET A 74 -9.99 -2.43 -2.03
N GLU A 75 -9.85 -3.17 -3.13
CA GLU A 75 -9.55 -2.58 -4.42
C GLU A 75 -10.34 -1.30 -4.63
N ASP A 76 -11.65 -1.38 -4.46
CA ASP A 76 -12.52 -0.22 -4.63
C ASP A 76 -13.11 0.21 -3.29
N GLY A 77 -12.41 -0.10 -2.20
CA GLY A 77 -12.88 0.26 -0.89
C GLY A 77 -12.56 1.71 -0.54
N GLU A 78 -13.25 2.24 0.46
CA GLU A 78 -13.05 3.61 0.89
C GLU A 78 -12.95 3.71 2.41
N ILE A 79 -11.79 4.12 2.91
CA ILE A 79 -11.57 4.24 4.34
C ILE A 79 -12.06 5.59 4.86
N ASP A 80 -12.78 5.58 5.97
CA ASP A 80 -13.31 6.80 6.57
C ASP A 80 -14.15 7.58 5.56
N GLY A 81 -14.92 6.86 4.75
CA GLY A 81 -15.76 7.50 3.76
C GLY A 81 -14.95 8.15 2.66
N ASN A 82 -13.70 7.72 2.50
CA ASN A 82 -12.82 8.29 1.48
C ASN A 82 -12.23 7.19 0.61
N LYS A 83 -12.25 7.39 -0.70
CA LYS A 83 -11.71 6.41 -1.63
C LYS A 83 -10.19 6.30 -1.48
N VAL A 84 -9.71 5.06 -1.32
CA VAL A 84 -8.29 4.82 -1.16
C VAL A 84 -7.75 3.98 -2.32
N THR A 85 -6.49 4.22 -2.67
CA THR A 85 -5.85 3.50 -3.76
C THR A 85 -4.72 2.61 -3.25
N LEU A 86 -4.87 1.31 -3.41
CA LEU A 86 -3.87 0.35 -2.96
C LEU A 86 -2.88 0.04 -4.08
N ASP A 87 -1.59 0.23 -3.80
CA ASP A 87 -0.54 -0.03 -4.78
C ASP A 87 0.69 -0.64 -4.10
N TRP A 88 1.32 -1.58 -4.79
CA TRP A 88 2.51 -2.24 -4.26
C TRP A 88 3.63 -1.25 -4.04
N ALA A 89 3.90 -0.94 -2.78
CA ALA A 89 4.96 0.01 -2.43
C ALA A 89 6.12 -0.09 -3.40
N LYS A 90 6.75 1.04 -3.69
CA LYS A 90 7.88 1.07 -4.60
C LYS A 90 9.17 1.44 -3.86
N PRO A 91 10.30 0.87 -4.31
CA PRO A 91 11.61 1.12 -3.71
C PRO A 91 12.11 2.54 -3.97
N LYS A 92 12.56 3.22 -2.92
CA LYS A 92 13.07 4.57 -3.05
C LYS A 92 14.38 4.60 -3.83
N GLY A 93 14.33 5.09 -5.06
CA GLY A 93 15.52 5.17 -5.88
C GLY A 93 15.90 3.82 -6.48
N GLU A 94 16.51 3.85 -7.67
CA GLU A 94 16.90 2.63 -8.35
C GLU A 94 18.05 2.90 -9.32
N GLY A 95 18.54 1.83 -9.95
CA GLY A 95 19.64 1.98 -10.90
C GLY A 95 20.78 1.01 -10.62
N GLY A 96 21.91 1.24 -11.27
CA GLY A 96 23.06 0.38 -11.08
C GLY A 96 23.31 -0.52 -12.27
N SER A 97 23.31 0.06 -13.47
CA SER A 97 23.53 -0.70 -14.69
C SER A 97 24.79 -1.56 -14.57
N GLY A 98 24.60 -2.87 -14.63
CA GLY A 98 25.73 -3.79 -14.53
C GLY A 98 25.32 -5.17 -14.05
N PRO A 99 24.83 -5.99 -14.98
CA PRO A 99 24.39 -7.36 -14.67
C PRO A 99 25.55 -8.28 -14.32
N SER A 100 25.23 -9.49 -13.87
CA SER A 100 26.25 -10.46 -13.50
C SER A 100 27.09 -10.87 -14.71
N SER A 101 28.39 -10.65 -14.62
CA SER A 101 29.30 -10.98 -15.71
C SER A 101 30.75 -10.75 -15.31
N GLY A 102 31.68 -11.24 -16.13
CA GLY A 102 33.09 -11.08 -15.83
C GLY A 102 33.96 -12.01 -16.66
N GLY A 1 -12.02 -14.93 -14.20
CA GLY A 1 -13.45 -15.03 -14.46
C GLY A 1 -14.05 -16.32 -13.94
N SER A 2 -13.44 -17.45 -14.31
CA SER A 2 -13.92 -18.76 -13.88
C SER A 2 -13.44 -19.08 -12.47
N SER A 3 -12.13 -18.96 -12.26
CA SER A 3 -11.54 -19.25 -10.96
C SER A 3 -11.21 -17.96 -10.22
N GLY A 4 -10.44 -17.09 -10.87
CA GLY A 4 -10.06 -15.83 -10.27
C GLY A 4 -8.67 -15.37 -10.68
N SER A 5 -7.83 -15.08 -9.70
CA SER A 5 -6.47 -14.62 -9.97
C SER A 5 -5.46 -15.74 -9.72
N SER A 6 -4.28 -15.61 -10.31
CA SER A 6 -3.23 -16.61 -10.15
C SER A 6 -2.24 -16.19 -9.07
N GLY A 7 -1.82 -14.93 -9.11
CA GLY A 7 -0.88 -14.43 -8.13
C GLY A 7 0.17 -13.53 -8.74
N PRO A 8 1.32 -13.40 -8.06
CA PRO A 8 2.43 -12.57 -8.52
C PRO A 8 3.12 -13.15 -9.75
N ASN A 9 3.68 -12.27 -10.58
CA ASN A 9 4.37 -12.70 -11.79
C ASN A 9 5.79 -13.17 -11.47
N ALA A 10 6.40 -13.87 -12.42
CA ALA A 10 7.76 -14.37 -12.25
C ALA A 10 8.78 -13.25 -12.40
N ARG A 11 8.62 -12.46 -13.46
CA ARG A 11 9.53 -11.35 -13.73
C ARG A 11 9.40 -10.27 -12.67
N SER A 12 8.15 -9.89 -12.38
CA SER A 12 7.89 -8.85 -11.38
C SER A 12 7.45 -9.48 -10.06
N GLN A 13 8.04 -9.00 -8.97
CA GLN A 13 7.71 -9.51 -7.63
C GLN A 13 6.83 -8.51 -6.88
N PRO A 14 5.88 -9.04 -6.10
CA PRO A 14 4.96 -8.23 -5.31
C PRO A 14 5.65 -7.52 -4.15
N SER A 15 4.86 -6.95 -3.25
CA SER A 15 5.41 -6.25 -2.10
C SER A 15 4.61 -6.56 -0.84
N LYS A 16 5.30 -7.03 0.20
CA LYS A 16 4.65 -7.37 1.46
C LYS A 16 3.87 -6.18 2.02
N THR A 17 4.39 -4.98 1.77
CA THR A 17 3.74 -3.76 2.24
C THR A 17 2.92 -3.10 1.13
N LEU A 18 1.68 -2.77 1.43
CA LEU A 18 0.79 -2.14 0.46
C LEU A 18 0.69 -0.64 0.72
N PHE A 19 0.80 0.14 -0.36
CA PHE A 19 0.73 1.60 -0.25
C PHE A 19 -0.72 2.07 -0.30
N VAL A 20 -1.16 2.73 0.77
CA VAL A 20 -2.54 3.24 0.84
C VAL A 20 -2.56 4.76 0.72
N LYS A 21 -3.24 5.26 -0.32
CA LYS A 21 -3.34 6.69 -0.54
C LYS A 21 -4.80 7.12 -0.66
N GLY A 22 -5.07 8.36 -0.29
CA GLY A 22 -6.44 8.87 -0.36
C GLY A 22 -7.16 8.79 0.97
N LEU A 23 -6.40 8.90 2.06
CA LEU A 23 -6.98 8.83 3.40
C LEU A 23 -7.38 10.23 3.89
N SER A 24 -7.97 10.28 5.08
CA SER A 24 -8.40 11.54 5.66
C SER A 24 -7.43 12.01 6.73
N GLU A 25 -7.19 13.31 6.77
CA GLU A 25 -6.27 13.90 7.74
C GLU A 25 -6.48 13.27 9.12
N ASP A 26 -7.67 12.74 9.34
CA ASP A 26 -8.00 12.12 10.62
C ASP A 26 -7.75 10.61 10.57
N THR A 27 -7.92 10.03 9.39
CA THR A 27 -7.72 8.60 9.20
C THR A 27 -6.51 8.11 9.98
N THR A 28 -6.76 7.32 11.03
CA THR A 28 -5.69 6.79 11.86
C THR A 28 -5.23 5.42 11.36
N GLU A 29 -4.02 5.03 11.73
CA GLU A 29 -3.48 3.74 11.33
C GLU A 29 -4.40 2.61 11.74
N GLU A 30 -5.17 2.82 12.81
CA GLU A 30 -6.09 1.81 13.30
C GLU A 30 -7.14 1.47 12.23
N THR A 31 -7.75 2.49 11.65
CA THR A 31 -8.76 2.29 10.63
C THR A 31 -8.13 1.84 9.31
N LEU A 32 -6.84 2.09 9.16
CA LEU A 32 -6.12 1.70 7.96
C LEU A 32 -5.84 0.20 7.96
N LYS A 33 -5.47 -0.33 9.13
CA LYS A 33 -5.17 -1.75 9.27
C LYS A 33 -6.43 -2.59 9.10
N GLU A 34 -7.44 -2.31 9.94
CA GLU A 34 -8.69 -3.05 9.88
C GLU A 34 -9.23 -3.11 8.45
N SER A 35 -9.22 -1.96 7.77
CA SER A 35 -9.71 -1.88 6.40
C SER A 35 -9.38 -3.15 5.63
N PHE A 36 -8.26 -3.78 5.98
CA PHE A 36 -7.83 -5.00 5.33
C PHE A 36 -8.02 -6.21 6.24
N ASP A 37 -8.94 -7.09 5.85
CA ASP A 37 -9.23 -8.28 6.64
C ASP A 37 -8.12 -9.32 6.49
N GLY A 38 -7.15 -9.29 7.40
CA GLY A 38 -6.05 -10.22 7.35
C GLY A 38 -4.73 -9.59 7.73
N SER A 39 -4.53 -8.34 7.31
CA SER A 39 -3.30 -7.62 7.61
C SER A 39 -2.88 -7.84 9.07
N VAL A 40 -1.63 -7.51 9.36
CA VAL A 40 -1.10 -7.67 10.71
C VAL A 40 -0.94 -6.32 11.41
N ARG A 41 -0.53 -5.32 10.64
CA ARG A 41 -0.33 -3.97 11.18
C ARG A 41 -0.47 -2.93 10.08
N ALA A 42 -0.49 -1.66 10.48
CA ALA A 42 -0.62 -0.56 9.53
C ALA A 42 0.14 0.67 10.01
N ARG A 43 0.49 1.55 9.08
CA ARG A 43 1.23 2.76 9.39
C ARG A 43 0.73 3.94 8.56
N ILE A 44 0.80 5.14 9.13
CA ILE A 44 0.36 6.34 8.44
C ILE A 44 1.43 7.43 8.51
N VAL A 45 1.68 8.07 7.38
CA VAL A 45 2.67 9.14 7.30
C VAL A 45 2.11 10.45 7.83
N THR A 46 2.99 11.34 8.28
CA THR A 46 2.58 12.63 8.81
C THR A 46 3.53 13.74 8.36
N ASP A 47 3.02 14.97 8.32
CA ASP A 47 3.82 16.12 7.91
C ASP A 47 4.78 16.52 9.01
N ARG A 48 5.78 17.34 8.65
CA ARG A 48 6.77 17.80 9.62
C ARG A 48 6.38 19.16 10.18
N GLU A 49 5.70 19.96 9.37
CA GLU A 49 5.27 21.29 9.79
C GLU A 49 3.96 21.21 10.59
N THR A 50 2.93 20.66 9.98
CA THR A 50 1.63 20.52 10.63
C THR A 50 1.63 19.37 11.61
N GLY A 51 2.40 18.33 11.31
CA GLY A 51 2.48 17.18 12.18
C GLY A 51 1.17 16.41 12.24
N SER A 52 0.57 16.17 11.07
CA SER A 52 -0.70 15.46 11.00
C SER A 52 -0.69 14.47 9.83
N SER A 53 -1.61 13.52 9.87
CA SER A 53 -1.71 12.51 8.81
C SER A 53 -1.82 13.17 7.45
N LYS A 54 -0.74 13.07 6.67
CA LYS A 54 -0.71 13.66 5.33
C LYS A 54 -1.90 13.17 4.50
N GLY A 55 -2.23 11.89 4.63
CA GLY A 55 -3.33 11.33 3.89
C GLY A 55 -2.97 10.04 3.18
N PHE A 56 -1.99 9.32 3.73
CA PHE A 56 -1.54 8.07 3.14
C PHE A 56 -0.53 7.37 4.06
N GLY A 57 -0.43 6.05 3.92
CA GLY A 57 0.50 5.29 4.73
C GLY A 57 0.91 3.98 4.08
N PHE A 58 0.85 2.90 4.85
CA PHE A 58 1.23 1.59 4.35
C PHE A 58 0.65 0.48 5.23
N VAL A 59 0.20 -0.60 4.60
CA VAL A 59 -0.37 -1.73 5.32
C VAL A 59 0.56 -2.93 5.29
N ASP A 60 1.11 -3.27 6.45
CA ASP A 60 2.02 -4.40 6.56
C ASP A 60 1.25 -5.72 6.60
N PHE A 61 1.70 -6.70 5.81
CA PHE A 61 1.06 -8.00 5.76
C PHE A 61 2.03 -9.11 6.13
N ASN A 62 1.48 -10.26 6.51
CA ASN A 62 2.30 -11.40 6.89
C ASN A 62 3.07 -11.96 5.69
N SER A 63 2.53 -11.72 4.49
CA SER A 63 3.15 -12.20 3.27
C SER A 63 2.61 -11.44 2.06
N GLU A 64 3.32 -11.56 0.93
CA GLU A 64 2.92 -10.88 -0.29
C GLU A 64 1.58 -11.44 -0.80
N GLU A 65 1.43 -12.76 -0.74
CA GLU A 65 0.21 -13.41 -1.20
C GLU A 65 -1.01 -12.85 -0.46
N ASP A 66 -0.95 -12.86 0.87
CA ASP A 66 -2.04 -12.36 1.69
C ASP A 66 -2.31 -10.90 1.40
N ALA A 67 -1.24 -10.13 1.18
CA ALA A 67 -1.35 -8.71 0.88
C ALA A 67 -2.15 -8.47 -0.40
N LYS A 68 -1.97 -9.36 -1.37
CA LYS A 68 -2.67 -9.25 -2.64
C LYS A 68 -4.16 -9.54 -2.48
N ALA A 69 -4.47 -10.70 -1.92
CA ALA A 69 -5.86 -11.09 -1.70
C ALA A 69 -6.63 -10.01 -0.95
N ALA A 70 -5.90 -9.23 -0.15
CA ALA A 70 -6.52 -8.15 0.61
C ALA A 70 -6.66 -6.89 -0.23
N LYS A 71 -5.85 -6.79 -1.28
CA LYS A 71 -5.88 -5.63 -2.17
C LYS A 71 -7.13 -5.66 -3.05
N GLU A 72 -7.44 -6.84 -3.59
CA GLU A 72 -8.60 -7.00 -4.46
C GLU A 72 -9.89 -6.66 -3.71
N ALA A 73 -9.89 -6.91 -2.40
CA ALA A 73 -11.05 -6.62 -1.57
C ALA A 73 -11.21 -5.13 -1.33
N MET A 74 -10.11 -4.46 -1.03
CA MET A 74 -10.12 -3.03 -0.79
C MET A 74 -9.74 -2.26 -2.04
N GLU A 75 -9.81 -2.92 -3.19
CA GLU A 75 -9.47 -2.30 -4.46
C GLU A 75 -10.22 -0.99 -4.64
N ASP A 76 -11.54 -1.04 -4.44
CA ASP A 76 -12.38 0.14 -4.59
C ASP A 76 -12.96 0.56 -3.23
N GLY A 77 -12.37 0.06 -2.16
CA GLY A 77 -12.84 0.39 -0.83
C GLY A 77 -12.53 1.83 -0.45
N GLU A 78 -13.22 2.33 0.57
CA GLU A 78 -13.03 3.70 1.03
C GLU A 78 -12.93 3.75 2.55
N ILE A 79 -11.78 4.19 3.05
CA ILE A 79 -11.57 4.29 4.49
C ILE A 79 -12.10 5.63 5.03
N ASP A 80 -12.76 5.57 6.18
CA ASP A 80 -13.31 6.77 6.81
C ASP A 80 -14.10 7.60 5.80
N GLY A 81 -15.00 6.93 5.07
CA GLY A 81 -15.80 7.62 4.08
C GLY A 81 -14.96 8.30 3.01
N ASN A 82 -13.77 7.76 2.78
CA ASN A 82 -12.86 8.32 1.78
C ASN A 82 -12.29 7.22 0.90
N LYS A 83 -12.32 7.45 -0.42
CA LYS A 83 -11.81 6.49 -1.38
C LYS A 83 -10.30 6.38 -1.28
N VAL A 84 -9.80 5.14 -1.22
CA VAL A 84 -8.37 4.89 -1.12
C VAL A 84 -7.88 4.02 -2.28
N THR A 85 -6.60 4.14 -2.60
CA THR A 85 -6.01 3.36 -3.69
C THR A 85 -4.82 2.54 -3.19
N LEU A 86 -4.93 1.22 -3.29
CA LEU A 86 -3.86 0.33 -2.85
C LEU A 86 -2.90 0.05 -3.99
N ASP A 87 -1.61 0.28 -3.73
CA ASP A 87 -0.58 0.05 -4.74
C ASP A 87 0.68 -0.53 -4.09
N TRP A 88 1.25 -1.55 -4.73
CA TRP A 88 2.45 -2.19 -4.23
C TRP A 88 3.58 -1.19 -4.08
N ALA A 89 3.83 -0.76 -2.85
CA ALA A 89 4.89 0.21 -2.56
C ALA A 89 6.08 0.01 -3.51
N LYS A 90 6.20 0.91 -4.48
CA LYS A 90 7.30 0.84 -5.45
C LYS A 90 8.30 1.96 -5.22
N PRO A 91 9.60 1.64 -5.34
CA PRO A 91 10.68 2.60 -5.15
C PRO A 91 10.74 3.63 -6.28
N LYS A 92 10.59 4.91 -5.93
CA LYS A 92 10.63 5.98 -6.90
C LYS A 92 11.94 6.75 -6.82
N GLY A 93 12.71 6.73 -7.90
CA GLY A 93 13.99 7.43 -7.92
C GLY A 93 15.16 6.49 -8.06
N GLU A 94 15.64 6.31 -9.28
CA GLU A 94 16.78 5.43 -9.53
C GLU A 94 17.63 5.95 -10.69
N GLY A 95 18.94 5.86 -10.54
CA GLY A 95 19.85 6.33 -11.57
C GLY A 95 19.95 5.37 -12.74
N GLY A 96 21.07 5.40 -13.43
CA GLY A 96 21.26 4.52 -14.58
C GLY A 96 22.03 5.18 -15.70
N SER A 97 23.32 4.86 -15.81
CA SER A 97 24.17 5.44 -16.83
C SER A 97 23.81 4.88 -18.20
N GLY A 98 22.80 5.48 -18.84
CA GLY A 98 22.37 5.03 -20.15
C GLY A 98 22.47 3.53 -20.30
N PRO A 99 21.71 2.79 -19.48
CA PRO A 99 21.70 1.33 -19.51
C PRO A 99 21.03 0.79 -20.77
N SER A 100 21.84 0.43 -21.76
CA SER A 100 21.32 -0.10 -23.02
C SER A 100 21.93 -1.47 -23.32
N SER A 101 21.07 -2.44 -23.63
CA SER A 101 21.54 -3.79 -23.93
C SER A 101 21.55 -4.02 -25.44
N GLY A 102 22.75 -4.06 -26.01
CA GLY A 102 22.88 -4.29 -27.44
C GLY A 102 24.31 -4.15 -27.92
N GLY A 1 -4.31 -13.79 -29.18
CA GLY A 1 -4.18 -12.57 -28.39
C GLY A 1 -5.47 -12.25 -27.64
N SER A 2 -5.73 -10.95 -27.47
CA SER A 2 -6.92 -10.51 -26.76
C SER A 2 -7.02 -11.17 -25.38
N SER A 3 -5.88 -11.25 -24.69
CA SER A 3 -5.82 -11.85 -23.37
C SER A 3 -5.08 -10.96 -22.39
N GLY A 4 -5.82 -10.39 -21.44
CA GLY A 4 -5.22 -9.52 -20.45
C GLY A 4 -5.79 -9.73 -19.06
N SER A 5 -5.01 -10.37 -18.19
CA SER A 5 -5.45 -10.63 -16.83
C SER A 5 -5.13 -9.47 -15.92
N SER A 6 -5.98 -9.25 -14.91
CA SER A 6 -5.78 -8.16 -13.96
C SER A 6 -5.17 -8.66 -12.67
N GLY A 7 -3.86 -8.91 -12.70
CA GLY A 7 -3.17 -9.40 -11.51
C GLY A 7 -2.38 -8.31 -10.83
N PRO A 8 -1.35 -8.73 -10.05
CA PRO A 8 -0.50 -7.80 -9.32
C PRO A 8 0.40 -6.97 -10.24
N ASN A 9 0.54 -5.69 -9.94
CA ASN A 9 1.37 -4.80 -10.74
C ASN A 9 2.82 -4.85 -10.28
N ALA A 10 3.65 -5.59 -11.02
CA ALA A 10 5.06 -5.71 -10.68
C ALA A 10 5.86 -6.24 -11.86
N ARG A 11 7.18 -6.10 -11.80
CA ARG A 11 8.06 -6.56 -12.87
C ARG A 11 8.28 -8.06 -12.76
N SER A 12 8.75 -8.51 -11.60
CA SER A 12 9.02 -9.93 -11.38
C SER A 12 8.20 -10.45 -10.20
N GLN A 13 8.15 -9.67 -9.12
CA GLN A 13 7.42 -10.05 -7.93
C GLN A 13 6.77 -8.84 -7.28
N PRO A 14 5.61 -9.04 -6.64
CA PRO A 14 4.87 -7.98 -5.95
C PRO A 14 5.59 -7.50 -4.70
N SER A 15 4.87 -6.75 -3.87
CA SER A 15 5.44 -6.23 -2.62
C SER A 15 4.63 -6.71 -1.42
N LYS A 16 5.32 -6.93 -0.30
CA LYS A 16 4.67 -7.39 0.92
C LYS A 16 3.85 -6.26 1.56
N THR A 17 4.30 -5.02 1.35
CA THR A 17 3.62 -3.86 1.91
C THR A 17 2.81 -3.14 0.83
N LEU A 18 1.54 -2.88 1.14
CA LEU A 18 0.67 -2.18 0.20
C LEU A 18 0.63 -0.68 0.49
N PHE A 19 0.68 0.12 -0.57
CA PHE A 19 0.64 1.57 -0.42
C PHE A 19 -0.79 2.10 -0.46
N VAL A 20 -1.22 2.71 0.63
CA VAL A 20 -2.58 3.25 0.71
C VAL A 20 -2.56 4.77 0.65
N LYS A 21 -3.14 5.33 -0.41
CA LYS A 21 -3.20 6.77 -0.58
C LYS A 21 -4.64 7.24 -0.75
N GLY A 22 -4.94 8.41 -0.18
CA GLY A 22 -6.29 8.95 -0.28
C GLY A 22 -7.06 8.80 1.02
N LEU A 23 -6.38 8.98 2.14
CA LEU A 23 -7.01 8.85 3.45
C LEU A 23 -7.35 10.22 4.02
N SER A 24 -8.24 10.25 5.01
CA SER A 24 -8.65 11.49 5.64
C SER A 24 -7.66 11.89 6.73
N GLU A 25 -7.38 13.19 6.83
CA GLU A 25 -6.45 13.71 7.83
C GLU A 25 -6.67 13.02 9.18
N ASP A 26 -7.87 12.51 9.38
CA ASP A 26 -8.22 11.83 10.63
C ASP A 26 -7.81 10.36 10.57
N THR A 27 -7.95 9.76 9.40
CA THR A 27 -7.61 8.35 9.22
C THR A 27 -6.39 7.97 10.05
N THR A 28 -6.57 7.02 10.95
CA THR A 28 -5.47 6.56 11.81
C THR A 28 -5.01 5.17 11.41
N GLU A 29 -3.78 4.83 11.80
CA GLU A 29 -3.21 3.52 11.48
C GLU A 29 -4.10 2.40 11.98
N GLU A 30 -4.93 2.71 12.99
CA GLU A 30 -5.84 1.72 13.56
C GLU A 30 -6.90 1.31 12.54
N THR A 31 -7.60 2.30 11.98
CA THR A 31 -8.63 2.04 11.00
C THR A 31 -8.05 1.54 9.68
N LEU A 32 -6.84 2.01 9.36
CA LEU A 32 -6.17 1.62 8.14
C LEU A 32 -5.78 0.14 8.18
N LYS A 33 -5.36 -0.32 9.35
CA LYS A 33 -4.95 -1.71 9.54
C LYS A 33 -6.16 -2.64 9.41
N GLU A 34 -7.19 -2.37 10.19
CA GLU A 34 -8.41 -3.18 10.17
C GLU A 34 -9.03 -3.19 8.77
N SER A 35 -9.00 -2.04 8.11
CA SER A 35 -9.57 -1.93 6.77
C SER A 35 -9.27 -3.18 5.95
N PHE A 36 -8.10 -3.76 6.18
CA PHE A 36 -7.71 -4.97 5.45
C PHE A 36 -7.81 -6.20 6.35
N ASP A 37 -8.87 -6.97 6.16
CA ASP A 37 -9.08 -8.18 6.95
C ASP A 37 -7.99 -9.22 6.66
N GLY A 38 -6.92 -9.17 7.44
CA GLY A 38 -5.82 -10.11 7.25
C GLY A 38 -4.47 -9.49 7.57
N SER A 39 -4.31 -8.22 7.24
CA SER A 39 -3.06 -7.52 7.49
C SER A 39 -2.56 -7.79 8.90
N VAL A 40 -1.28 -7.51 9.13
CA VAL A 40 -0.68 -7.73 10.44
C VAL A 40 -0.34 -6.40 11.12
N ARG A 41 -0.03 -5.40 10.31
CA ARG A 41 0.31 -4.07 10.82
C ARG A 41 -0.02 -2.99 9.80
N ALA A 42 0.03 -1.74 10.24
CA ALA A 42 -0.26 -0.61 9.36
C ALA A 42 0.49 0.64 9.81
N ARG A 43 0.74 1.54 8.87
CA ARG A 43 1.45 2.78 9.16
C ARG A 43 0.84 3.95 8.40
N ILE A 44 1.05 5.16 8.91
CA ILE A 44 0.52 6.36 8.28
C ILE A 44 1.57 7.47 8.26
N VAL A 45 1.76 8.06 7.09
CA VAL A 45 2.73 9.14 6.93
C VAL A 45 2.22 10.43 7.55
N THR A 46 3.14 11.29 7.99
CA THR A 46 2.78 12.56 8.61
C THR A 46 3.72 13.67 8.17
N ASP A 47 3.24 14.90 8.23
CA ASP A 47 4.05 16.06 7.85
C ASP A 47 5.05 16.42 8.94
N ARG A 48 6.15 17.04 8.53
CA ARG A 48 7.20 17.43 9.47
C ARG A 48 6.93 18.83 10.03
N GLU A 49 6.13 19.60 9.30
CA GLU A 49 5.80 20.97 9.73
C GLU A 49 4.55 20.97 10.60
N THR A 50 3.44 20.46 10.05
CA THR A 50 2.18 20.41 10.77
C THR A 50 2.18 19.26 11.78
N GLY A 51 2.82 18.16 11.42
CA GLY A 51 2.88 17.02 12.31
C GLY A 51 1.56 16.27 12.38
N SER A 52 0.89 16.14 11.24
CA SER A 52 -0.39 15.44 11.19
C SER A 52 -0.41 14.43 10.04
N SER A 53 -1.51 13.67 9.96
CA SER A 53 -1.65 12.66 8.92
C SER A 53 -1.83 13.32 7.55
N LYS A 54 -0.86 13.09 6.66
CA LYS A 54 -0.91 13.65 5.32
C LYS A 54 -2.13 13.14 4.56
N GLY A 55 -2.33 11.83 4.59
CA GLY A 55 -3.46 11.24 3.91
C GLY A 55 -3.08 9.98 3.14
N PHE A 56 -2.13 9.23 3.69
CA PHE A 56 -1.67 8.00 3.05
C PHE A 56 -0.67 7.26 3.93
N GLY A 57 -0.62 5.95 3.80
CA GLY A 57 0.29 5.14 4.59
C GLY A 57 0.65 3.84 3.92
N PHE A 58 1.02 2.85 4.73
CA PHE A 58 1.38 1.53 4.21
C PHE A 58 0.82 0.42 5.09
N VAL A 59 0.39 -0.66 4.45
CA VAL A 59 -0.17 -1.80 5.18
C VAL A 59 0.73 -3.02 5.07
N ASP A 60 1.33 -3.41 6.19
CA ASP A 60 2.21 -4.56 6.24
C ASP A 60 1.42 -5.85 6.23
N PHE A 61 1.91 -6.85 5.48
CA PHE A 61 1.24 -8.14 5.38
C PHE A 61 2.24 -9.28 5.57
N ASN A 62 1.79 -10.36 6.20
CA ASN A 62 2.64 -11.52 6.43
C ASN A 62 3.42 -11.89 5.18
N SER A 63 2.83 -11.63 4.02
CA SER A 63 3.47 -11.93 2.74
C SER A 63 2.75 -11.24 1.60
N GLU A 64 3.42 -11.14 0.45
CA GLU A 64 2.85 -10.50 -0.72
C GLU A 64 1.45 -11.06 -1.02
N GLU A 65 1.31 -12.37 -0.88
CA GLU A 65 0.03 -13.02 -1.14
C GLU A 65 -1.08 -12.39 -0.31
N ASP A 66 -0.94 -12.47 1.01
CA ASP A 66 -1.93 -11.91 1.92
C ASP A 66 -2.31 -10.50 1.50
N ALA A 67 -1.31 -9.70 1.14
CA ALA A 67 -1.54 -8.32 0.72
C ALA A 67 -2.46 -8.27 -0.49
N LYS A 68 -2.17 -9.08 -1.49
CA LYS A 68 -2.98 -9.13 -2.71
C LYS A 68 -4.43 -9.44 -2.38
N ALA A 69 -4.65 -10.50 -1.62
CA ALA A 69 -5.99 -10.91 -1.23
C ALA A 69 -6.78 -9.72 -0.68
N ALA A 70 -6.07 -8.76 -0.09
CA ALA A 70 -6.71 -7.58 0.47
C ALA A 70 -6.88 -6.50 -0.59
N LYS A 71 -5.98 -6.47 -1.57
CA LYS A 71 -6.04 -5.49 -2.64
C LYS A 71 -7.27 -5.71 -3.52
N GLU A 72 -7.51 -6.96 -3.89
CA GLU A 72 -8.66 -7.31 -4.72
C GLU A 72 -9.96 -6.91 -4.05
N ALA A 73 -9.99 -7.00 -2.73
CA ALA A 73 -11.19 -6.65 -1.96
C ALA A 73 -11.29 -5.14 -1.78
N MET A 74 -10.27 -4.55 -1.17
CA MET A 74 -10.24 -3.11 -0.94
C MET A 74 -9.90 -2.36 -2.22
N GLU A 75 -9.81 -3.08 -3.32
CA GLU A 75 -9.49 -2.48 -4.61
C GLU A 75 -10.27 -1.18 -4.81
N ASP A 76 -11.55 -1.20 -4.48
CA ASP A 76 -12.41 -0.03 -4.62
C ASP A 76 -12.98 0.39 -3.27
N GLY A 77 -12.33 -0.04 -2.20
CA GLY A 77 -12.78 0.31 -0.86
C GLY A 77 -12.47 1.74 -0.49
N GLU A 78 -13.15 2.24 0.53
CA GLU A 78 -12.94 3.62 0.98
C GLU A 78 -12.90 3.69 2.51
N ILE A 79 -11.75 4.12 3.04
CA ILE A 79 -11.58 4.24 4.48
C ILE A 79 -12.03 5.60 4.98
N ASP A 80 -12.69 5.61 6.14
CA ASP A 80 -13.18 6.86 6.73
C ASP A 80 -14.01 7.65 5.72
N GLY A 81 -14.85 6.94 4.97
CA GLY A 81 -15.69 7.59 3.98
C GLY A 81 -14.88 8.24 2.87
N ASN A 82 -13.66 7.76 2.66
CA ASN A 82 -12.78 8.30 1.63
C ASN A 82 -12.19 7.18 0.78
N LYS A 83 -12.21 7.36 -0.53
CA LYS A 83 -11.67 6.37 -1.46
C LYS A 83 -10.16 6.24 -1.29
N VAL A 84 -9.68 4.99 -1.27
CA VAL A 84 -8.27 4.72 -1.12
C VAL A 84 -7.73 3.88 -2.27
N THR A 85 -6.48 4.12 -2.65
CA THR A 85 -5.84 3.40 -3.74
C THR A 85 -4.69 2.55 -3.24
N LEU A 86 -4.82 1.23 -3.40
CA LEU A 86 -3.77 0.30 -2.97
C LEU A 86 -2.80 0.00 -4.11
N ASP A 87 -1.53 0.29 -3.89
CA ASP A 87 -0.51 0.04 -4.90
C ASP A 87 0.74 -0.57 -4.27
N TRP A 88 1.30 -1.57 -4.93
CA TRP A 88 2.49 -2.24 -4.44
C TRP A 88 3.64 -1.24 -4.24
N ALA A 89 4.09 -1.11 -3.00
CA ALA A 89 5.18 -0.20 -2.67
C ALA A 89 6.42 -0.49 -3.53
N LYS A 90 6.57 0.28 -4.60
CA LYS A 90 7.71 0.10 -5.50
C LYS A 90 8.93 0.85 -4.97
N PRO A 91 10.13 0.35 -5.32
CA PRO A 91 11.40 0.95 -4.90
C PRO A 91 11.65 2.30 -5.58
N LYS A 92 12.09 3.28 -4.80
CA LYS A 92 12.37 4.61 -5.32
C LYS A 92 13.14 4.53 -6.63
N GLY A 93 12.45 4.78 -7.74
CA GLY A 93 13.09 4.73 -9.03
C GLY A 93 13.51 6.10 -9.54
N GLU A 94 14.78 6.24 -9.90
CA GLU A 94 15.30 7.51 -10.39
C GLU A 94 15.58 7.43 -11.89
N GLY A 95 14.69 6.78 -12.63
CA GLY A 95 14.86 6.65 -14.06
C GLY A 95 13.55 6.39 -14.77
N GLY A 96 13.08 5.13 -14.71
CA GLY A 96 11.84 4.78 -15.36
C GLY A 96 11.75 5.31 -16.77
N SER A 97 10.53 5.41 -17.29
CA SER A 97 10.32 5.90 -18.64
C SER A 97 9.20 6.95 -18.67
N GLY A 98 9.23 7.82 -19.67
CA GLY A 98 8.21 8.85 -19.79
C GLY A 98 8.80 10.20 -20.15
N PRO A 99 7.95 11.24 -20.12
CA PRO A 99 8.37 12.61 -20.43
C PRO A 99 9.30 13.20 -19.37
N SER A 100 9.34 12.55 -18.21
CA SER A 100 10.19 13.02 -17.12
C SER A 100 11.58 13.37 -17.61
N SER A 101 12.28 14.22 -16.86
CA SER A 101 13.63 14.63 -17.22
C SER A 101 13.60 15.48 -18.49
N GLY A 102 12.63 16.38 -18.58
CA GLY A 102 12.51 17.25 -19.74
C GLY A 102 13.50 18.39 -19.71
N GLY A 1 1.62 7.34 -24.28
CA GLY A 1 2.19 7.32 -22.94
C GLY A 1 1.67 6.16 -22.11
N SER A 2 2.18 6.05 -20.89
CA SER A 2 1.77 4.98 -19.99
C SER A 2 0.70 5.46 -19.03
N SER A 3 -0.20 4.55 -18.64
CA SER A 3 -1.29 4.88 -17.73
C SER A 3 -0.91 4.55 -16.28
N GLY A 4 -0.26 3.40 -16.10
CA GLY A 4 0.14 2.98 -14.77
C GLY A 4 1.24 1.93 -14.81
N SER A 5 1.03 0.84 -14.09
CA SER A 5 2.02 -0.24 -14.03
C SER A 5 1.38 -1.57 -14.40
N SER A 6 2.14 -2.41 -15.12
CA SER A 6 1.65 -3.72 -15.53
C SER A 6 1.19 -4.54 -14.32
N GLY A 7 2.14 -4.84 -13.44
CA GLY A 7 1.82 -5.63 -12.26
C GLY A 7 2.80 -6.76 -12.03
N PRO A 8 2.54 -7.58 -11.00
CA PRO A 8 3.39 -8.72 -10.65
C PRO A 8 3.30 -9.83 -11.69
N ASN A 9 2.54 -9.60 -12.76
CA ASN A 9 2.38 -10.59 -13.82
C ASN A 9 3.53 -10.49 -14.82
N ALA A 10 3.96 -9.26 -15.10
CA ALA A 10 5.05 -9.04 -16.04
C ALA A 10 6.39 -9.48 -15.46
N ARG A 11 6.58 -10.79 -15.36
CA ARG A 11 7.81 -11.34 -14.80
C ARG A 11 8.36 -10.46 -13.69
N SER A 12 7.49 -10.12 -12.73
CA SER A 12 7.88 -9.28 -11.61
C SER A 12 7.25 -9.77 -10.31
N GLN A 13 8.03 -9.75 -9.24
CA GLN A 13 7.55 -10.20 -7.93
C GLN A 13 6.76 -9.09 -7.23
N PRO A 14 5.68 -9.48 -6.54
CA PRO A 14 4.82 -8.54 -5.83
C PRO A 14 5.52 -7.96 -4.59
N SER A 15 4.87 -6.97 -3.97
CA SER A 15 5.42 -6.32 -2.79
C SER A 15 4.67 -6.75 -1.54
N LYS A 16 5.37 -6.72 -0.41
CA LYS A 16 4.77 -7.10 0.87
C LYS A 16 4.00 -5.94 1.49
N THR A 17 4.50 -4.72 1.26
CA THR A 17 3.87 -3.52 1.80
C THR A 17 3.00 -2.85 0.74
N LEU A 18 1.73 -2.65 1.07
CA LEU A 18 0.80 -2.01 0.15
C LEU A 18 0.74 -0.50 0.39
N PHE A 19 0.60 0.26 -0.69
CA PHE A 19 0.52 1.72 -0.60
C PHE A 19 -0.92 2.19 -0.59
N VAL A 20 -1.36 2.76 0.52
CA VAL A 20 -2.72 3.27 0.66
C VAL A 20 -2.75 4.79 0.57
N LYS A 21 -3.38 5.29 -0.49
CA LYS A 21 -3.49 6.74 -0.70
C LYS A 21 -4.94 7.16 -0.82
N GLY A 22 -5.28 8.29 -0.21
CA GLY A 22 -6.63 8.79 -0.26
C GLY A 22 -7.37 8.65 1.06
N LEU A 23 -6.62 8.82 2.15
CA LEU A 23 -7.20 8.70 3.49
C LEU A 23 -7.54 10.08 4.05
N SER A 24 -8.25 10.09 5.17
CA SER A 24 -8.65 11.35 5.81
C SER A 24 -7.58 11.82 6.80
N GLU A 25 -7.34 13.12 6.83
CA GLU A 25 -6.35 13.69 7.74
C GLU A 25 -6.47 13.08 9.13
N ASP A 26 -7.64 12.54 9.44
CA ASP A 26 -7.89 11.92 10.73
C ASP A 26 -7.59 10.43 10.69
N THR A 27 -7.80 9.83 9.53
CA THR A 27 -7.56 8.40 9.35
C THR A 27 -6.31 7.96 10.11
N THR A 28 -6.51 7.09 11.10
CA THR A 28 -5.39 6.58 11.89
C THR A 28 -4.93 5.22 11.40
N GLU A 29 -3.73 4.82 11.81
CA GLU A 29 -3.18 3.53 11.41
C GLU A 29 -4.06 2.38 11.89
N GLU A 30 -4.85 2.65 12.91
CA GLU A 30 -5.75 1.64 13.46
C GLU A 30 -6.84 1.28 12.47
N THR A 31 -7.49 2.30 11.91
CA THR A 31 -8.55 2.10 10.94
C THR A 31 -8.00 1.68 9.59
N LEU A 32 -6.73 1.98 9.36
CA LEU A 32 -6.07 1.64 8.10
C LEU A 32 -5.68 0.16 8.07
N LYS A 33 -5.28 -0.36 9.22
CA LYS A 33 -4.90 -1.77 9.33
C LYS A 33 -6.11 -2.68 9.23
N GLU A 34 -7.11 -2.44 10.08
CA GLU A 34 -8.32 -3.24 10.09
C GLU A 34 -8.90 -3.34 8.68
N SER A 35 -8.95 -2.22 7.98
CA SER A 35 -9.49 -2.17 6.63
C SER A 35 -9.11 -3.44 5.86
N PHE A 36 -7.91 -3.95 6.11
CA PHE A 36 -7.44 -5.15 5.44
C PHE A 36 -7.53 -6.36 6.36
N ASP A 37 -8.54 -7.19 6.14
CA ASP A 37 -8.74 -8.39 6.96
C ASP A 37 -7.63 -9.40 6.73
N GLY A 38 -6.65 -9.42 7.64
CA GLY A 38 -5.54 -10.33 7.51
C GLY A 38 -4.20 -9.68 7.79
N SER A 39 -4.08 -8.42 7.38
CA SER A 39 -2.83 -7.67 7.59
C SER A 39 -2.29 -7.90 8.99
N VAL A 40 -1.05 -7.50 9.22
CA VAL A 40 -0.42 -7.64 10.52
C VAL A 40 -0.22 -6.30 11.20
N ARG A 41 0.15 -5.29 10.42
CA ARG A 41 0.37 -3.95 10.95
C ARG A 41 0.16 -2.90 9.86
N ALA A 42 0.14 -1.64 10.26
CA ALA A 42 -0.04 -0.54 9.32
C ALA A 42 0.75 0.69 9.75
N ARG A 43 0.99 1.60 8.81
CA ARG A 43 1.74 2.82 9.09
C ARG A 43 1.20 3.99 8.26
N ILE A 44 1.06 5.14 8.90
CA ILE A 44 0.55 6.33 8.22
C ILE A 44 1.61 7.45 8.22
N VAL A 45 1.74 8.13 7.09
CA VAL A 45 2.71 9.21 6.96
C VAL A 45 2.11 10.53 7.44
N THR A 46 2.98 11.44 7.86
CA THR A 46 2.54 12.75 8.34
C THR A 46 3.41 13.86 7.79
N ASP A 47 2.97 15.11 7.97
CA ASP A 47 3.71 16.26 7.49
C ASP A 47 4.82 16.64 8.46
N ARG A 48 5.84 17.31 7.95
CA ARG A 48 6.97 17.73 8.77
C ARG A 48 6.77 19.17 9.27
N GLU A 49 5.82 19.87 8.66
CA GLU A 49 5.54 21.25 9.04
C GLU A 49 4.34 21.32 9.97
N THR A 50 3.32 20.53 9.67
CA THR A 50 2.10 20.50 10.48
C THR A 50 2.11 19.33 11.46
N GLY A 51 2.93 18.33 11.16
CA GLY A 51 3.03 17.15 12.01
C GLY A 51 1.71 16.40 12.10
N SER A 52 0.93 16.47 11.04
CA SER A 52 -0.37 15.78 11.00
C SER A 52 -0.42 14.78 9.86
N SER A 53 -1.36 13.85 9.94
CA SER A 53 -1.51 12.82 8.91
C SER A 53 -1.91 13.45 7.57
N LYS A 54 -1.04 13.29 6.58
CA LYS A 54 -1.29 13.85 5.25
C LYS A 54 -2.54 13.23 4.64
N GLY A 55 -2.60 11.89 4.63
CA GLY A 55 -3.75 11.21 4.07
C GLY A 55 -3.38 9.96 3.31
N PHE A 56 -2.37 9.25 3.81
CA PHE A 56 -1.90 8.02 3.17
C PHE A 56 -0.83 7.34 4.03
N GLY A 57 -0.64 6.05 3.79
CA GLY A 57 0.35 5.30 4.54
C GLY A 57 0.78 4.02 3.84
N PHE A 58 0.82 2.92 4.58
CA PHE A 58 1.20 1.63 4.01
C PHE A 58 0.73 0.49 4.90
N VAL A 59 0.32 -0.61 4.28
CA VAL A 59 -0.16 -1.78 5.01
C VAL A 59 0.83 -2.93 4.90
N ASP A 60 1.47 -3.27 6.01
CA ASP A 60 2.44 -4.36 6.04
C ASP A 60 1.73 -5.70 6.17
N PHE A 61 2.29 -6.72 5.52
CA PHE A 61 1.71 -8.06 5.55
C PHE A 61 2.78 -9.10 5.84
N ASN A 62 2.35 -10.34 6.05
CA ASN A 62 3.28 -11.43 6.36
C ASN A 62 3.84 -12.04 5.07
N SER A 63 3.10 -11.86 3.98
CA SER A 63 3.53 -12.39 2.68
C SER A 63 2.73 -11.76 1.55
N GLU A 64 3.44 -11.36 0.49
CA GLU A 64 2.79 -10.75 -0.66
C GLU A 64 1.44 -11.39 -0.95
N GLU A 65 1.40 -12.71 -0.86
CA GLU A 65 0.16 -13.45 -1.12
C GLU A 65 -1.01 -12.82 -0.39
N ASP A 66 -0.83 -12.56 0.91
CA ASP A 66 -1.87 -11.96 1.73
C ASP A 66 -2.11 -10.50 1.32
N ALA A 67 -1.03 -9.81 0.99
CA ALA A 67 -1.12 -8.41 0.58
C ALA A 67 -1.94 -8.26 -0.69
N LYS A 68 -1.84 -9.25 -1.58
CA LYS A 68 -2.58 -9.23 -2.83
C LYS A 68 -4.05 -9.57 -2.61
N ALA A 69 -4.29 -10.71 -1.98
CA ALA A 69 -5.66 -11.15 -1.70
C ALA A 69 -6.44 -10.06 -0.98
N ALA A 70 -5.76 -9.33 -0.10
CA ALA A 70 -6.39 -8.26 0.66
C ALA A 70 -6.59 -7.02 -0.20
N LYS A 71 -5.80 -6.90 -1.27
CA LYS A 71 -5.89 -5.77 -2.18
C LYS A 71 -7.15 -5.86 -3.04
N GLU A 72 -7.36 -7.01 -3.67
CA GLU A 72 -8.52 -7.23 -4.52
C GLU A 72 -9.81 -6.93 -3.76
N ALA A 73 -9.77 -7.12 -2.44
CA ALA A 73 -10.93 -6.89 -1.60
C ALA A 73 -11.13 -5.40 -1.35
N MET A 74 -10.05 -4.70 -1.03
CA MET A 74 -10.11 -3.26 -0.77
C MET A 74 -9.80 -2.47 -2.03
N GLU A 75 -9.80 -3.16 -3.17
CA GLU A 75 -9.53 -2.51 -4.46
C GLU A 75 -10.41 -1.28 -4.64
N ASP A 76 -11.68 -1.42 -4.30
CA ASP A 76 -12.63 -0.32 -4.44
C ASP A 76 -13.21 0.08 -3.07
N GLY A 77 -12.47 -0.25 -2.01
CA GLY A 77 -12.91 0.07 -0.67
C GLY A 77 -12.62 1.51 -0.29
N GLU A 78 -13.33 2.02 0.71
CA GLU A 78 -13.13 3.39 1.16
C GLU A 78 -13.00 3.44 2.68
N ILE A 79 -11.86 3.92 3.15
CA ILE A 79 -11.62 4.02 4.59
C ILE A 79 -12.12 5.36 5.14
N ASP A 80 -12.83 5.29 6.27
CA ASP A 80 -13.36 6.49 6.90
C ASP A 80 -14.24 7.27 5.93
N GLY A 81 -15.05 6.55 5.16
CA GLY A 81 -15.93 7.19 4.19
C GLY A 81 -15.16 7.86 3.08
N ASN A 82 -13.90 7.48 2.90
CA ASN A 82 -13.05 8.06 1.87
C ASN A 82 -12.46 6.97 0.98
N LYS A 83 -12.57 7.15 -0.34
CA LYS A 83 -12.05 6.19 -1.29
C LYS A 83 -10.52 6.12 -1.21
N VAL A 84 -9.99 4.90 -1.15
CA VAL A 84 -8.55 4.70 -1.08
C VAL A 84 -8.06 3.86 -2.25
N THR A 85 -6.83 4.14 -2.69
CA THR A 85 -6.23 3.40 -3.80
C THR A 85 -5.02 2.61 -3.34
N LEU A 86 -5.13 1.29 -3.38
CA LEU A 86 -4.04 0.41 -2.97
C LEU A 86 -3.12 0.11 -4.14
N ASP A 87 -1.82 0.38 -3.95
CA ASP A 87 -0.83 0.13 -5.00
C ASP A 87 0.44 -0.47 -4.42
N TRP A 88 1.03 -1.42 -5.14
CA TRP A 88 2.27 -2.07 -4.69
C TRP A 88 3.38 -1.06 -4.52
N ALA A 89 3.78 -0.82 -3.27
CA ALA A 89 4.85 0.13 -2.97
C ALA A 89 5.99 0.01 -3.97
N LYS A 90 6.83 1.03 -4.03
CA LYS A 90 7.97 1.03 -4.95
C LYS A 90 9.07 0.10 -4.45
N PRO A 91 9.75 -0.56 -5.39
CA PRO A 91 10.84 -1.49 -5.07
C PRO A 91 12.08 -0.77 -4.55
N LYS A 92 12.25 -0.76 -3.22
CA LYS A 92 13.39 -0.11 -2.60
C LYS A 92 14.69 -0.58 -3.21
N GLY A 93 15.51 0.36 -3.68
CA GLY A 93 16.78 0.01 -4.27
C GLY A 93 17.39 1.16 -5.06
N GLU A 94 18.29 1.90 -4.41
CA GLU A 94 18.93 3.05 -5.06
C GLU A 94 20.11 3.55 -4.22
N GLY A 95 21.08 4.16 -4.88
CA GLY A 95 22.24 4.69 -4.17
C GLY A 95 23.23 3.60 -3.83
N GLY A 96 24.47 4.00 -3.54
CA GLY A 96 25.51 3.05 -3.20
C GLY A 96 26.90 3.64 -3.30
N SER A 97 27.89 2.78 -3.48
CA SER A 97 29.27 3.22 -3.59
C SER A 97 29.70 3.35 -5.05
N GLY A 98 29.59 4.56 -5.59
CA GLY A 98 29.96 4.80 -6.97
C GLY A 98 31.09 5.79 -7.11
N PRO A 99 32.34 5.30 -7.01
CA PRO A 99 33.53 6.14 -7.12
C PRO A 99 33.73 6.67 -8.54
N SER A 100 34.81 7.43 -8.73
CA SER A 100 35.12 8.00 -10.04
C SER A 100 36.64 8.11 -10.22
N SER A 101 37.07 8.01 -11.48
CA SER A 101 38.49 8.10 -11.80
C SER A 101 38.70 8.65 -13.21
N GLY A 102 39.80 9.37 -13.40
CA GLY A 102 40.09 9.94 -14.70
C GLY A 102 40.85 11.24 -14.61
N GLY A 1 -8.24 11.55 -20.98
CA GLY A 1 -7.17 10.82 -20.33
C GLY A 1 -7.38 9.32 -20.38
N SER A 2 -6.33 8.59 -20.75
CA SER A 2 -6.41 7.13 -20.85
C SER A 2 -6.01 6.49 -19.53
N SER A 3 -6.81 5.52 -19.08
CA SER A 3 -6.55 4.83 -17.83
C SER A 3 -6.04 3.41 -18.10
N GLY A 4 -5.45 2.80 -17.07
CA GLY A 4 -4.93 1.45 -17.22
C GLY A 4 -5.35 0.54 -16.08
N SER A 5 -4.66 -0.58 -15.94
CA SER A 5 -4.98 -1.55 -14.89
C SER A 5 -3.71 -1.99 -14.16
N SER A 6 -3.86 -2.38 -12.90
CA SER A 6 -2.74 -2.82 -12.09
C SER A 6 -2.89 -4.28 -11.70
N GLY A 7 -1.79 -4.89 -11.25
CA GLY A 7 -1.82 -6.29 -10.85
C GLY A 7 -0.45 -6.94 -10.92
N PRO A 8 -0.19 -7.86 -9.99
CA PRO A 8 1.09 -8.58 -9.93
C PRO A 8 1.26 -9.55 -11.09
N ASN A 9 0.15 -9.99 -11.67
CA ASN A 9 0.19 -10.92 -12.79
C ASN A 9 1.19 -10.48 -13.84
N ALA A 10 0.90 -9.36 -14.50
CA ALA A 10 1.78 -8.83 -15.52
C ALA A 10 2.80 -7.86 -14.92
N ARG A 11 3.31 -8.20 -13.75
CA ARG A 11 4.29 -7.37 -13.06
C ARG A 11 5.16 -8.20 -12.12
N SER A 12 6.43 -7.83 -12.01
CA SER A 12 7.37 -8.55 -11.15
C SER A 12 6.72 -8.87 -9.81
N GLN A 13 7.36 -9.76 -9.06
CA GLN A 13 6.84 -10.16 -7.75
C GLN A 13 6.23 -8.97 -7.02
N PRO A 14 5.13 -9.22 -6.29
CA PRO A 14 4.43 -8.19 -5.54
C PRO A 14 5.23 -7.70 -4.34
N SER A 15 4.56 -6.98 -3.43
CA SER A 15 5.21 -6.46 -2.23
C SER A 15 4.40 -6.81 -0.99
N LYS A 16 5.11 -7.04 0.11
CA LYS A 16 4.47 -7.38 1.38
C LYS A 16 3.72 -6.19 1.94
N THR A 17 4.24 -4.99 1.68
CA THR A 17 3.61 -3.76 2.16
C THR A 17 2.81 -3.07 1.06
N LEU A 18 1.52 -2.88 1.30
CA LEU A 18 0.64 -2.24 0.33
C LEU A 18 0.54 -0.74 0.60
N PHE A 19 0.70 0.06 -0.46
CA PHE A 19 0.63 1.51 -0.34
C PHE A 19 -0.82 1.98 -0.41
N VAL A 20 -1.25 2.67 0.64
CA VAL A 20 -2.62 3.18 0.70
C VAL A 20 -2.63 4.70 0.60
N LYS A 21 -3.20 5.22 -0.48
CA LYS A 21 -3.28 6.65 -0.71
C LYS A 21 -4.74 7.09 -0.88
N GLY A 22 -5.06 8.26 -0.35
CA GLY A 22 -6.41 8.78 -0.46
C GLY A 22 -7.18 8.69 0.85
N LEU A 23 -6.46 8.79 1.96
CA LEU A 23 -7.07 8.72 3.28
C LEU A 23 -7.47 10.11 3.78
N SER A 24 -8.13 10.16 4.92
CA SER A 24 -8.57 11.42 5.50
C SER A 24 -7.58 11.88 6.58
N GLU A 25 -7.34 13.20 6.60
CA GLU A 25 -6.42 13.77 7.58
C GLU A 25 -6.65 13.17 8.96
N ASP A 26 -7.85 12.64 9.18
CA ASP A 26 -8.20 12.04 10.47
C ASP A 26 -7.92 10.54 10.44
N THR A 27 -8.06 9.93 9.27
CA THR A 27 -7.84 8.50 9.12
C THR A 27 -6.61 8.05 9.90
N THR A 28 -6.84 7.26 10.94
CA THR A 28 -5.76 6.75 11.78
C THR A 28 -5.30 5.38 11.32
N GLU A 29 -4.14 4.96 11.79
CA GLU A 29 -3.58 3.65 11.43
C GLU A 29 -4.49 2.53 11.91
N GLU A 30 -5.33 2.82 12.90
CA GLU A 30 -6.25 1.83 13.45
C GLU A 30 -7.33 1.47 12.43
N THR A 31 -7.96 2.51 11.87
CA THR A 31 -9.02 2.30 10.89
C THR A 31 -8.44 1.89 9.54
N LEU A 32 -7.15 2.14 9.35
CA LEU A 32 -6.47 1.78 8.11
C LEU A 32 -6.08 0.32 8.08
N LYS A 33 -5.70 -0.21 9.24
CA LYS A 33 -5.30 -1.60 9.36
C LYS A 33 -6.51 -2.53 9.19
N GLU A 34 -7.51 -2.33 10.04
CA GLU A 34 -8.72 -3.16 9.98
C GLU A 34 -9.24 -3.26 8.54
N SER A 35 -9.25 -2.13 7.84
CA SER A 35 -9.72 -2.10 6.46
C SER A 35 -9.26 -3.33 5.69
N PHE A 36 -8.07 -3.82 6.04
CA PHE A 36 -7.52 -5.00 5.39
C PHE A 36 -7.58 -6.21 6.31
N ASP A 37 -8.53 -7.11 6.04
CA ASP A 37 -8.70 -8.31 6.84
C ASP A 37 -7.56 -9.29 6.61
N GLY A 38 -6.70 -9.44 7.61
CA GLY A 38 -5.57 -10.34 7.50
C GLY A 38 -4.26 -9.67 7.87
N SER A 39 -4.07 -8.44 7.41
CA SER A 39 -2.85 -7.70 7.69
C SER A 39 -2.41 -7.90 9.14
N VAL A 40 -1.14 -7.65 9.42
CA VAL A 40 -0.60 -7.80 10.76
C VAL A 40 -0.46 -6.44 11.45
N ARG A 41 -0.15 -5.41 10.68
CA ARG A 41 0.02 -4.07 11.21
C ARG A 41 -0.19 -3.02 10.12
N ALA A 42 -0.33 -1.77 10.54
CA ALA A 42 -0.55 -0.67 9.60
C ALA A 42 0.19 0.59 10.06
N ARG A 43 0.55 1.44 9.11
CA ARG A 43 1.26 2.68 9.42
C ARG A 43 0.70 3.83 8.59
N ILE A 44 0.81 5.05 9.13
CA ILE A 44 0.31 6.23 8.45
C ILE A 44 1.33 7.37 8.52
N VAL A 45 1.56 8.03 7.39
CA VAL A 45 2.50 9.14 7.33
C VAL A 45 1.91 10.40 7.94
N THR A 46 2.79 11.30 8.39
CA THR A 46 2.35 12.55 9.00
C THR A 46 3.23 13.71 8.56
N ASP A 47 2.66 14.92 8.55
CA ASP A 47 3.39 16.10 8.15
C ASP A 47 4.36 16.54 9.24
N ARG A 48 5.44 17.21 8.85
CA ARG A 48 6.44 17.68 9.79
C ARG A 48 6.14 19.11 10.24
N GLU A 49 5.18 19.74 9.57
CA GLU A 49 4.80 21.11 9.89
C GLU A 49 3.50 21.14 10.72
N THR A 50 2.47 20.48 10.20
CA THR A 50 1.18 20.43 10.87
C THR A 50 1.11 19.25 11.84
N GLY A 51 1.93 18.23 11.58
CA GLY A 51 1.94 17.06 12.44
C GLY A 51 0.65 16.27 12.36
N SER A 52 0.04 16.25 11.18
CA SER A 52 -1.20 15.52 10.98
C SER A 52 -1.07 14.51 9.85
N SER A 53 -1.90 13.47 9.88
CA SER A 53 -1.88 12.44 8.85
C SER A 53 -2.04 13.04 7.46
N LYS A 54 -0.96 13.06 6.70
CA LYS A 54 -0.99 13.61 5.35
C LYS A 54 -2.19 13.09 4.57
N GLY A 55 -2.44 11.79 4.67
CA GLY A 55 -3.57 11.19 3.98
C GLY A 55 -3.19 9.90 3.27
N PHE A 56 -2.19 9.20 3.79
CA PHE A 56 -1.73 7.95 3.20
C PHE A 56 -0.74 7.25 4.12
N GLY A 57 -0.64 5.93 3.98
CA GLY A 57 0.27 5.16 4.80
C GLY A 57 0.68 3.86 4.14
N PHE A 58 0.87 2.82 4.95
CA PHE A 58 1.27 1.51 4.44
C PHE A 58 0.73 0.40 5.34
N VAL A 59 0.27 -0.68 4.72
CA VAL A 59 -0.27 -1.82 5.45
C VAL A 59 0.63 -3.04 5.31
N ASP A 60 1.18 -3.50 6.43
CA ASP A 60 2.06 -4.66 6.43
C ASP A 60 1.25 -5.96 6.41
N PHE A 61 1.82 -6.99 5.82
CA PHE A 61 1.15 -8.29 5.74
C PHE A 61 2.12 -9.43 6.00
N ASN A 62 1.63 -10.49 6.63
CA ASN A 62 2.46 -11.65 6.94
C ASN A 62 3.20 -12.14 5.70
N SER A 63 2.60 -11.93 4.54
CA SER A 63 3.20 -12.35 3.28
C SER A 63 2.53 -11.66 2.10
N GLU A 64 3.29 -11.47 1.03
CA GLU A 64 2.78 -10.81 -0.17
C GLU A 64 1.38 -11.33 -0.51
N GLU A 65 1.21 -12.64 -0.46
CA GLU A 65 -0.09 -13.26 -0.77
C GLU A 65 -1.20 -12.61 0.05
N ASP A 66 -1.07 -12.70 1.37
CA ASP A 66 -2.07 -12.12 2.27
C ASP A 66 -2.43 -10.70 1.84
N ALA A 67 -1.41 -9.91 1.51
CA ALA A 67 -1.63 -8.54 1.09
C ALA A 67 -2.50 -8.47 -0.15
N LYS A 68 -2.17 -9.29 -1.14
CA LYS A 68 -2.93 -9.33 -2.39
C LYS A 68 -4.40 -9.63 -2.13
N ALA A 69 -4.66 -10.67 -1.33
CA ALA A 69 -6.02 -11.06 -1.00
C ALA A 69 -6.80 -9.88 -0.41
N ALA A 70 -6.07 -8.94 0.19
CA ALA A 70 -6.70 -7.77 0.79
C ALA A 70 -6.84 -6.64 -0.22
N LYS A 71 -6.03 -6.70 -1.28
CA LYS A 71 -6.07 -5.68 -2.33
C LYS A 71 -7.26 -5.90 -3.25
N GLU A 72 -7.52 -7.16 -3.58
CA GLU A 72 -8.63 -7.51 -4.46
C GLU A 72 -9.97 -7.11 -3.83
N ALA A 73 -10.01 -7.11 -2.51
CA ALA A 73 -11.23 -6.75 -1.78
C ALA A 73 -11.31 -5.24 -1.58
N MET A 74 -10.23 -4.65 -1.11
CA MET A 74 -10.18 -3.22 -0.86
C MET A 74 -9.78 -2.46 -2.12
N GLU A 75 -9.76 -3.17 -3.24
CA GLU A 75 -9.41 -2.57 -4.53
C GLU A 75 -10.21 -1.30 -4.77
N ASP A 76 -11.49 -1.35 -4.45
CA ASP A 76 -12.38 -0.20 -4.64
C ASP A 76 -12.98 0.24 -3.31
N GLY A 77 -12.40 -0.24 -2.22
CA GLY A 77 -12.89 0.11 -0.90
C GLY A 77 -12.59 1.55 -0.53
N GLU A 78 -13.32 2.08 0.44
CA GLU A 78 -13.13 3.46 0.88
C GLU A 78 -13.08 3.55 2.41
N ILE A 79 -11.94 4.01 2.93
CA ILE A 79 -11.76 4.13 4.37
C ILE A 79 -12.27 5.48 4.87
N ASP A 80 -12.98 5.46 6.00
CA ASP A 80 -13.52 6.68 6.58
C ASP A 80 -14.28 7.49 5.54
N GLY A 81 -15.17 6.83 4.80
CA GLY A 81 -15.94 7.51 3.78
C GLY A 81 -15.07 8.16 2.73
N ASN A 82 -13.86 7.62 2.54
CA ASN A 82 -12.93 8.16 1.56
C ASN A 82 -12.34 7.04 0.70
N LYS A 83 -12.37 7.24 -0.61
CA LYS A 83 -11.82 6.26 -1.55
C LYS A 83 -10.31 6.13 -1.40
N VAL A 84 -9.82 4.90 -1.29
CA VAL A 84 -8.40 4.65 -1.14
C VAL A 84 -7.88 3.80 -2.29
N THR A 85 -6.60 3.98 -2.62
CA THR A 85 -5.98 3.22 -3.71
C THR A 85 -4.80 2.41 -3.20
N LEU A 86 -4.89 1.09 -3.35
CA LEU A 86 -3.84 0.19 -2.91
C LEU A 86 -2.85 -0.11 -4.04
N ASP A 87 -1.57 0.11 -3.77
CA ASP A 87 -0.53 -0.14 -4.78
C ASP A 87 0.72 -0.71 -4.12
N TRP A 88 1.27 -1.76 -4.72
CA TRP A 88 2.47 -2.40 -4.20
C TRP A 88 3.60 -1.38 -4.04
N ALA A 89 4.10 -1.25 -2.81
CA ALA A 89 5.18 -0.31 -2.53
C ALA A 89 6.49 -0.79 -3.15
N LYS A 90 6.87 -0.17 -4.26
CA LYS A 90 8.11 -0.53 -4.95
C LYS A 90 9.33 -0.22 -4.09
N PRO A 91 10.29 -1.14 -4.06
CA PRO A 91 11.51 -0.98 -3.28
C PRO A 91 12.44 0.09 -3.85
N LYS A 92 12.56 1.20 -3.13
CA LYS A 92 13.41 2.30 -3.56
C LYS A 92 14.25 2.82 -2.40
N GLY A 93 15.13 3.78 -2.69
CA GLY A 93 15.98 4.36 -1.67
C GLY A 93 17.25 4.96 -2.23
N GLU A 94 18.24 5.15 -1.37
CA GLU A 94 19.51 5.73 -1.78
C GLU A 94 20.32 4.72 -2.60
N GLY A 95 20.93 5.18 -3.69
CA GLY A 95 21.72 4.31 -4.53
C GLY A 95 21.36 4.42 -5.99
N GLY A 96 20.92 3.30 -6.57
CA GLY A 96 20.54 3.30 -7.97
C GLY A 96 21.40 2.38 -8.80
N SER A 97 21.64 1.17 -8.31
CA SER A 97 22.47 0.20 -9.00
C SER A 97 22.24 -1.21 -8.45
N GLY A 98 22.79 -2.20 -9.13
CA GLY A 98 22.63 -3.57 -8.70
C GLY A 98 23.77 -4.47 -9.16
N PRO A 99 23.91 -5.65 -8.54
CA PRO A 99 24.96 -6.60 -8.87
C PRO A 99 24.74 -7.25 -10.23
N SER A 100 25.68 -8.11 -10.63
CA SER A 100 25.59 -8.79 -11.92
C SER A 100 25.24 -10.27 -11.73
N SER A 101 25.92 -10.91 -10.78
CA SER A 101 25.70 -12.32 -10.50
C SER A 101 24.21 -12.62 -10.41
N GLY A 102 23.78 -13.70 -11.05
CA GLY A 102 22.38 -14.09 -11.02
C GLY A 102 22.10 -15.18 -10.01
N GLY A 1 -14.43 -4.93 -17.91
CA GLY A 1 -13.13 -4.39 -18.23
C GLY A 1 -12.09 -5.48 -18.41
N SER A 2 -11.22 -5.31 -19.41
CA SER A 2 -10.18 -6.29 -19.69
C SER A 2 -8.85 -5.86 -19.06
N SER A 3 -8.48 -4.60 -19.29
CA SER A 3 -7.23 -4.07 -18.74
C SER A 3 -7.37 -3.78 -17.26
N GLY A 4 -6.52 -4.43 -16.46
CA GLY A 4 -6.56 -4.23 -15.02
C GLY A 4 -5.18 -4.20 -14.40
N SER A 5 -4.79 -5.32 -13.79
CA SER A 5 -3.48 -5.41 -13.15
C SER A 5 -2.87 -6.79 -13.35
N SER A 6 -1.60 -6.83 -13.74
CA SER A 6 -0.90 -8.09 -13.96
C SER A 6 -0.81 -8.90 -12.68
N GLY A 7 -0.72 -10.22 -12.82
CA GLY A 7 -0.63 -11.09 -11.67
C GLY A 7 0.71 -10.99 -10.98
N PRO A 8 0.80 -11.54 -9.76
CA PRO A 8 2.03 -11.52 -8.96
C PRO A 8 3.12 -12.42 -9.54
N ASN A 9 2.69 -13.40 -10.33
CA ASN A 9 3.63 -14.33 -10.96
C ASN A 9 4.21 -13.75 -12.25
N ALA A 10 4.47 -12.44 -12.23
CA ALA A 10 5.02 -11.76 -13.40
C ALA A 10 6.40 -11.19 -13.10
N ARG A 11 7.05 -10.64 -14.12
CA ARG A 11 8.37 -10.07 -13.98
C ARG A 11 8.47 -9.24 -12.70
N SER A 12 7.51 -8.34 -12.51
CA SER A 12 7.49 -7.48 -11.34
C SER A 12 6.89 -8.22 -10.14
N GLN A 13 7.76 -8.71 -9.25
CA GLN A 13 7.31 -9.43 -8.07
C GLN A 13 6.48 -8.53 -7.16
N PRO A 14 5.57 -9.15 -6.40
CA PRO A 14 4.69 -8.42 -5.48
C PRO A 14 5.45 -7.86 -4.28
N SER A 15 4.71 -7.31 -3.33
CA SER A 15 5.31 -6.72 -2.14
C SER A 15 4.50 -7.06 -0.89
N LYS A 16 5.18 -7.11 0.26
CA LYS A 16 4.52 -7.42 1.52
C LYS A 16 3.77 -6.21 2.06
N THR A 17 4.31 -5.02 1.82
CA THR A 17 3.68 -3.79 2.27
C THR A 17 2.88 -3.13 1.16
N LEU A 18 1.62 -2.85 1.44
CA LEU A 18 0.74 -2.22 0.46
C LEU A 18 0.66 -0.72 0.69
N PHE A 19 0.72 0.05 -0.40
CA PHE A 19 0.65 1.50 -0.31
C PHE A 19 -0.80 1.99 -0.36
N VAL A 20 -1.22 2.67 0.70
CA VAL A 20 -2.59 3.18 0.78
C VAL A 20 -2.60 4.70 0.69
N LYS A 21 -3.09 5.22 -0.43
CA LYS A 21 -3.16 6.66 -0.64
C LYS A 21 -4.60 7.10 -0.87
N GLY A 22 -4.97 8.24 -0.27
CA GLY A 22 -6.32 8.75 -0.43
C GLY A 22 -7.13 8.63 0.84
N LEU A 23 -6.47 8.84 1.98
CA LEU A 23 -7.15 8.75 3.28
C LEU A 23 -7.51 10.14 3.80
N SER A 24 -8.20 10.18 4.93
CA SER A 24 -8.60 11.44 5.54
C SER A 24 -7.60 11.88 6.60
N GLU A 25 -7.33 13.20 6.63
CA GLU A 25 -6.38 13.75 7.60
C GLU A 25 -6.59 13.13 8.98
N ASP A 26 -7.79 12.61 9.22
CA ASP A 26 -8.12 11.99 10.50
C ASP A 26 -7.82 10.51 10.47
N THR A 27 -7.98 9.89 9.30
CA THR A 27 -7.73 8.46 9.14
C THR A 27 -6.53 8.03 9.95
N THR A 28 -6.76 7.14 10.91
CA THR A 28 -5.69 6.64 11.76
C THR A 28 -5.23 5.25 11.31
N GLU A 29 -4.01 4.89 11.69
CA GLU A 29 -3.46 3.59 11.32
C GLU A 29 -4.39 2.46 11.74
N GLU A 30 -5.16 2.70 12.78
CA GLU A 30 -6.10 1.70 13.30
C GLU A 30 -7.14 1.34 12.23
N THR A 31 -7.80 2.36 11.69
CA THR A 31 -8.81 2.15 10.66
C THR A 31 -8.18 1.73 9.34
N LEU A 32 -6.87 1.94 9.22
CA LEU A 32 -6.15 1.59 8.01
C LEU A 32 -5.77 0.11 8.01
N LYS A 33 -5.45 -0.41 9.19
CA LYS A 33 -5.07 -1.82 9.32
C LYS A 33 -6.28 -2.72 9.19
N GLU A 34 -7.31 -2.46 10.02
CA GLU A 34 -8.53 -3.26 9.98
C GLU A 34 -9.10 -3.32 8.57
N SER A 35 -9.16 -2.16 7.91
CA SER A 35 -9.69 -2.06 6.56
C SER A 35 -9.36 -3.33 5.76
N PHE A 36 -8.16 -3.86 6.00
CA PHE A 36 -7.73 -5.07 5.29
C PHE A 36 -7.87 -6.30 6.18
N ASP A 37 -8.75 -7.21 5.77
CA ASP A 37 -8.98 -8.44 6.53
C ASP A 37 -7.83 -9.42 6.35
N GLY A 38 -6.79 -9.27 7.17
CA GLY A 38 -5.64 -10.15 7.09
C GLY A 38 -4.36 -9.47 7.52
N SER A 39 -4.20 -8.20 7.14
CA SER A 39 -3.01 -7.45 7.49
C SER A 39 -2.62 -7.69 8.96
N VAL A 40 -1.36 -7.41 9.28
CA VAL A 40 -0.87 -7.59 10.64
C VAL A 40 -0.63 -6.24 11.32
N ARG A 41 -0.31 -5.24 10.52
CA ARG A 41 -0.06 -3.90 11.04
C ARG A 41 -0.30 -2.84 9.98
N ALA A 42 -0.29 -1.58 10.40
CA ALA A 42 -0.51 -0.47 9.47
C ALA A 42 0.27 0.76 9.90
N ARG A 43 0.61 1.62 8.93
CA ARG A 43 1.36 2.83 9.21
C ARG A 43 0.83 4.00 8.39
N ILE A 44 0.96 5.20 8.92
CA ILE A 44 0.49 6.40 8.24
C ILE A 44 1.56 7.50 8.26
N VAL A 45 1.69 8.21 7.15
CA VAL A 45 2.66 9.29 7.04
C VAL A 45 2.11 10.59 7.60
N THR A 46 3.01 11.46 8.03
CA THR A 46 2.62 12.75 8.60
C THR A 46 3.54 13.87 8.14
N ASP A 47 3.04 15.10 8.17
CA ASP A 47 3.82 16.25 7.74
C ASP A 47 4.81 16.66 8.84
N ARG A 48 5.85 17.39 8.44
CA ARG A 48 6.86 17.84 9.38
C ARG A 48 6.54 19.25 9.90
N GLU A 49 5.75 19.99 9.13
CA GLU A 49 5.36 21.34 9.52
C GLU A 49 4.08 21.32 10.35
N THR A 50 3.02 20.77 9.78
CA THR A 50 1.74 20.69 10.47
C THR A 50 1.73 19.56 11.50
N GLY A 51 2.45 18.50 11.19
CA GLY A 51 2.52 17.37 12.10
C GLY A 51 1.21 16.58 12.16
N SER A 52 0.62 16.35 10.99
CA SER A 52 -0.64 15.61 10.91
C SER A 52 -0.61 14.62 9.76
N SER A 53 -1.54 13.66 9.80
CA SER A 53 -1.63 12.65 8.76
C SER A 53 -1.99 13.27 7.41
N LYS A 54 -1.03 13.29 6.50
CA LYS A 54 -1.23 13.85 5.17
C LYS A 54 -2.46 13.24 4.51
N GLY A 55 -2.53 11.91 4.48
CA GLY A 55 -3.66 11.23 3.88
C GLY A 55 -3.25 9.98 3.14
N PHE A 56 -2.25 9.28 3.67
CA PHE A 56 -1.76 8.06 3.05
C PHE A 56 -0.73 7.36 3.95
N GLY A 57 -0.60 6.05 3.78
CA GLY A 57 0.34 5.28 4.58
C GLY A 57 0.71 3.96 3.94
N PHE A 58 0.74 2.91 4.74
CA PHE A 58 1.10 1.58 4.23
C PHE A 58 0.56 0.49 5.15
N VAL A 59 0.10 -0.61 4.55
CA VAL A 59 -0.43 -1.72 5.32
C VAL A 59 0.52 -2.92 5.28
N ASP A 60 1.08 -3.25 6.44
CA ASP A 60 2.00 -4.37 6.56
C ASP A 60 1.25 -5.69 6.64
N PHE A 61 1.68 -6.66 5.86
CA PHE A 61 1.05 -7.98 5.85
C PHE A 61 2.04 -9.08 6.22
N ASN A 62 1.52 -10.25 6.54
CA ASN A 62 2.36 -11.38 6.92
C ASN A 62 3.14 -11.91 5.71
N SER A 63 2.54 -11.80 4.54
CA SER A 63 3.16 -12.27 3.31
C SER A 63 2.59 -11.55 2.09
N GLU A 64 3.33 -11.57 0.99
CA GLU A 64 2.89 -10.92 -0.24
C GLU A 64 1.55 -11.48 -0.70
N GLU A 65 1.41 -12.80 -0.64
CA GLU A 65 0.17 -13.47 -1.06
C GLU A 65 -1.02 -12.91 -0.29
N ASP A 66 -0.96 -12.99 1.03
CA ASP A 66 -2.03 -12.50 1.88
C ASP A 66 -2.36 -11.04 1.55
N ALA A 67 -1.32 -10.22 1.43
CA ALA A 67 -1.50 -8.81 1.12
C ALA A 67 -2.28 -8.62 -0.17
N LYS A 68 -1.97 -9.44 -1.17
CA LYS A 68 -2.65 -9.37 -2.47
C LYS A 68 -4.13 -9.69 -2.31
N ALA A 69 -4.43 -10.84 -1.71
CA ALA A 69 -5.80 -11.26 -1.50
C ALA A 69 -6.62 -10.16 -0.81
N ALA A 70 -5.93 -9.32 -0.05
CA ALA A 70 -6.59 -8.23 0.66
C ALA A 70 -6.75 -7.01 -0.24
N LYS A 71 -5.89 -6.90 -1.24
CA LYS A 71 -5.93 -5.78 -2.17
C LYS A 71 -7.19 -5.84 -3.05
N GLU A 72 -7.46 -7.03 -3.59
CA GLU A 72 -8.63 -7.22 -4.44
C GLU A 72 -9.91 -6.84 -3.70
N ALA A 73 -9.94 -7.10 -2.40
CA ALA A 73 -11.11 -6.78 -1.59
C ALA A 73 -11.23 -5.27 -1.38
N MET A 74 -10.12 -4.62 -1.06
CA MET A 74 -10.11 -3.18 -0.84
C MET A 74 -9.69 -2.45 -2.11
N GLU A 75 -9.79 -3.13 -3.24
CA GLU A 75 -9.43 -2.53 -4.52
C GLU A 75 -10.17 -1.21 -4.74
N ASP A 76 -11.48 -1.24 -4.58
CA ASP A 76 -12.31 -0.05 -4.76
C ASP A 76 -12.92 0.39 -3.43
N GLY A 77 -12.33 -0.07 -2.33
CA GLY A 77 -12.83 0.29 -1.02
C GLY A 77 -12.52 1.73 -0.65
N GLU A 78 -13.23 2.25 0.34
CA GLU A 78 -13.03 3.63 0.78
C GLU A 78 -12.97 3.70 2.31
N ILE A 79 -11.83 4.14 2.83
CA ILE A 79 -11.64 4.26 4.27
C ILE A 79 -12.11 5.63 4.77
N ASP A 80 -12.78 5.64 5.91
CA ASP A 80 -13.28 6.88 6.50
C ASP A 80 -14.08 7.68 5.48
N GLY A 81 -14.94 7.00 4.73
CA GLY A 81 -15.75 7.67 3.73
C GLY A 81 -14.91 8.28 2.63
N ASN A 82 -13.70 7.76 2.44
CA ASN A 82 -12.80 8.28 1.41
C ASN A 82 -12.23 7.15 0.57
N LYS A 83 -12.25 7.34 -0.75
CA LYS A 83 -11.73 6.33 -1.66
C LYS A 83 -10.22 6.19 -1.53
N VAL A 84 -9.75 4.95 -1.35
CA VAL A 84 -8.33 4.68 -1.21
C VAL A 84 -7.82 3.81 -2.35
N THR A 85 -6.56 4.00 -2.71
CA THR A 85 -5.95 3.23 -3.78
C THR A 85 -4.77 2.40 -3.27
N LEU A 86 -4.90 1.08 -3.35
CA LEU A 86 -3.85 0.18 -2.90
C LEU A 86 -2.86 -0.11 -4.02
N ASP A 87 -1.58 0.13 -3.76
CA ASP A 87 -0.53 -0.11 -4.75
C ASP A 87 0.72 -0.69 -4.09
N TRP A 88 1.28 -1.72 -4.71
CA TRP A 88 2.48 -2.36 -4.18
C TRP A 88 3.63 -1.37 -4.06
N ALA A 89 4.25 -1.33 -2.89
CA ALA A 89 5.37 -0.42 -2.64
C ALA A 89 6.66 -0.98 -3.24
N LYS A 90 7.36 -0.14 -3.99
CA LYS A 90 8.62 -0.54 -4.61
C LYS A 90 9.67 -0.87 -3.55
N PRO A 91 10.49 -1.89 -3.82
CA PRO A 91 11.55 -2.32 -2.91
C PRO A 91 12.69 -1.31 -2.82
N LYS A 92 13.49 -1.41 -1.77
CA LYS A 92 14.61 -0.50 -1.57
C LYS A 92 15.88 -1.05 -2.21
N GLY A 93 16.23 -2.29 -1.85
CA GLY A 93 17.41 -2.92 -2.40
C GLY A 93 18.26 -3.59 -1.34
N GLU A 94 18.93 -4.68 -1.71
CA GLU A 94 19.78 -5.41 -0.78
C GLU A 94 21.26 -5.17 -1.08
N GLY A 95 21.59 -3.92 -1.39
CA GLY A 95 22.96 -3.57 -1.69
C GLY A 95 23.22 -2.08 -1.64
N GLY A 96 24.22 -1.63 -2.38
CA GLY A 96 24.54 -0.21 -2.40
C GLY A 96 25.53 0.18 -1.31
N SER A 97 26.68 -0.47 -1.30
CA SER A 97 27.71 -0.20 -0.30
C SER A 97 28.11 1.28 -0.33
N GLY A 98 28.98 1.66 0.59
CA GLY A 98 29.44 3.05 0.65
C GLY A 98 30.81 3.17 1.29
N PRO A 99 31.86 2.83 0.52
CA PRO A 99 33.24 2.90 0.99
C PRO A 99 33.72 4.33 1.17
N SER A 100 34.79 4.50 1.95
CA SER A 100 35.34 5.83 2.21
C SER A 100 35.66 6.54 0.90
N SER A 101 35.10 7.74 0.74
CA SER A 101 35.32 8.54 -0.46
C SER A 101 36.70 9.19 -0.43
N GLY A 102 37.47 8.99 -1.49
CA GLY A 102 38.80 9.56 -1.58
C GLY A 102 39.50 9.21 -2.87
N GLY A 1 -6.80 -10.17 -23.34
CA GLY A 1 -7.53 -11.16 -22.57
C GLY A 1 -6.64 -12.26 -22.03
N SER A 2 -7.02 -12.82 -20.89
CA SER A 2 -6.25 -13.89 -20.26
C SER A 2 -7.16 -15.03 -19.82
N SER A 3 -6.57 -16.20 -19.63
CA SER A 3 -7.32 -17.38 -19.22
C SER A 3 -6.58 -18.14 -18.13
N GLY A 4 -7.33 -18.93 -17.35
CA GLY A 4 -6.72 -19.70 -16.27
C GLY A 4 -6.81 -19.00 -14.94
N SER A 5 -5.85 -19.27 -14.06
CA SER A 5 -5.83 -18.66 -12.74
C SER A 5 -4.98 -17.38 -12.74
N SER A 6 -5.64 -16.26 -12.48
CA SER A 6 -4.95 -14.97 -12.45
C SER A 6 -4.11 -14.82 -11.18
N GLY A 7 -3.11 -13.96 -11.24
CA GLY A 7 -2.25 -13.73 -10.09
C GLY A 7 -1.15 -12.72 -10.37
N PRO A 8 -0.09 -12.77 -9.55
CA PRO A 8 1.04 -11.84 -9.69
C PRO A 8 1.87 -12.13 -10.94
N ASN A 9 1.71 -11.30 -11.96
CA ASN A 9 2.44 -11.47 -13.21
C ASN A 9 3.95 -11.51 -12.96
N ALA A 10 4.70 -11.94 -13.96
CA ALA A 10 6.16 -12.02 -13.86
C ALA A 10 6.79 -10.64 -14.00
N ARG A 11 6.30 -9.86 -14.94
CA ARG A 11 6.83 -8.51 -15.18
C ARG A 11 6.58 -7.62 -13.97
N SER A 12 5.40 -7.76 -13.36
CA SER A 12 5.04 -6.96 -12.20
C SER A 12 5.02 -7.81 -10.93
N GLN A 13 6.16 -7.88 -10.25
CA GLN A 13 6.26 -8.66 -9.02
C GLN A 13 5.51 -8.00 -7.88
N PRO A 14 4.83 -8.82 -7.07
CA PRO A 14 4.04 -8.32 -5.92
C PRO A 14 4.93 -7.79 -4.81
N SER A 15 4.30 -7.26 -3.75
CA SER A 15 5.03 -6.70 -2.62
C SER A 15 4.36 -7.07 -1.31
N LYS A 16 5.12 -7.02 -0.23
CA LYS A 16 4.60 -7.35 1.10
C LYS A 16 3.83 -6.17 1.69
N THR A 17 4.34 -4.96 1.45
CA THR A 17 3.71 -3.75 1.95
C THR A 17 2.87 -3.07 0.87
N LEU A 18 1.60 -2.85 1.19
CA LEU A 18 0.68 -2.20 0.24
C LEU A 18 0.67 -0.69 0.44
N PHE A 19 0.52 0.04 -0.66
CA PHE A 19 0.49 1.49 -0.60
C PHE A 19 -0.95 2.01 -0.61
N VAL A 20 -1.35 2.68 0.47
CA VAL A 20 -2.69 3.21 0.59
C VAL A 20 -2.69 4.73 0.48
N LYS A 21 -3.36 5.24 -0.55
CA LYS A 21 -3.44 6.68 -0.78
C LYS A 21 -4.89 7.14 -0.80
N GLY A 22 -5.12 8.38 -0.35
CA GLY A 22 -6.46 8.93 -0.32
C GLY A 22 -7.15 8.72 1.01
N LEU A 23 -6.44 9.02 2.09
CA LEU A 23 -6.98 8.87 3.43
C LEU A 23 -7.28 10.23 4.06
N SER A 24 -8.16 10.25 5.05
CA SER A 24 -8.53 11.49 5.73
C SER A 24 -7.46 11.89 6.75
N GLU A 25 -7.14 13.17 6.78
CA GLU A 25 -6.13 13.68 7.71
C GLU A 25 -6.27 13.03 9.08
N ASP A 26 -7.49 12.61 9.41
CA ASP A 26 -7.76 11.97 10.70
C ASP A 26 -7.43 10.48 10.63
N THR A 27 -7.69 9.87 9.49
CA THR A 27 -7.42 8.45 9.30
C THR A 27 -6.18 8.02 10.07
N THR A 28 -6.34 7.07 10.98
CA THR A 28 -5.23 6.56 11.78
C THR A 28 -4.82 5.16 11.33
N GLU A 29 -3.63 4.74 11.75
CA GLU A 29 -3.12 3.42 11.39
C GLU A 29 -4.05 2.33 11.89
N GLU A 30 -4.84 2.64 12.93
CA GLU A 30 -5.77 1.68 13.49
C GLU A 30 -6.88 1.35 12.49
N THR A 31 -7.52 2.39 11.96
CA THR A 31 -8.59 2.22 11.00
C THR A 31 -8.06 1.79 9.64
N LEU A 32 -6.77 2.00 9.43
CA LEU A 32 -6.13 1.63 8.17
C LEU A 32 -5.70 0.17 8.19
N LYS A 33 -5.33 -0.33 9.36
CA LYS A 33 -4.90 -1.71 9.52
C LYS A 33 -6.09 -2.66 9.42
N GLU A 34 -7.12 -2.41 10.21
CA GLU A 34 -8.32 -3.25 10.20
C GLU A 34 -8.94 -3.29 8.81
N SER A 35 -8.96 -2.15 8.14
CA SER A 35 -9.53 -2.06 6.81
C SER A 35 -9.20 -3.30 5.99
N PHE A 36 -8.06 -3.91 6.29
CA PHE A 36 -7.63 -5.11 5.58
C PHE A 36 -7.78 -6.34 6.47
N ASP A 37 -8.71 -7.22 6.10
CA ASP A 37 -8.95 -8.44 6.87
C ASP A 37 -7.84 -9.46 6.62
N GLY A 38 -6.71 -9.27 7.29
CA GLY A 38 -5.59 -10.18 7.13
C GLY A 38 -4.26 -9.54 7.47
N SER A 39 -4.15 -8.24 7.18
CA SER A 39 -2.91 -7.50 7.45
C SER A 39 -2.41 -7.79 8.86
N VAL A 40 -1.15 -7.44 9.11
CA VAL A 40 -0.55 -7.65 10.42
C VAL A 40 -0.22 -6.33 11.11
N ARG A 41 0.08 -5.32 10.29
CA ARG A 41 0.42 -4.00 10.81
C ARG A 41 0.07 -2.91 9.81
N ALA A 42 0.05 -1.67 10.27
CA ALA A 42 -0.27 -0.53 9.40
C ALA A 42 0.51 0.71 9.83
N ARG A 43 0.78 1.59 8.86
CA ARG A 43 1.52 2.81 9.13
C ARG A 43 0.97 3.97 8.30
N ILE A 44 1.02 5.18 8.86
CA ILE A 44 0.53 6.36 8.17
C ILE A 44 1.58 7.46 8.15
N VAL A 45 1.75 8.08 6.99
CA VAL A 45 2.74 9.15 6.84
C VAL A 45 2.19 10.47 7.39
N THR A 46 3.09 11.33 7.84
CA THR A 46 2.72 12.62 8.39
C THR A 46 3.62 13.74 7.87
N ASP A 47 3.12 14.97 7.90
CA ASP A 47 3.88 16.12 7.43
C ASP A 47 4.91 16.54 8.47
N ARG A 48 6.01 17.12 8.00
CA ARG A 48 7.07 17.57 8.89
C ARG A 48 6.85 19.01 9.32
N GLU A 49 5.86 19.65 8.71
CA GLU A 49 5.54 21.04 9.03
C GLU A 49 4.30 21.13 9.94
N THR A 50 3.23 20.45 9.52
CA THR A 50 1.99 20.45 10.29
C THR A 50 1.97 19.31 11.29
N GLY A 51 2.80 18.29 11.04
CA GLY A 51 2.85 17.15 11.95
C GLY A 51 1.55 16.38 11.98
N SER A 52 0.87 16.30 10.84
CA SER A 52 -0.39 15.59 10.75
C SER A 52 -0.36 14.58 9.60
N SER A 53 -1.31 13.65 9.62
CA SER A 53 -1.40 12.62 8.59
C SER A 53 -1.74 13.24 7.23
N LYS A 54 -0.77 13.23 6.32
CA LYS A 54 -0.98 13.79 4.99
C LYS A 54 -2.24 13.23 4.35
N GLY A 55 -2.32 11.91 4.29
CA GLY A 55 -3.48 11.26 3.70
C GLY A 55 -3.13 9.96 2.99
N PHE A 56 -2.14 9.25 3.52
CA PHE A 56 -1.71 7.99 2.93
C PHE A 56 -0.71 7.28 3.85
N GLY A 57 -0.59 5.96 3.66
CA GLY A 57 0.32 5.19 4.48
C GLY A 57 0.71 3.88 3.82
N PHE A 58 0.84 2.83 4.63
CA PHE A 58 1.23 1.51 4.12
C PHE A 58 0.76 0.42 5.07
N VAL A 59 0.27 -0.69 4.48
CA VAL A 59 -0.21 -1.81 5.28
C VAL A 59 0.73 -3.01 5.14
N ASP A 60 1.25 -3.47 6.28
CA ASP A 60 2.17 -4.61 6.29
C ASP A 60 1.38 -5.92 6.20
N PHE A 61 2.00 -6.92 5.58
CA PHE A 61 1.36 -8.23 5.44
C PHE A 61 2.37 -9.35 5.68
N ASN A 62 1.88 -10.46 6.23
CA ASN A 62 2.73 -11.61 6.51
C ASN A 62 3.49 -12.04 5.26
N SER A 63 2.90 -11.79 4.10
CA SER A 63 3.51 -12.16 2.83
C SER A 63 2.80 -11.49 1.67
N GLU A 64 3.48 -11.40 0.53
CA GLU A 64 2.91 -10.78 -0.66
C GLU A 64 1.53 -11.37 -0.97
N GLU A 65 1.44 -12.69 -0.94
CA GLU A 65 0.18 -13.37 -1.21
C GLU A 65 -0.96 -12.79 -0.38
N ASP A 66 -0.80 -12.81 0.93
CA ASP A 66 -1.81 -12.28 1.84
C ASP A 66 -2.13 -10.82 1.49
N ALA A 67 -1.10 -10.07 1.12
CA ALA A 67 -1.27 -8.67 0.77
C ALA A 67 -2.21 -8.51 -0.42
N LYS A 68 -2.05 -9.38 -1.42
CA LYS A 68 -2.88 -9.34 -2.61
C LYS A 68 -4.33 -9.68 -2.27
N ALA A 69 -4.54 -10.82 -1.65
CA ALA A 69 -5.88 -11.26 -1.27
C ALA A 69 -6.62 -10.16 -0.53
N ALA A 70 -5.88 -9.27 0.11
CA ALA A 70 -6.47 -8.15 0.84
C ALA A 70 -6.69 -6.95 -0.07
N LYS A 71 -5.93 -6.89 -1.15
CA LYS A 71 -6.03 -5.79 -2.10
C LYS A 71 -7.28 -5.94 -2.97
N GLU A 72 -7.49 -7.14 -3.50
CA GLU A 72 -8.65 -7.41 -4.34
C GLU A 72 -9.94 -7.06 -3.63
N ALA A 73 -9.94 -7.20 -2.30
CA ALA A 73 -11.12 -6.89 -1.50
C ALA A 73 -11.29 -5.38 -1.34
N MET A 74 -10.22 -4.71 -0.93
CA MET A 74 -10.27 -3.27 -0.74
C MET A 74 -10.03 -2.53 -2.05
N GLU A 75 -10.00 -3.29 -3.14
CA GLU A 75 -9.79 -2.71 -4.47
C GLU A 75 -10.66 -1.48 -4.67
N ASP A 76 -11.90 -1.55 -4.18
CA ASP A 76 -12.84 -0.44 -4.30
C ASP A 76 -13.36 -0.02 -2.94
N GLY A 77 -12.58 -0.27 -1.90
CA GLY A 77 -12.99 0.09 -0.56
C GLY A 77 -12.70 1.53 -0.22
N GLU A 78 -13.38 2.07 0.79
CA GLU A 78 -13.18 3.45 1.20
C GLU A 78 -13.06 3.55 2.72
N ILE A 79 -11.90 4.00 3.19
CA ILE A 79 -11.66 4.15 4.61
C ILE A 79 -12.14 5.50 5.12
N ASP A 80 -12.80 5.51 6.27
CA ASP A 80 -13.30 6.74 6.87
C ASP A 80 -14.20 7.48 5.88
N GLY A 81 -15.03 6.73 5.16
CA GLY A 81 -15.93 7.34 4.20
C GLY A 81 -15.18 8.00 3.05
N ASN A 82 -13.95 7.56 2.82
CA ASN A 82 -13.13 8.12 1.75
C ASN A 82 -12.53 7.01 0.89
N LYS A 83 -12.57 7.20 -0.43
CA LYS A 83 -12.03 6.22 -1.36
C LYS A 83 -10.51 6.13 -1.24
N VAL A 84 -10.00 4.91 -1.21
CA VAL A 84 -8.56 4.69 -1.10
C VAL A 84 -8.04 3.86 -2.28
N THR A 85 -6.82 4.14 -2.69
CA THR A 85 -6.20 3.43 -3.80
C THR A 85 -5.02 2.58 -3.34
N LEU A 86 -5.16 1.27 -3.44
CA LEU A 86 -4.12 0.34 -3.02
C LEU A 86 -3.18 0.02 -4.19
N ASP A 87 -1.88 0.17 -3.96
CA ASP A 87 -0.88 -0.11 -4.98
C ASP A 87 0.39 -0.70 -4.36
N TRP A 88 0.99 -1.65 -5.06
CA TRP A 88 2.21 -2.29 -4.58
C TRP A 88 3.34 -1.28 -4.43
N ALA A 89 3.95 -1.25 -3.26
CA ALA A 89 5.05 -0.33 -2.99
C ALA A 89 6.34 -0.79 -3.67
N LYS A 90 6.62 -0.21 -4.83
CA LYS A 90 7.83 -0.57 -5.58
C LYS A 90 8.90 0.50 -5.42
N PRO A 91 10.17 0.06 -5.36
CA PRO A 91 11.32 0.96 -5.20
C PRO A 91 11.56 1.80 -6.45
N LYS A 92 11.92 3.06 -6.24
CA LYS A 92 12.19 3.97 -7.35
C LYS A 92 13.68 4.18 -7.54
N GLY A 93 14.12 4.20 -8.79
CA GLY A 93 15.53 4.39 -9.08
C GLY A 93 15.80 4.62 -10.56
N GLU A 94 17.06 4.57 -10.95
CA GLU A 94 17.44 4.78 -12.34
C GLU A 94 16.54 3.99 -13.28
N GLY A 95 16.51 2.68 -13.11
CA GLY A 95 15.68 1.83 -13.95
C GLY A 95 15.80 0.36 -13.59
N GLY A 96 17.03 -0.14 -13.56
CA GLY A 96 17.26 -1.54 -13.23
C GLY A 96 18.50 -2.10 -13.91
N SER A 97 19.66 -1.87 -13.30
CA SER A 97 20.92 -2.35 -13.86
C SER A 97 21.66 -3.20 -12.84
N GLY A 98 22.84 -3.69 -13.23
CA GLY A 98 23.64 -4.50 -12.33
C GLY A 98 24.32 -5.65 -13.06
N PRO A 99 23.58 -6.74 -13.28
CA PRO A 99 24.09 -7.93 -13.96
C PRO A 99 24.35 -7.68 -15.45
N SER A 100 24.08 -6.46 -15.89
CA SER A 100 24.27 -6.09 -17.29
C SER A 100 25.69 -6.42 -17.74
N SER A 101 25.80 -7.00 -18.93
CA SER A 101 27.10 -7.37 -19.49
C SER A 101 28.17 -6.35 -19.09
N GLY A 102 27.85 -5.07 -19.25
CA GLY A 102 28.78 -4.02 -18.91
C GLY A 102 28.10 -2.79 -18.33
N GLY A 1 -16.57 3.43 -19.27
CA GLY A 1 -16.35 2.01 -19.42
C GLY A 1 -14.88 1.65 -19.55
N SER A 2 -14.09 2.02 -18.54
CA SER A 2 -12.66 1.76 -18.55
C SER A 2 -12.37 0.33 -18.08
N SER A 3 -11.45 -0.34 -18.77
CA SER A 3 -11.08 -1.71 -18.43
C SER A 3 -10.68 -1.82 -16.96
N GLY A 4 -10.60 -3.04 -16.47
CA GLY A 4 -10.23 -3.26 -15.08
C GLY A 4 -8.94 -4.05 -14.94
N SER A 5 -7.91 -3.62 -15.65
CA SER A 5 -6.61 -4.29 -15.60
C SER A 5 -6.01 -4.22 -14.20
N SER A 6 -5.68 -5.38 -13.64
CA SER A 6 -5.10 -5.44 -12.31
C SER A 6 -4.28 -6.72 -12.14
N GLY A 7 -3.62 -6.85 -10.99
CA GLY A 7 -2.80 -8.01 -10.72
C GLY A 7 -1.33 -7.76 -10.95
N PRO A 8 -0.48 -8.30 -10.06
CA PRO A 8 0.97 -8.13 -10.15
C PRO A 8 1.56 -8.90 -11.33
N ASN A 9 1.61 -8.25 -12.48
CA ASN A 9 2.16 -8.88 -13.68
C ASN A 9 3.38 -9.72 -13.34
N ALA A 10 3.56 -10.81 -14.09
CA ALA A 10 4.69 -11.70 -13.88
C ALA A 10 5.99 -10.92 -13.68
N ARG A 11 6.28 -10.03 -14.62
CA ARG A 11 7.49 -9.20 -14.55
C ARG A 11 7.48 -8.33 -13.30
N SER A 12 6.30 -7.88 -12.91
CA SER A 12 6.16 -7.03 -11.73
C SER A 12 5.65 -7.84 -10.54
N GLN A 13 6.58 -8.47 -9.83
CA GLN A 13 6.24 -9.28 -8.67
C GLN A 13 5.54 -8.44 -7.60
N PRO A 14 4.63 -9.05 -6.85
CA PRO A 14 3.88 -8.38 -5.78
C PRO A 14 4.76 -8.02 -4.59
N SER A 15 4.23 -7.21 -3.68
CA SER A 15 4.97 -6.79 -2.50
C SER A 15 4.23 -7.19 -1.23
N LYS A 16 4.95 -7.19 -0.11
CA LYS A 16 4.36 -7.56 1.18
C LYS A 16 3.57 -6.39 1.77
N THR A 17 4.10 -5.19 1.60
CA THR A 17 3.43 -3.99 2.12
C THR A 17 2.64 -3.28 1.02
N LEU A 18 1.38 -2.99 1.31
CA LEU A 18 0.52 -2.31 0.35
C LEU A 18 0.48 -0.81 0.61
N PHE A 19 0.49 -0.03 -0.47
CA PHE A 19 0.46 1.43 -0.34
C PHE A 19 -0.97 1.95 -0.43
N VAL A 20 -1.44 2.56 0.66
CA VAL A 20 -2.78 3.11 0.70
C VAL A 20 -2.76 4.62 0.61
N LYS A 21 -3.35 5.15 -0.46
CA LYS A 21 -3.41 6.59 -0.67
C LYS A 21 -4.85 7.07 -0.81
N GLY A 22 -5.11 8.30 -0.36
CA GLY A 22 -6.46 8.84 -0.44
C GLY A 22 -7.18 8.78 0.89
N LEU A 23 -6.43 8.85 1.98
CA LEU A 23 -7.02 8.80 3.32
C LEU A 23 -7.30 10.19 3.85
N SER A 24 -8.00 10.28 4.97
CA SER A 24 -8.34 11.55 5.58
C SER A 24 -7.31 11.93 6.65
N GLU A 25 -6.97 13.21 6.70
CA GLU A 25 -6.00 13.70 7.67
C GLU A 25 -6.24 13.08 9.04
N ASP A 26 -7.47 12.62 9.28
CA ASP A 26 -7.82 12.01 10.55
C ASP A 26 -7.56 10.50 10.52
N THR A 27 -7.75 9.90 9.35
CA THR A 27 -7.53 8.47 9.18
C THR A 27 -6.29 8.01 9.95
N THR A 28 -6.51 7.21 10.99
CA THR A 28 -5.42 6.70 11.81
C THR A 28 -5.00 5.30 11.36
N GLU A 29 -3.77 4.93 11.68
CA GLU A 29 -3.24 3.62 11.32
C GLU A 29 -4.18 2.51 11.79
N GLU A 30 -4.93 2.80 12.85
CA GLU A 30 -5.86 1.82 13.42
C GLU A 30 -6.95 1.47 12.40
N THR A 31 -7.65 2.49 11.91
CA THR A 31 -8.72 2.29 10.94
C THR A 31 -8.16 1.87 9.59
N LEU A 32 -6.86 2.07 9.40
CA LEU A 32 -6.21 1.71 8.15
C LEU A 32 -5.84 0.22 8.13
N LYS A 33 -5.45 -0.30 9.29
CA LYS A 33 -5.08 -1.71 9.42
C LYS A 33 -6.31 -2.60 9.30
N GLU A 34 -7.30 -2.37 10.16
CA GLU A 34 -8.52 -3.15 10.15
C GLU A 34 -9.12 -3.21 8.76
N SER A 35 -9.13 -2.08 8.07
CA SER A 35 -9.68 -2.00 6.72
C SER A 35 -9.34 -3.25 5.93
N PHE A 36 -8.14 -3.79 6.15
CA PHE A 36 -7.70 -5.00 5.46
C PHE A 36 -7.80 -6.22 6.36
N ASP A 37 -8.81 -7.04 6.13
CA ASP A 37 -9.02 -8.24 6.91
C ASP A 37 -7.90 -9.26 6.68
N GLY A 38 -6.93 -9.28 7.58
CA GLY A 38 -5.82 -10.20 7.46
C GLY A 38 -4.49 -9.56 7.85
N SER A 39 -4.29 -8.32 7.42
CA SER A 39 -3.06 -7.61 7.73
C SER A 39 -2.66 -7.80 9.19
N VAL A 40 -1.39 -7.55 9.49
CA VAL A 40 -0.88 -7.68 10.84
C VAL A 40 -0.71 -6.32 11.52
N ARG A 41 -0.35 -5.32 10.72
CA ARG A 41 -0.16 -3.97 11.25
C ARG A 41 -0.30 -2.94 10.13
N ALA A 42 -0.34 -1.67 10.51
CA ALA A 42 -0.47 -0.59 9.55
C ALA A 42 0.31 0.64 10.00
N ARG A 43 0.64 1.50 9.03
CA ARG A 43 1.39 2.72 9.32
C ARG A 43 0.91 3.88 8.47
N ILE A 44 1.07 5.10 8.98
CA ILE A 44 0.64 6.29 8.26
C ILE A 44 1.73 7.37 8.30
N VAL A 45 1.86 8.10 7.20
CA VAL A 45 2.85 9.17 7.11
C VAL A 45 2.29 10.50 7.60
N THR A 46 3.17 11.40 7.99
CA THR A 46 2.76 12.72 8.47
C THR A 46 3.71 13.80 7.99
N ASP A 47 3.22 15.04 7.97
CA ASP A 47 4.02 16.17 7.53
C ASP A 47 5.04 16.57 8.61
N ARG A 48 6.16 17.14 8.17
CA ARG A 48 7.20 17.55 9.10
C ARG A 48 7.00 19.01 9.52
N GLU A 49 6.16 19.72 8.78
CA GLU A 49 5.87 21.12 9.08
C GLU A 49 4.63 21.25 9.95
N THR A 50 3.52 20.71 9.46
CA THR A 50 2.26 20.77 10.19
C THR A 50 2.18 19.67 11.24
N GLY A 51 2.75 18.51 10.92
CA GLY A 51 2.73 17.39 11.84
C GLY A 51 1.40 16.68 11.88
N SER A 52 0.79 16.54 10.70
CA SER A 52 -0.52 15.88 10.60
C SER A 52 -0.52 14.85 9.47
N SER A 53 -1.21 13.74 9.69
CA SER A 53 -1.29 12.69 8.68
C SER A 53 -1.61 13.26 7.31
N LYS A 54 -0.64 13.22 6.40
CA LYS A 54 -0.82 13.73 5.05
C LYS A 54 -2.08 13.14 4.42
N GLY A 55 -2.24 11.83 4.54
CA GLY A 55 -3.40 11.17 3.97
C GLY A 55 -3.04 9.89 3.24
N PHE A 56 -1.97 9.25 3.68
CA PHE A 56 -1.51 8.00 3.06
C PHE A 56 -0.52 7.28 3.96
N GLY A 57 -0.51 5.95 3.87
CA GLY A 57 0.40 5.16 4.69
C GLY A 57 0.78 3.85 4.02
N PHE A 58 0.74 2.76 4.79
CA PHE A 58 1.08 1.45 4.28
C PHE A 58 0.48 0.35 5.14
N VAL A 59 0.33 -0.84 4.56
CA VAL A 59 -0.23 -1.98 5.28
C VAL A 59 0.73 -3.16 5.26
N ASP A 60 1.26 -3.51 6.43
CA ASP A 60 2.19 -4.62 6.56
C ASP A 60 1.44 -5.95 6.58
N PHE A 61 1.83 -6.86 5.69
CA PHE A 61 1.19 -8.17 5.62
C PHE A 61 2.18 -9.28 5.96
N ASN A 62 1.65 -10.44 6.32
CA ASN A 62 2.49 -11.59 6.66
C ASN A 62 3.26 -12.09 5.44
N SER A 63 2.64 -11.95 4.27
CA SER A 63 3.26 -12.40 3.03
C SER A 63 2.57 -11.76 1.82
N GLU A 64 3.33 -11.58 0.75
CA GLU A 64 2.80 -10.98 -0.47
C GLU A 64 1.41 -11.55 -0.79
N GLU A 65 1.32 -12.87 -0.84
CA GLU A 65 0.05 -13.53 -1.14
C GLU A 65 -1.09 -12.91 -0.34
N ASP A 66 -0.99 -13.00 0.99
CA ASP A 66 -2.02 -12.45 1.86
C ASP A 66 -2.30 -11.00 1.52
N ALA A 67 -1.26 -10.26 1.19
CA ALA A 67 -1.39 -8.85 0.84
C ALA A 67 -2.27 -8.67 -0.39
N LYS A 68 -1.96 -9.41 -1.45
CA LYS A 68 -2.73 -9.33 -2.68
C LYS A 68 -4.20 -9.65 -2.43
N ALA A 69 -4.46 -10.81 -1.82
CA ALA A 69 -5.82 -11.23 -1.52
C ALA A 69 -6.59 -10.12 -0.82
N ALA A 70 -5.88 -9.29 -0.07
CA ALA A 70 -6.50 -8.19 0.65
C ALA A 70 -6.68 -6.97 -0.25
N LYS A 71 -5.83 -6.87 -1.26
CA LYS A 71 -5.90 -5.75 -2.20
C LYS A 71 -7.17 -5.83 -3.05
N GLU A 72 -7.43 -7.02 -3.60
CA GLU A 72 -8.61 -7.22 -4.43
C GLU A 72 -9.88 -6.92 -3.66
N ALA A 73 -9.83 -7.11 -2.33
CA ALA A 73 -10.97 -6.85 -1.48
C ALA A 73 -11.21 -5.35 -1.31
N MET A 74 -10.17 -4.63 -0.89
CA MET A 74 -10.27 -3.19 -0.69
C MET A 74 -9.99 -2.45 -1.99
N GLU A 75 -9.94 -3.19 -3.10
CA GLU A 75 -9.68 -2.59 -4.40
C GLU A 75 -10.53 -1.35 -4.61
N ASP A 76 -11.82 -1.45 -4.33
CA ASP A 76 -12.74 -0.34 -4.48
C ASP A 76 -13.31 0.09 -3.13
N GLY A 77 -12.57 -0.21 -2.07
CA GLY A 77 -13.02 0.16 -0.73
C GLY A 77 -12.72 1.60 -0.40
N GLU A 78 -13.42 2.12 0.61
CA GLU A 78 -13.24 3.50 1.02
C GLU A 78 -13.14 3.61 2.54
N ILE A 79 -12.00 4.07 3.03
CA ILE A 79 -11.79 4.21 4.46
C ILE A 79 -12.29 5.57 4.96
N ASP A 80 -12.93 5.57 6.12
CA ASP A 80 -13.47 6.80 6.70
C ASP A 80 -14.27 7.58 5.68
N GLY A 81 -15.12 6.88 4.94
CA GLY A 81 -15.95 7.52 3.94
C GLY A 81 -15.12 8.20 2.86
N ASN A 82 -13.93 7.68 2.61
CA ASN A 82 -13.05 8.23 1.60
C ASN A 82 -12.45 7.13 0.73
N LYS A 83 -12.51 7.32 -0.58
CA LYS A 83 -11.98 6.34 -1.53
C LYS A 83 -10.46 6.23 -1.39
N VAL A 84 -9.98 5.00 -1.26
CA VAL A 84 -8.54 4.76 -1.13
C VAL A 84 -8.03 3.88 -2.27
N THR A 85 -6.78 4.12 -2.67
CA THR A 85 -6.17 3.34 -3.75
C THR A 85 -4.99 2.53 -3.24
N LEU A 86 -5.07 1.21 -3.43
CA LEU A 86 -4.01 0.32 -2.99
C LEU A 86 -3.03 0.02 -4.13
N ASP A 87 -1.75 0.17 -3.86
CA ASP A 87 -0.72 -0.08 -4.86
C ASP A 87 0.52 -0.69 -4.22
N TRP A 88 1.16 -1.62 -4.94
CA TRP A 88 2.36 -2.27 -4.43
C TRP A 88 3.49 -1.26 -4.22
N ALA A 89 3.75 -0.92 -2.96
CA ALA A 89 4.80 0.03 -2.63
C ALA A 89 6.01 -0.15 -3.55
N LYS A 90 6.34 0.90 -4.29
CA LYS A 90 7.48 0.87 -5.21
C LYS A 90 8.70 1.52 -4.59
N PRO A 91 9.87 0.90 -4.79
CA PRO A 91 11.14 1.40 -4.25
C PRO A 91 11.59 2.68 -4.94
N LYS A 92 12.70 3.25 -4.48
CA LYS A 92 13.24 4.47 -5.05
C LYS A 92 14.65 4.26 -5.56
N GLY A 93 15.17 3.04 -5.39
CA GLY A 93 16.51 2.72 -5.84
C GLY A 93 16.52 1.77 -7.02
N GLU A 94 17.27 2.12 -8.05
CA GLU A 94 17.36 1.29 -9.25
C GLU A 94 18.17 0.03 -8.98
N GLY A 95 19.39 0.22 -8.47
CA GLY A 95 20.25 -0.91 -8.18
C GLY A 95 20.71 -0.92 -6.73
N GLY A 96 20.75 -2.12 -6.13
CA GLY A 96 21.17 -2.23 -4.75
C GLY A 96 21.90 -3.54 -4.48
N SER A 97 23.19 -3.57 -4.78
CA SER A 97 24.00 -4.77 -4.57
C SER A 97 25.38 -4.40 -4.03
N GLY A 98 26.19 -5.42 -3.79
CA GLY A 98 27.54 -5.19 -3.26
C GLY A 98 28.56 -6.13 -3.86
N PRO A 99 29.21 -5.69 -4.94
CA PRO A 99 30.23 -6.49 -5.64
C PRO A 99 31.50 -6.64 -4.80
N SER A 100 32.50 -7.31 -5.37
CA SER A 100 33.77 -7.54 -4.69
C SER A 100 34.94 -7.23 -5.61
N SER A 101 36.14 -7.20 -5.03
CA SER A 101 37.35 -6.91 -5.81
C SER A 101 37.23 -5.55 -6.51
N GLY A 102 36.63 -4.59 -5.82
CA GLY A 102 36.46 -3.27 -6.38
C GLY A 102 37.79 -2.57 -6.61
N GLY A 1 -11.55 2.56 -19.88
CA GLY A 1 -10.13 2.78 -19.96
C GLY A 1 -9.42 2.51 -18.64
N SER A 2 -8.48 1.57 -18.66
CA SER A 2 -7.73 1.20 -17.46
C SER A 2 -6.30 0.83 -17.80
N SER A 3 -5.41 0.94 -16.82
CA SER A 3 -4.01 0.61 -17.02
C SER A 3 -3.39 0.03 -15.75
N GLY A 4 -2.39 -0.83 -15.91
CA GLY A 4 -1.74 -1.43 -14.77
C GLY A 4 -0.33 -0.92 -14.56
N SER A 5 -0.15 -0.07 -13.57
CA SER A 5 1.17 0.50 -13.28
C SER A 5 1.87 -0.30 -12.19
N SER A 6 3.02 -0.88 -12.54
CA SER A 6 3.79 -1.68 -11.59
C SER A 6 3.02 -2.91 -11.16
N GLY A 7 2.42 -3.59 -12.13
CA GLY A 7 1.65 -4.79 -11.83
C GLY A 7 2.53 -5.99 -11.55
N PRO A 8 2.03 -6.90 -10.71
CA PRO A 8 2.75 -8.12 -10.34
C PRO A 8 2.89 -9.10 -11.50
N ASN A 9 1.91 -9.08 -12.41
CA ASN A 9 1.92 -9.96 -13.56
C ASN A 9 3.33 -10.20 -14.06
N ALA A 10 4.11 -9.13 -14.18
CA ALA A 10 5.48 -9.22 -14.65
C ALA A 10 6.29 -10.17 -13.78
N ARG A 11 7.24 -10.86 -14.39
CA ARG A 11 8.09 -11.81 -13.68
C ARG A 11 8.46 -11.27 -12.29
N SER A 12 8.50 -9.95 -12.17
CA SER A 12 8.84 -9.31 -10.91
C SER A 12 7.83 -9.67 -9.83
N GLN A 13 8.34 -10.24 -8.73
CA GLN A 13 7.48 -10.64 -7.62
C GLN A 13 6.81 -9.42 -6.98
N PRO A 14 5.62 -9.64 -6.38
CA PRO A 14 4.85 -8.58 -5.74
C PRO A 14 5.52 -8.09 -4.46
N SER A 15 4.84 -7.19 -3.75
CA SER A 15 5.37 -6.64 -2.50
C SER A 15 4.52 -7.08 -1.31
N LYS A 16 5.15 -7.17 -0.14
CA LYS A 16 4.45 -7.58 1.07
C LYS A 16 3.67 -6.41 1.66
N THR A 17 4.18 -5.20 1.47
CA THR A 17 3.53 -4.01 1.99
C THR A 17 2.71 -3.31 0.91
N LEU A 18 1.47 -3.00 1.25
CA LEU A 18 0.57 -2.34 0.31
C LEU A 18 0.52 -0.83 0.57
N PHE A 19 0.72 -0.05 -0.50
CA PHE A 19 0.71 1.40 -0.38
C PHE A 19 -0.72 1.95 -0.47
N VAL A 20 -1.16 2.63 0.58
CA VAL A 20 -2.49 3.20 0.62
C VAL A 20 -2.46 4.71 0.48
N LYS A 21 -3.02 5.22 -0.62
CA LYS A 21 -3.04 6.66 -0.87
C LYS A 21 -4.48 7.15 -1.02
N GLY A 22 -4.76 8.31 -0.43
CA GLY A 22 -6.10 8.87 -0.51
C GLY A 22 -6.84 8.78 0.81
N LEU A 23 -6.12 8.96 1.92
CA LEU A 23 -6.71 8.88 3.24
C LEU A 23 -7.05 10.29 3.76
N SER A 24 -7.71 10.34 4.91
CA SER A 24 -8.11 11.61 5.51
C SER A 24 -7.10 12.04 6.59
N GLU A 25 -6.81 13.34 6.63
CA GLU A 25 -5.87 13.87 7.61
C GLU A 25 -6.09 13.23 8.98
N ASP A 26 -7.29 12.72 9.21
CA ASP A 26 -7.63 12.09 10.48
C ASP A 26 -7.35 10.59 10.43
N THR A 27 -7.54 10.00 9.26
CA THR A 27 -7.30 8.57 9.08
C THR A 27 -6.13 8.10 9.93
N THR A 28 -6.40 7.15 10.82
CA THR A 28 -5.38 6.60 11.70
C THR A 28 -4.95 5.21 11.25
N GLU A 29 -3.76 4.79 11.69
CA GLU A 29 -3.23 3.48 11.34
C GLU A 29 -4.19 2.37 11.76
N GLU A 30 -4.96 2.65 12.82
CA GLU A 30 -5.92 1.67 13.34
C GLU A 30 -7.01 1.37 12.30
N THR A 31 -7.61 2.43 11.77
CA THR A 31 -8.67 2.29 10.78
C THR A 31 -8.10 1.85 9.44
N LEU A 32 -6.79 2.02 9.27
CA LEU A 32 -6.12 1.63 8.02
C LEU A 32 -5.79 0.15 8.02
N LYS A 33 -5.36 -0.37 9.17
CA LYS A 33 -5.01 -1.77 9.30
C LYS A 33 -6.25 -2.66 9.16
N GLU A 34 -7.24 -2.40 10.01
CA GLU A 34 -8.48 -3.17 9.98
C GLU A 34 -9.04 -3.25 8.57
N SER A 35 -9.07 -2.11 7.88
CA SER A 35 -9.59 -2.05 6.53
C SER A 35 -9.24 -3.32 5.75
N PHE A 36 -8.10 -3.90 6.08
CA PHE A 36 -7.64 -5.12 5.42
C PHE A 36 -7.82 -6.33 6.32
N ASP A 37 -8.77 -7.20 5.96
CA ASP A 37 -9.04 -8.40 6.73
C ASP A 37 -7.93 -9.43 6.57
N GLY A 38 -6.91 -9.33 7.42
CA GLY A 38 -5.80 -10.26 7.35
C GLY A 38 -4.49 -9.63 7.76
N SER A 39 -4.27 -8.38 7.34
CA SER A 39 -3.05 -7.66 7.66
C SER A 39 -2.68 -7.85 9.13
N VAL A 40 -1.44 -7.50 9.47
CA VAL A 40 -0.97 -7.63 10.84
C VAL A 40 -0.75 -6.26 11.48
N ARG A 41 -0.27 -5.32 10.69
CA ARG A 41 -0.02 -3.97 11.18
C ARG A 41 -0.15 -2.95 10.05
N ALA A 42 -0.29 -1.68 10.42
CA ALA A 42 -0.42 -0.61 9.44
C ALA A 42 0.36 0.63 9.85
N ARG A 43 0.70 1.47 8.89
CA ARG A 43 1.46 2.68 9.15
C ARG A 43 0.95 3.84 8.31
N ILE A 44 1.12 5.06 8.80
CA ILE A 44 0.68 6.25 8.09
C ILE A 44 1.74 7.34 8.12
N VAL A 45 1.92 8.03 7.01
CA VAL A 45 2.90 9.10 6.92
C VAL A 45 2.33 10.42 7.42
N THR A 46 3.20 11.30 7.91
CA THR A 46 2.79 12.59 8.42
C THR A 46 3.75 13.69 7.99
N ASP A 47 3.26 14.93 7.96
CA ASP A 47 4.08 16.07 7.57
C ASP A 47 5.09 16.41 8.65
N ARG A 48 6.16 17.10 8.26
CA ARG A 48 7.20 17.47 9.20
C ARG A 48 6.97 18.89 9.74
N GLU A 49 6.20 19.67 9.00
CA GLU A 49 5.89 21.04 9.40
C GLU A 49 4.68 21.08 10.33
N THR A 50 3.64 20.35 9.96
CA THR A 50 2.42 20.30 10.75
C THR A 50 2.44 19.13 11.73
N GLY A 51 3.10 18.04 11.32
CA GLY A 51 3.19 16.86 12.17
C GLY A 51 1.88 16.10 12.24
N SER A 52 1.18 16.04 11.11
CA SER A 52 -0.10 15.34 11.05
C SER A 52 -0.15 14.40 9.86
N SER A 53 -1.12 13.50 9.85
CA SER A 53 -1.27 12.53 8.77
C SER A 53 -1.49 13.24 7.44
N LYS A 54 -0.55 13.07 6.53
CA LYS A 54 -0.64 13.70 5.20
C LYS A 54 -1.88 13.23 4.46
N GLY A 55 -2.05 11.90 4.41
CA GLY A 55 -3.21 11.34 3.72
C GLY A 55 -2.88 10.06 2.99
N PHE A 56 -1.95 9.28 3.54
CA PHE A 56 -1.54 8.02 2.93
C PHE A 56 -0.55 7.28 3.83
N GLY A 57 -0.49 5.96 3.66
CA GLY A 57 0.41 5.15 4.46
C GLY A 57 0.74 3.83 3.80
N PHE A 58 0.75 2.76 4.60
CA PHE A 58 1.06 1.43 4.10
C PHE A 58 0.44 0.37 4.99
N VAL A 59 0.28 -0.83 4.44
CA VAL A 59 -0.29 -1.95 5.18
C VAL A 59 0.64 -3.16 5.17
N ASP A 60 1.14 -3.53 6.35
CA ASP A 60 2.04 -4.66 6.47
C ASP A 60 1.26 -5.97 6.43
N PHE A 61 1.85 -6.97 5.79
CA PHE A 61 1.22 -8.28 5.67
C PHE A 61 2.22 -9.40 5.96
N ASN A 62 1.70 -10.53 6.45
CA ASN A 62 2.55 -11.67 6.77
C ASN A 62 3.36 -12.11 5.55
N SER A 63 2.74 -12.01 4.37
CA SER A 63 3.40 -12.40 3.13
C SER A 63 2.74 -11.72 1.93
N GLU A 64 3.47 -11.65 0.82
CA GLU A 64 2.96 -11.02 -0.39
C GLU A 64 1.58 -11.57 -0.75
N GLU A 65 1.45 -12.89 -0.71
CA GLU A 65 0.19 -13.54 -1.04
C GLU A 65 -0.96 -12.92 -0.24
N ASP A 66 -0.89 -13.02 1.08
CA ASP A 66 -1.92 -12.47 1.96
C ASP A 66 -2.20 -11.01 1.60
N ALA A 67 -1.16 -10.29 1.22
CA ALA A 67 -1.31 -8.88 0.86
C ALA A 67 -2.16 -8.72 -0.40
N LYS A 68 -1.80 -9.47 -1.45
CA LYS A 68 -2.53 -9.41 -2.70
C LYS A 68 -4.01 -9.70 -2.49
N ALA A 69 -4.30 -10.84 -1.88
CA ALA A 69 -5.68 -11.24 -1.61
C ALA A 69 -6.42 -10.14 -0.85
N ALA A 70 -5.69 -9.36 -0.06
CA ALA A 70 -6.28 -8.28 0.72
C ALA A 70 -6.42 -7.01 -0.14
N LYS A 71 -5.64 -6.94 -1.21
CA LYS A 71 -5.69 -5.79 -2.11
C LYS A 71 -6.96 -5.80 -2.94
N GLU A 72 -7.29 -6.95 -3.50
CA GLU A 72 -8.48 -7.10 -4.33
C GLU A 72 -9.74 -6.75 -3.53
N ALA A 73 -9.70 -7.03 -2.24
CA ALA A 73 -10.84 -6.76 -1.36
C ALA A 73 -11.05 -5.26 -1.20
N MET A 74 -9.99 -4.55 -0.84
CA MET A 74 -10.05 -3.10 -0.65
C MET A 74 -9.78 -2.37 -1.96
N GLU A 75 -9.69 -3.12 -3.05
CA GLU A 75 -9.42 -2.55 -4.36
C GLU A 75 -10.22 -1.26 -4.56
N ASP A 76 -11.53 -1.34 -4.33
CA ASP A 76 -12.39 -0.18 -4.48
C ASP A 76 -12.95 0.26 -3.13
N GLY A 77 -12.24 -0.08 -2.05
CA GLY A 77 -12.68 0.28 -0.73
C GLY A 77 -12.37 1.73 -0.38
N GLU A 78 -13.08 2.26 0.60
CA GLU A 78 -12.88 3.65 1.01
C GLU A 78 -12.79 3.75 2.54
N ILE A 79 -11.65 4.19 3.03
CA ILE A 79 -11.43 4.34 4.47
C ILE A 79 -11.97 5.67 4.97
N ASP A 80 -12.66 5.64 6.10
CA ASP A 80 -13.23 6.86 6.68
C ASP A 80 -14.07 7.61 5.66
N GLY A 81 -14.86 6.88 4.88
CA GLY A 81 -15.69 7.50 3.87
C GLY A 81 -14.88 8.14 2.76
N ASN A 82 -13.65 7.69 2.59
CA ASN A 82 -12.77 8.23 1.56
C ASN A 82 -12.19 7.12 0.70
N LYS A 83 -12.26 7.28 -0.62
CA LYS A 83 -11.74 6.29 -1.55
C LYS A 83 -10.22 6.21 -1.46
N VAL A 84 -9.71 4.99 -1.27
CA VAL A 84 -8.27 4.78 -1.17
C VAL A 84 -7.77 3.88 -2.30
N THR A 85 -6.55 4.14 -2.74
CA THR A 85 -5.95 3.36 -3.83
C THR A 85 -4.77 2.52 -3.31
N LEU A 86 -4.89 1.21 -3.46
CA LEU A 86 -3.83 0.30 -3.01
C LEU A 86 -2.89 -0.03 -4.16
N ASP A 87 -1.59 0.13 -3.91
CA ASP A 87 -0.58 -0.15 -4.91
C ASP A 87 0.67 -0.76 -4.27
N TRP A 88 1.31 -1.68 -4.98
CA TRP A 88 2.51 -2.34 -4.48
C TRP A 88 3.64 -1.33 -4.28
N ALA A 89 4.26 -1.37 -3.11
CA ALA A 89 5.36 -0.45 -2.79
C ALA A 89 6.69 -1.00 -3.31
N LYS A 90 6.97 -0.74 -4.59
CA LYS A 90 8.21 -1.20 -5.20
C LYS A 90 8.42 -0.54 -6.56
N PRO A 91 9.67 -0.18 -6.86
CA PRO A 91 10.05 0.46 -8.12
C PRO A 91 9.93 -0.48 -9.30
N LYS A 92 10.03 0.07 -10.51
CA LYS A 92 9.93 -0.72 -11.73
C LYS A 92 11.09 -1.71 -11.82
N GLY A 93 11.00 -2.63 -12.78
CA GLY A 93 12.05 -3.63 -12.95
C GLY A 93 12.11 -4.16 -14.36
N GLU A 94 13.31 -4.28 -14.90
CA GLU A 94 13.50 -4.78 -16.25
C GLU A 94 14.70 -5.73 -16.32
N GLY A 95 14.94 -6.29 -17.51
CA GLY A 95 16.05 -7.21 -17.69
C GLY A 95 15.77 -8.58 -17.09
N GLY A 96 16.71 -9.49 -17.28
CA GLY A 96 16.55 -10.84 -16.75
C GLY A 96 17.76 -11.71 -16.99
N SER A 97 18.87 -11.36 -16.36
CA SER A 97 20.11 -12.12 -16.52
C SER A 97 20.21 -13.22 -15.47
N GLY A 98 20.79 -14.35 -15.86
CA GLY A 98 20.94 -15.47 -14.95
C GLY A 98 21.06 -16.80 -15.66
N PRO A 99 22.24 -17.05 -16.25
CA PRO A 99 22.51 -18.29 -16.98
C PRO A 99 22.60 -19.50 -16.05
N SER A 100 21.50 -20.26 -15.99
CA SER A 100 21.44 -21.44 -15.14
C SER A 100 21.30 -22.71 -15.99
N SER A 101 22.41 -23.36 -16.27
CA SER A 101 22.40 -24.59 -17.06
C SER A 101 23.76 -25.28 -17.00
N GLY A 102 23.78 -26.56 -17.36
CA GLY A 102 25.02 -27.32 -17.35
C GLY A 102 24.79 -28.80 -17.57
N GLY A 1 -3.61 -10.79 -27.07
CA GLY A 1 -2.17 -10.68 -26.91
C GLY A 1 -1.58 -11.84 -26.15
N SER A 2 -2.19 -12.17 -25.01
CA SER A 2 -1.71 -13.26 -24.18
C SER A 2 -2.80 -14.31 -23.97
N SER A 3 -2.45 -15.39 -23.28
CA SER A 3 -3.40 -16.47 -23.01
C SER A 3 -3.74 -16.54 -21.54
N GLY A 4 -4.89 -16.00 -21.17
CA GLY A 4 -5.31 -16.01 -19.77
C GLY A 4 -4.53 -15.03 -18.93
N SER A 5 -4.95 -14.87 -17.68
CA SER A 5 -4.29 -13.95 -16.76
C SER A 5 -4.38 -14.46 -15.33
N SER A 6 -3.23 -14.75 -14.73
CA SER A 6 -3.18 -15.24 -13.35
C SER A 6 -2.00 -14.65 -12.61
N GLY A 7 -2.26 -14.13 -11.41
CA GLY A 7 -1.21 -13.55 -10.60
C GLY A 7 -1.56 -12.16 -10.11
N PRO A 8 -0.54 -11.37 -9.77
CA PRO A 8 -0.72 -10.01 -9.27
C PRO A 8 -1.23 -9.06 -10.35
N ASN A 9 -1.66 -7.86 -9.93
CA ASN A 9 -2.16 -6.87 -10.87
C ASN A 9 -1.12 -5.78 -11.12
N ALA A 10 0.12 -6.20 -11.36
CA ALA A 10 1.20 -5.26 -11.62
C ALA A 10 2.29 -5.90 -12.47
N ARG A 11 2.86 -5.12 -13.38
CA ARG A 11 3.91 -5.61 -14.27
C ARG A 11 5.06 -6.21 -13.46
N SER A 12 5.58 -5.44 -12.51
CA SER A 12 6.68 -5.89 -11.67
C SER A 12 6.17 -6.73 -10.50
N GLN A 13 7.00 -7.67 -10.05
CA GLN A 13 6.62 -8.54 -8.93
C GLN A 13 5.87 -7.76 -7.86
N PRO A 14 5.03 -8.47 -7.09
CA PRO A 14 4.24 -7.87 -6.01
C PRO A 14 5.11 -7.44 -4.83
N SER A 15 4.46 -6.99 -3.77
CA SER A 15 5.17 -6.54 -2.58
C SER A 15 4.43 -6.96 -1.31
N LYS A 16 5.13 -6.91 -0.18
CA LYS A 16 4.53 -7.29 1.09
C LYS A 16 3.77 -6.11 1.71
N THR A 17 4.26 -4.90 1.46
CA THR A 17 3.63 -3.69 1.97
C THR A 17 2.73 -3.04 0.93
N LEU A 18 1.47 -2.82 1.29
CA LEU A 18 0.51 -2.21 0.38
C LEU A 18 0.43 -0.70 0.61
N PHE A 19 0.60 0.06 -0.46
CA PHE A 19 0.55 1.51 -0.39
C PHE A 19 -0.89 2.02 -0.45
N VAL A 20 -1.30 2.75 0.58
CA VAL A 20 -2.65 3.29 0.64
C VAL A 20 -2.64 4.80 0.52
N LYS A 21 -3.25 5.31 -0.55
CA LYS A 21 -3.31 6.75 -0.79
C LYS A 21 -4.76 7.22 -0.86
N GLY A 22 -5.02 8.41 -0.31
CA GLY A 22 -6.37 8.95 -0.32
C GLY A 22 -7.07 8.79 1.01
N LEU A 23 -6.34 9.01 2.10
CA LEU A 23 -6.91 8.89 3.44
C LEU A 23 -7.25 10.26 4.02
N SER A 24 -8.03 10.27 5.09
CA SER A 24 -8.43 11.50 5.73
C SER A 24 -7.38 11.95 6.75
N GLU A 25 -7.14 13.26 6.81
CA GLU A 25 -6.15 13.82 7.73
C GLU A 25 -6.32 13.21 9.12
N ASP A 26 -7.50 12.67 9.39
CA ASP A 26 -7.79 12.06 10.69
C ASP A 26 -7.50 10.56 10.64
N THR A 27 -7.66 9.95 9.47
CA THR A 27 -7.41 8.53 9.31
C THR A 27 -6.20 8.08 10.11
N THR A 28 -6.42 7.14 11.02
CA THR A 28 -5.35 6.62 11.85
C THR A 28 -4.90 5.23 11.40
N GLU A 29 -3.68 4.86 11.73
CA GLU A 29 -3.15 3.55 11.35
C GLU A 29 -4.05 2.43 11.84
N GLU A 30 -4.82 2.71 12.88
CA GLU A 30 -5.74 1.73 13.45
C GLU A 30 -6.86 1.39 12.45
N THR A 31 -7.51 2.42 11.94
CA THR A 31 -8.60 2.24 10.98
C THR A 31 -8.06 1.82 9.62
N LEU A 32 -6.82 2.19 9.33
CA LEU A 32 -6.19 1.86 8.06
C LEU A 32 -5.84 0.38 8.00
N LYS A 33 -5.41 -0.16 9.15
CA LYS A 33 -5.04 -1.58 9.22
C LYS A 33 -6.26 -2.47 9.10
N GLU A 34 -7.16 -2.38 10.08
CA GLU A 34 -8.38 -3.18 10.08
C GLU A 34 -8.98 -3.25 8.68
N SER A 35 -9.10 -2.09 8.03
CA SER A 35 -9.66 -2.02 6.68
C SER A 35 -9.29 -3.27 5.88
N PHE A 36 -8.06 -3.73 6.04
CA PHE A 36 -7.59 -4.92 5.34
C PHE A 36 -7.65 -6.15 6.23
N ASP A 37 -8.62 -7.01 5.97
CA ASP A 37 -8.79 -8.23 6.74
C ASP A 37 -7.66 -9.22 6.45
N GLY A 38 -6.66 -9.26 7.32
CA GLY A 38 -5.54 -10.17 7.13
C GLY A 38 -4.22 -9.55 7.56
N SER A 39 -4.00 -8.30 7.16
CA SER A 39 -2.76 -7.60 7.49
C SER A 39 -2.40 -7.81 8.97
N VAL A 40 -1.17 -7.46 9.32
CA VAL A 40 -0.70 -7.62 10.69
C VAL A 40 -0.50 -6.26 11.36
N ARG A 41 -0.15 -5.26 10.55
CA ARG A 41 0.07 -3.92 11.07
C ARG A 41 -0.12 -2.88 9.96
N ALA A 42 -0.11 -1.60 10.35
CA ALA A 42 -0.28 -0.51 9.39
C ALA A 42 0.46 0.74 9.85
N ARG A 43 0.85 1.58 8.89
CA ARG A 43 1.57 2.80 9.20
C ARG A 43 1.02 3.97 8.38
N ILE A 44 1.07 5.16 8.96
CA ILE A 44 0.58 6.36 8.29
C ILE A 44 1.62 7.47 8.31
N VAL A 45 1.75 8.18 7.19
CA VAL A 45 2.71 9.27 7.08
C VAL A 45 2.12 10.57 7.62
N THR A 46 3.00 11.47 8.06
CA THR A 46 2.58 12.75 8.60
C THR A 46 3.50 13.87 8.15
N ASP A 47 2.97 15.09 8.12
CA ASP A 47 3.76 16.26 7.70
C ASP A 47 4.78 16.62 8.77
N ARG A 48 5.83 17.32 8.36
CA ARG A 48 6.88 17.73 9.28
C ARG A 48 6.63 19.15 9.79
N GLU A 49 5.83 19.90 9.05
CA GLU A 49 5.50 21.28 9.43
C GLU A 49 4.25 21.32 10.30
N THR A 50 3.14 20.80 9.76
CA THR A 50 1.88 20.79 10.48
C THR A 50 1.83 19.62 11.46
N GLY A 51 2.46 18.52 11.10
CA GLY A 51 2.47 17.35 11.96
C GLY A 51 1.14 16.62 11.96
N SER A 52 0.54 16.48 10.78
CA SER A 52 -0.75 15.81 10.65
C SER A 52 -0.72 14.79 9.51
N SER A 53 -1.44 13.70 9.68
CA SER A 53 -1.49 12.65 8.67
C SER A 53 -1.74 13.24 7.28
N LYS A 54 -0.70 13.25 6.46
CA LYS A 54 -0.80 13.80 5.10
C LYS A 54 -2.05 13.27 4.40
N GLY A 55 -2.24 11.96 4.45
CA GLY A 55 -3.39 11.35 3.81
C GLY A 55 -3.05 10.05 3.11
N PHE A 56 -2.06 9.33 3.65
CA PHE A 56 -1.63 8.06 3.06
C PHE A 56 -0.60 7.37 3.94
N GLY A 57 -0.51 6.05 3.81
CA GLY A 57 0.44 5.30 4.60
C GLY A 57 0.84 3.99 3.94
N PHE A 58 0.80 2.90 4.71
CA PHE A 58 1.16 1.59 4.19
C PHE A 58 0.59 0.49 5.06
N VAL A 59 0.36 -0.68 4.46
CA VAL A 59 -0.17 -1.83 5.19
C VAL A 59 0.77 -3.02 5.12
N ASP A 60 1.27 -3.43 6.29
CA ASP A 60 2.19 -4.56 6.35
C ASP A 60 1.43 -5.88 6.35
N PHE A 61 1.93 -6.85 5.60
CA PHE A 61 1.30 -8.16 5.51
C PHE A 61 2.31 -9.28 5.77
N ASN A 62 1.81 -10.44 6.16
CA ASN A 62 2.66 -11.58 6.45
C ASN A 62 3.46 -11.98 5.21
N SER A 63 2.88 -11.75 4.04
CA SER A 63 3.54 -12.07 2.78
C SER A 63 2.81 -11.45 1.59
N GLU A 64 3.52 -11.27 0.48
CA GLU A 64 2.94 -10.68 -0.71
C GLU A 64 1.58 -11.32 -1.02
N GLU A 65 1.49 -12.64 -0.85
CA GLU A 65 0.25 -13.35 -1.11
C GLU A 65 -0.91 -12.75 -0.33
N ASP A 66 -0.82 -12.82 1.00
CA ASP A 66 -1.85 -12.28 1.86
C ASP A 66 -2.19 -10.84 1.49
N ALA A 67 -1.16 -10.07 1.16
CA ALA A 67 -1.34 -8.67 0.78
C ALA A 67 -2.23 -8.55 -0.45
N LYS A 68 -1.92 -9.31 -1.49
CA LYS A 68 -2.70 -9.29 -2.72
C LYS A 68 -4.17 -9.57 -2.44
N ALA A 69 -4.44 -10.70 -1.78
CA ALA A 69 -5.81 -11.08 -1.45
C ALA A 69 -6.52 -9.95 -0.71
N ALA A 70 -5.76 -9.14 0.01
CA ALA A 70 -6.33 -8.02 0.75
C ALA A 70 -6.51 -6.79 -0.14
N LYS A 71 -5.77 -6.76 -1.25
CA LYS A 71 -5.85 -5.65 -2.19
C LYS A 71 -7.13 -5.73 -3.02
N GLU A 72 -7.43 -6.91 -3.53
CA GLU A 72 -8.63 -7.11 -4.33
C GLU A 72 -9.88 -6.79 -3.53
N ALA A 73 -9.83 -7.02 -2.23
CA ALA A 73 -10.96 -6.76 -1.35
C ALA A 73 -11.17 -5.26 -1.18
N MET A 74 -10.12 -4.54 -0.81
CA MET A 74 -10.19 -3.10 -0.61
C MET A 74 -9.85 -2.36 -1.90
N GLU A 75 -9.68 -3.11 -2.98
CA GLU A 75 -9.34 -2.52 -4.27
C GLU A 75 -10.15 -1.24 -4.52
N ASP A 76 -11.46 -1.33 -4.31
CA ASP A 76 -12.34 -0.18 -4.50
C ASP A 76 -13.00 0.22 -3.19
N GLY A 77 -12.35 -0.12 -2.08
CA GLY A 77 -12.88 0.21 -0.77
C GLY A 77 -12.61 1.65 -0.38
N GLU A 78 -13.33 2.14 0.63
CA GLU A 78 -13.15 3.51 1.09
C GLU A 78 -13.03 3.56 2.61
N ILE A 79 -11.93 4.11 3.09
CA ILE A 79 -11.68 4.21 4.52
C ILE A 79 -12.18 5.55 5.07
N ASP A 80 -12.85 5.49 6.22
CA ASP A 80 -13.38 6.70 6.84
C ASP A 80 -14.22 7.51 5.85
N GLY A 81 -15.04 6.81 5.09
CA GLY A 81 -15.88 7.48 4.11
C GLY A 81 -15.08 8.16 3.01
N ASN A 82 -13.88 7.65 2.77
CA ASN A 82 -13.00 8.21 1.75
C ASN A 82 -12.41 7.11 0.88
N LYS A 83 -12.46 7.30 -0.43
CA LYS A 83 -11.93 6.34 -1.37
C LYS A 83 -10.42 6.24 -1.26
N VAL A 84 -9.90 5.01 -1.17
CA VAL A 84 -8.47 4.78 -1.06
C VAL A 84 -7.96 3.92 -2.21
N THR A 85 -6.75 4.22 -2.67
CA THR A 85 -6.14 3.47 -3.77
C THR A 85 -4.98 2.62 -3.28
N LEU A 86 -5.10 1.31 -3.46
CA LEU A 86 -4.06 0.38 -3.03
C LEU A 86 -3.08 0.09 -4.17
N ASP A 87 -1.78 0.23 -3.89
CA ASP A 87 -0.75 -0.01 -4.88
C ASP A 87 0.50 -0.59 -4.24
N TRP A 88 1.15 -1.51 -4.94
CA TRP A 88 2.36 -2.14 -4.43
C TRP A 88 3.48 -1.12 -4.27
N ALA A 89 3.83 -0.83 -3.01
CA ALA A 89 4.88 0.14 -2.72
C ALA A 89 6.07 -0.05 -3.66
N LYS A 90 6.41 1.00 -4.39
CA LYS A 90 7.53 0.96 -5.33
C LYS A 90 8.86 0.94 -4.58
N PRO A 91 9.84 0.21 -5.14
CA PRO A 91 11.18 0.09 -4.54
C PRO A 91 11.97 1.39 -4.64
N LYS A 92 13.08 1.45 -3.91
CA LYS A 92 13.92 2.64 -3.92
C LYS A 92 14.72 2.74 -5.22
N GLY A 93 15.37 3.89 -5.42
CA GLY A 93 16.15 4.09 -6.62
C GLY A 93 17.55 3.52 -6.51
N GLU A 94 18.28 3.52 -7.62
CA GLU A 94 19.64 3.00 -7.64
C GLU A 94 20.51 3.77 -8.63
N GLY A 95 21.80 3.47 -8.63
CA GLY A 95 22.73 4.14 -9.52
C GLY A 95 24.17 4.02 -9.07
N GLY A 96 24.71 2.81 -9.14
CA GLY A 96 26.08 2.58 -8.73
C GLY A 96 26.42 3.26 -7.42
N SER A 97 27.38 4.17 -7.46
CA SER A 97 27.80 4.89 -6.25
C SER A 97 27.19 6.29 -6.21
N GLY A 98 26.46 6.57 -5.13
CA GLY A 98 25.84 7.87 -4.99
C GLY A 98 26.78 9.01 -5.32
N PRO A 99 26.23 10.07 -5.92
CA PRO A 99 27.02 11.25 -6.31
C PRO A 99 27.48 12.06 -5.10
N SER A 100 26.88 11.78 -3.95
CA SER A 100 27.23 12.49 -2.72
C SER A 100 28.64 12.11 -2.26
N SER A 101 28.82 10.84 -1.91
CA SER A 101 30.12 10.35 -1.46
C SER A 101 30.88 9.68 -2.59
N GLY A 102 31.69 10.46 -3.30
CA GLY A 102 32.46 9.91 -4.40
C GLY A 102 33.39 8.79 -3.98
N GLY A 1 -3.31 -3.29 -21.69
CA GLY A 1 -3.63 -2.66 -20.42
C GLY A 1 -3.49 -1.16 -20.48
N SER A 2 -4.47 -0.49 -21.06
CA SER A 2 -4.44 0.97 -21.18
C SER A 2 -4.74 1.62 -19.84
N SER A 3 -5.79 1.15 -19.18
CA SER A 3 -6.19 1.69 -17.89
C SER A 3 -6.38 0.58 -16.86
N GLY A 4 -6.06 0.87 -15.60
CA GLY A 4 -6.19 -0.12 -14.55
C GLY A 4 -5.41 -1.38 -14.83
N SER A 5 -4.40 -1.63 -14.01
CA SER A 5 -3.56 -2.82 -14.18
C SER A 5 -3.80 -3.82 -13.05
N SER A 6 -3.65 -5.10 -13.37
CA SER A 6 -3.85 -6.16 -12.38
C SER A 6 -2.57 -6.95 -12.17
N GLY A 7 -2.63 -7.91 -11.25
CA GLY A 7 -1.46 -8.72 -10.95
C GLY A 7 -0.27 -7.91 -10.47
N PRO A 8 0.84 -8.59 -10.20
CA PRO A 8 2.07 -7.94 -9.72
C PRO A 8 2.73 -7.08 -10.79
N ASN A 9 3.77 -6.35 -10.41
CA ASN A 9 4.49 -5.49 -11.35
C ASN A 9 4.95 -6.29 -12.56
N ALA A 10 5.28 -5.57 -13.64
CA ALA A 10 5.73 -6.20 -14.87
C ALA A 10 7.02 -7.00 -14.63
N ARG A 11 7.03 -8.25 -15.10
CA ARG A 11 8.19 -9.11 -14.94
C ARG A 11 8.88 -8.86 -13.60
N SER A 12 8.08 -8.56 -12.58
CA SER A 12 8.60 -8.29 -11.25
C SER A 12 7.64 -8.80 -10.18
N GLN A 13 8.20 -9.47 -9.17
CA GLN A 13 7.39 -10.02 -8.08
C GLN A 13 6.66 -8.91 -7.34
N PRO A 14 5.58 -9.28 -6.64
CA PRO A 14 4.76 -8.34 -5.87
C PRO A 14 5.51 -7.80 -4.65
N SER A 15 4.77 -7.12 -3.77
CA SER A 15 5.35 -6.55 -2.56
C SER A 15 4.57 -6.99 -1.33
N LYS A 16 5.27 -7.06 -0.20
CA LYS A 16 4.64 -7.47 1.06
C LYS A 16 3.88 -6.31 1.69
N THR A 17 4.34 -5.09 1.43
CA THR A 17 3.70 -3.90 1.96
C THR A 17 2.78 -3.26 0.94
N LEU A 18 1.54 -3.03 1.32
CA LEU A 18 0.56 -2.42 0.43
C LEU A 18 0.48 -0.91 0.64
N PHE A 19 0.61 -0.15 -0.43
CA PHE A 19 0.57 1.31 -0.36
C PHE A 19 -0.87 1.80 -0.39
N VAL A 20 -1.27 2.52 0.65
CA VAL A 20 -2.63 3.06 0.75
C VAL A 20 -2.62 4.57 0.69
N LYS A 21 -3.21 5.12 -0.38
CA LYS A 21 -3.28 6.57 -0.55
C LYS A 21 -4.73 7.04 -0.63
N GLY A 22 -4.96 8.28 -0.23
CA GLY A 22 -6.30 8.84 -0.27
C GLY A 22 -7.01 8.72 1.08
N LEU A 23 -6.27 8.92 2.15
CA LEU A 23 -6.84 8.83 3.50
C LEU A 23 -7.10 10.21 4.07
N SER A 24 -8.04 10.30 5.00
CA SER A 24 -8.39 11.57 5.63
C SER A 24 -7.42 11.90 6.75
N GLU A 25 -7.06 13.18 6.85
CA GLU A 25 -6.12 13.63 7.87
C GLU A 25 -6.42 12.97 9.21
N ASP A 26 -7.67 12.53 9.39
CA ASP A 26 -8.09 11.88 10.63
C ASP A 26 -7.75 10.39 10.59
N THR A 27 -7.92 9.78 9.42
CA THR A 27 -7.63 8.36 9.26
C THR A 27 -6.42 7.94 10.09
N THR A 28 -6.63 6.98 10.99
CA THR A 28 -5.56 6.49 11.84
C THR A 28 -5.08 5.11 11.41
N GLU A 29 -3.85 4.79 11.74
CA GLU A 29 -3.28 3.49 11.38
C GLU A 29 -4.16 2.34 11.86
N GLU A 30 -4.95 2.61 12.90
CA GLU A 30 -5.85 1.60 13.45
C GLU A 30 -6.96 1.27 12.46
N THR A 31 -7.62 2.30 11.94
CA THR A 31 -8.69 2.11 10.97
C THR A 31 -8.16 1.68 9.61
N LEU A 32 -6.87 1.91 9.40
CA LEU A 32 -6.24 1.55 8.12
C LEU A 32 -5.87 0.07 8.10
N LYS A 33 -5.41 -0.43 9.25
CA LYS A 33 -5.02 -1.84 9.36
C LYS A 33 -6.24 -2.74 9.24
N GLU A 34 -7.23 -2.53 10.10
CA GLU A 34 -8.44 -3.33 10.09
C GLU A 34 -9.04 -3.38 8.68
N SER A 35 -9.05 -2.24 8.00
CA SER A 35 -9.60 -2.17 6.65
C SER A 35 -9.22 -3.40 5.84
N PHE A 36 -8.12 -4.04 6.21
CA PHE A 36 -7.65 -5.24 5.52
C PHE A 36 -7.75 -6.46 6.42
N ASP A 37 -8.74 -7.30 6.16
CA ASP A 37 -8.95 -8.52 6.95
C ASP A 37 -7.81 -9.51 6.72
N GLY A 38 -6.81 -9.46 7.60
CA GLY A 38 -5.68 -10.37 7.49
C GLY A 38 -4.37 -9.69 7.85
N SER A 39 -4.17 -8.48 7.35
CA SER A 39 -2.95 -7.73 7.64
C SER A 39 -2.51 -7.93 9.08
N VAL A 40 -1.22 -7.68 9.35
CA VAL A 40 -0.69 -7.83 10.70
C VAL A 40 -0.49 -6.47 11.36
N ARG A 41 -0.11 -5.48 10.56
CA ARG A 41 0.12 -4.13 11.07
C ARG A 41 -0.09 -3.10 9.97
N ALA A 42 -0.17 -1.82 10.36
CA ALA A 42 -0.36 -0.73 9.41
C ALA A 42 0.38 0.51 9.85
N ARG A 43 0.69 1.38 8.89
CA ARG A 43 1.41 2.62 9.19
C ARG A 43 0.83 3.78 8.37
N ILE A 44 0.94 4.99 8.92
CA ILE A 44 0.44 6.18 8.25
C ILE A 44 1.45 7.32 8.32
N VAL A 45 1.69 7.96 7.18
CA VAL A 45 2.63 9.07 7.12
C VAL A 45 2.06 10.32 7.76
N THR A 46 2.94 11.22 8.20
CA THR A 46 2.51 12.46 8.84
C THR A 46 3.40 13.63 8.43
N ASP A 47 2.83 14.82 8.40
CA ASP A 47 3.57 16.01 8.02
C ASP A 47 4.47 16.48 9.18
N ARG A 48 5.64 17.00 8.82
CA ARG A 48 6.60 17.48 9.81
C ARG A 48 6.36 18.95 10.13
N GLU A 49 5.55 19.60 9.31
CA GLU A 49 5.25 21.01 9.50
C GLU A 49 4.04 21.20 10.41
N THR A 50 3.08 20.29 10.29
CA THR A 50 1.87 20.34 11.10
C THR A 50 1.83 19.20 12.11
N GLY A 51 2.32 18.03 11.69
CA GLY A 51 2.34 16.88 12.58
C GLY A 51 1.06 16.07 12.49
N SER A 52 0.38 16.15 11.35
CA SER A 52 -0.86 15.43 11.14
C SER A 52 -0.73 14.44 9.99
N SER A 53 -1.67 13.50 9.90
CA SER A 53 -1.66 12.50 8.85
C SER A 53 -1.84 13.14 7.47
N LYS A 54 -0.82 13.04 6.64
CA LYS A 54 -0.87 13.60 5.29
C LYS A 54 -2.09 13.09 4.53
N GLY A 55 -2.27 11.77 4.54
CA GLY A 55 -3.40 11.16 3.85
C GLY A 55 -3.02 9.91 3.10
N PHE A 56 -2.07 9.16 3.65
CA PHE A 56 -1.62 7.92 3.02
C PHE A 56 -0.64 7.18 3.94
N GLY A 57 -0.58 5.87 3.78
CA GLY A 57 0.31 5.07 4.60
C GLY A 57 0.69 3.76 3.93
N PHE A 58 0.85 2.71 4.73
CA PHE A 58 1.22 1.39 4.21
C PHE A 58 0.70 0.29 5.11
N VAL A 59 0.27 -0.82 4.51
CA VAL A 59 -0.25 -1.95 5.24
C VAL A 59 0.70 -3.15 5.18
N ASP A 60 1.26 -3.52 6.32
CA ASP A 60 2.18 -4.64 6.38
C ASP A 60 1.43 -5.97 6.33
N PHE A 61 2.00 -6.94 5.61
CA PHE A 61 1.38 -8.25 5.47
C PHE A 61 2.41 -9.36 5.71
N ASN A 62 1.93 -10.51 6.16
CA ASN A 62 2.80 -11.65 6.44
C ASN A 62 3.58 -12.04 5.18
N SER A 63 2.97 -11.83 4.03
CA SER A 63 3.62 -12.16 2.76
C SER A 63 2.86 -11.56 1.58
N GLU A 64 3.56 -11.29 0.49
CA GLU A 64 2.95 -10.72 -0.71
C GLU A 64 1.59 -11.36 -0.98
N GLU A 65 1.54 -12.68 -0.88
CA GLU A 65 0.30 -13.42 -1.13
C GLU A 65 -0.84 -12.84 -0.31
N ASP A 66 -0.73 -12.94 1.01
CA ASP A 66 -1.75 -12.42 1.92
C ASP A 66 -2.12 -10.98 1.55
N ALA A 67 -1.12 -10.21 1.13
CA ALA A 67 -1.35 -8.82 0.75
C ALA A 67 -2.27 -8.72 -0.45
N LYS A 68 -1.96 -9.47 -1.51
CA LYS A 68 -2.76 -9.47 -2.72
C LYS A 68 -4.23 -9.77 -2.40
N ALA A 69 -4.46 -10.90 -1.76
CA ALA A 69 -5.81 -11.31 -1.39
C ALA A 69 -6.53 -10.20 -0.63
N ALA A 70 -5.76 -9.36 0.05
CA ALA A 70 -6.33 -8.26 0.82
C ALA A 70 -6.54 -7.03 -0.06
N LYS A 71 -5.76 -6.94 -1.13
CA LYS A 71 -5.87 -5.82 -2.06
C LYS A 71 -7.17 -5.89 -2.86
N GLU A 72 -7.45 -7.06 -3.42
CA GLU A 72 -8.66 -7.27 -4.20
C GLU A 72 -9.91 -6.93 -3.38
N ALA A 73 -9.86 -7.25 -2.09
CA ALA A 73 -10.97 -6.98 -1.20
C ALA A 73 -11.23 -5.49 -1.06
N MET A 74 -10.21 -4.75 -0.64
CA MET A 74 -10.33 -3.31 -0.47
C MET A 74 -10.09 -2.59 -1.80
N GLU A 75 -9.98 -3.35 -2.87
CA GLU A 75 -9.76 -2.79 -4.20
C GLU A 75 -10.57 -1.52 -4.39
N ASP A 76 -11.87 -1.61 -4.16
CA ASP A 76 -12.77 -0.46 -4.31
C ASP A 76 -13.31 -0.02 -2.96
N GLY A 77 -12.55 -0.32 -1.89
CA GLY A 77 -12.98 0.06 -0.56
C GLY A 77 -12.66 1.51 -0.23
N GLU A 78 -13.34 2.05 0.77
CA GLU A 78 -13.13 3.42 1.18
C GLU A 78 -13.05 3.55 2.70
N ILE A 79 -11.90 3.99 3.19
CA ILE A 79 -11.69 4.14 4.62
C ILE A 79 -12.14 5.52 5.10
N ASP A 80 -12.81 5.55 6.25
CA ASP A 80 -13.29 6.80 6.81
C ASP A 80 -14.17 7.55 5.81
N GLY A 81 -14.97 6.80 5.05
CA GLY A 81 -15.84 7.41 4.06
C GLY A 81 -15.08 8.05 2.92
N ASN A 82 -13.83 7.61 2.74
CA ASN A 82 -12.98 8.15 1.68
C ASN A 82 -12.39 7.02 0.83
N LYS A 83 -12.51 7.15 -0.49
CA LYS A 83 -11.98 6.15 -1.40
C LYS A 83 -10.46 6.07 -1.31
N VAL A 84 -9.94 4.86 -1.12
CA VAL A 84 -8.50 4.65 -1.03
C VAL A 84 -7.98 3.83 -2.21
N THR A 85 -6.75 4.09 -2.60
CA THR A 85 -6.13 3.38 -3.71
C THR A 85 -4.98 2.51 -3.24
N LEU A 86 -5.13 1.19 -3.41
CA LEU A 86 -4.10 0.25 -3.00
C LEU A 86 -3.14 -0.04 -4.14
N ASP A 87 -1.83 0.07 -3.86
CA ASP A 87 -0.82 -0.18 -4.86
C ASP A 87 0.44 -0.75 -4.22
N TRP A 88 1.13 -1.63 -4.95
CA TRP A 88 2.34 -2.25 -4.45
C TRP A 88 3.47 -1.22 -4.32
N ALA A 89 3.96 -1.05 -3.09
CA ALA A 89 5.04 -0.10 -2.83
C ALA A 89 6.30 -0.48 -3.60
N LYS A 90 6.87 0.50 -4.30
CA LYS A 90 8.09 0.28 -5.07
C LYS A 90 9.13 1.34 -4.78
N PRO A 91 10.38 0.90 -4.51
CA PRO A 91 11.48 1.81 -4.20
C PRO A 91 11.92 2.62 -5.42
N LYS A 92 12.27 3.88 -5.19
CA LYS A 92 12.71 4.76 -6.26
C LYS A 92 14.19 4.54 -6.57
N GLY A 93 14.48 4.06 -7.77
CA GLY A 93 15.85 3.81 -8.17
C GLY A 93 15.95 3.04 -9.47
N GLU A 94 16.53 3.68 -10.48
CA GLU A 94 16.69 3.04 -11.79
C GLU A 94 18.01 3.46 -12.44
N GLY A 95 18.33 2.82 -13.57
CA GLY A 95 19.56 3.14 -14.26
C GLY A 95 19.84 2.19 -15.41
N GLY A 96 21.10 1.84 -15.61
CA GLY A 96 21.48 0.94 -16.68
C GLY A 96 22.94 0.56 -16.65
N SER A 97 23.69 1.06 -17.62
CA SER A 97 25.12 0.78 -17.70
C SER A 97 25.36 -0.67 -18.13
N GLY A 98 24.59 -1.12 -19.11
CA GLY A 98 24.74 -2.48 -19.60
C GLY A 98 24.59 -2.58 -21.10
N PRO A 99 25.67 -2.28 -21.83
CA PRO A 99 25.68 -2.33 -23.30
C PRO A 99 25.59 -3.75 -23.83
N SER A 100 25.09 -3.89 -25.05
CA SER A 100 24.95 -5.20 -25.68
C SER A 100 26.19 -5.55 -26.50
N SER A 101 27.03 -6.43 -25.94
CA SER A 101 28.25 -6.86 -26.61
C SER A 101 28.49 -8.34 -26.41
N GLY A 102 28.56 -9.09 -27.51
CA GLY A 102 28.79 -10.52 -27.44
C GLY A 102 29.52 -11.05 -28.64
N GLY A 1 -2.09 -5.00 -15.72
CA GLY A 1 -1.57 -6.09 -16.51
C GLY A 1 -0.48 -5.64 -17.46
N SER A 2 0.65 -6.35 -17.44
CA SER A 2 1.78 -6.02 -18.30
C SER A 2 1.50 -6.45 -19.75
N SER A 3 0.95 -7.64 -19.90
CA SER A 3 0.64 -8.17 -21.23
C SER A 3 -0.53 -9.15 -21.16
N GLY A 4 -1.41 -9.09 -22.16
CA GLY A 4 -2.55 -9.99 -22.19
C GLY A 4 -3.13 -10.23 -20.82
N SER A 5 -3.00 -11.45 -20.32
CA SER A 5 -3.51 -11.82 -19.01
C SER A 5 -3.05 -10.83 -17.95
N SER A 6 -3.92 -10.57 -16.97
CA SER A 6 -3.60 -9.64 -15.89
C SER A 6 -3.23 -10.39 -14.61
N GLY A 7 -2.32 -9.80 -13.84
CA GLY A 7 -1.90 -10.43 -12.60
C GLY A 7 -0.54 -9.93 -12.14
N PRO A 8 -0.37 -9.83 -10.81
CA PRO A 8 0.88 -9.36 -10.21
C PRO A 8 2.02 -10.36 -10.39
N ASN A 9 1.67 -11.65 -10.47
CA ASN A 9 2.66 -12.71 -10.65
C ASN A 9 3.34 -12.60 -12.01
N ALA A 10 2.54 -12.73 -13.08
CA ALA A 10 3.05 -12.64 -14.43
C ALA A 10 4.20 -11.64 -14.52
N ARG A 11 3.87 -10.37 -14.39
CA ARG A 11 4.88 -9.31 -14.47
C ARG A 11 4.67 -8.28 -13.35
N SER A 12 5.71 -7.51 -13.06
CA SER A 12 5.64 -6.49 -12.02
C SER A 12 5.33 -7.12 -10.67
N GLN A 13 6.15 -8.10 -10.27
CA GLN A 13 5.97 -8.78 -9.00
C GLN A 13 5.42 -7.83 -7.94
N PRO A 14 4.51 -8.34 -7.11
CA PRO A 14 3.89 -7.55 -6.04
C PRO A 14 4.87 -7.22 -4.92
N SER A 15 4.35 -6.67 -3.83
CA SER A 15 5.18 -6.31 -2.68
C SER A 15 4.49 -6.67 -1.37
N LYS A 16 5.29 -6.86 -0.32
CA LYS A 16 4.75 -7.21 0.98
C LYS A 16 4.04 -6.02 1.62
N THR A 17 4.47 -4.81 1.24
CA THR A 17 3.87 -3.59 1.78
C THR A 17 2.92 -2.96 0.78
N LEU A 18 1.67 -2.77 1.19
CA LEU A 18 0.66 -2.17 0.33
C LEU A 18 0.59 -0.65 0.53
N PHE A 19 0.71 0.09 -0.57
CA PHE A 19 0.66 1.54 -0.50
C PHE A 19 -0.79 2.04 -0.52
N VAL A 20 -1.21 2.64 0.58
CA VAL A 20 -2.57 3.16 0.70
C VAL A 20 -2.59 4.68 0.59
N LYS A 21 -3.06 5.18 -0.54
CA LYS A 21 -3.13 6.63 -0.77
C LYS A 21 -4.57 7.08 -0.94
N GLY A 22 -4.88 8.28 -0.46
CA GLY A 22 -6.22 8.80 -0.57
C GLY A 22 -6.99 8.72 0.73
N LEU A 23 -6.27 8.81 1.85
CA LEU A 23 -6.90 8.74 3.17
C LEU A 23 -7.26 10.13 3.67
N SER A 24 -8.07 10.18 4.72
CA SER A 24 -8.50 11.45 5.30
C SER A 24 -7.55 11.89 6.40
N GLU A 25 -7.28 13.20 6.45
CA GLU A 25 -6.39 13.75 7.46
C GLU A 25 -6.65 13.12 8.83
N ASP A 26 -7.86 12.61 9.01
CA ASP A 26 -8.24 11.97 10.27
C ASP A 26 -7.85 10.50 10.27
N THR A 27 -7.97 9.86 9.11
CA THR A 27 -7.64 8.44 8.98
C THR A 27 -6.47 8.08 9.87
N THR A 28 -6.65 7.04 10.70
CA THR A 28 -5.60 6.59 11.61
C THR A 28 -5.09 5.21 11.21
N GLU A 29 -3.88 4.89 11.65
CA GLU A 29 -3.27 3.60 11.33
C GLU A 29 -4.15 2.45 11.81
N GLU A 30 -4.97 2.72 12.83
CA GLU A 30 -5.86 1.71 13.38
C GLU A 30 -6.93 1.31 12.36
N THR A 31 -7.58 2.31 11.78
CA THR A 31 -8.63 2.06 10.80
C THR A 31 -8.04 1.63 9.46
N LEU A 32 -6.75 1.94 9.27
CA LEU A 32 -6.07 1.58 8.04
C LEU A 32 -5.67 0.11 8.03
N LYS A 33 -5.27 -0.39 9.20
CA LYS A 33 -4.87 -1.78 9.34
C LYS A 33 -6.07 -2.72 9.18
N GLU A 34 -7.11 -2.46 9.96
CA GLU A 34 -8.32 -3.27 9.91
C GLU A 34 -8.90 -3.30 8.50
N SER A 35 -8.89 -2.13 7.85
CA SER A 35 -9.42 -2.01 6.49
C SER A 35 -9.08 -3.25 5.66
N PHE A 36 -7.96 -3.88 6.00
CA PHE A 36 -7.52 -5.08 5.28
C PHE A 36 -7.65 -6.31 6.17
N ASP A 37 -8.60 -7.18 5.84
CA ASP A 37 -8.81 -8.40 6.61
C ASP A 37 -7.70 -9.40 6.35
N GLY A 38 -6.65 -9.34 7.16
CA GLY A 38 -5.54 -10.26 7.00
C GLY A 38 -4.20 -9.62 7.37
N SER A 39 -4.07 -8.33 7.08
CA SER A 39 -2.84 -7.61 7.39
C SER A 39 -2.39 -7.88 8.81
N VAL A 40 -1.20 -7.41 9.16
CA VAL A 40 -0.65 -7.60 10.50
C VAL A 40 -0.41 -6.27 11.19
N ARG A 41 -0.02 -5.26 10.40
CA ARG A 41 0.25 -3.94 10.95
C ARG A 41 0.00 -2.86 9.90
N ALA A 42 -0.11 -1.61 10.34
CA ALA A 42 -0.35 -0.49 9.45
C ALA A 42 0.53 0.70 9.80
N ARG A 43 0.78 1.56 8.82
CA ARG A 43 1.61 2.73 9.02
C ARG A 43 1.05 3.93 8.27
N ILE A 44 1.13 5.11 8.90
CA ILE A 44 0.63 6.33 8.30
C ILE A 44 1.68 7.44 8.32
N VAL A 45 1.80 8.16 7.22
CA VAL A 45 2.77 9.24 7.11
C VAL A 45 2.21 10.54 7.70
N THR A 46 3.12 11.41 8.15
CA THR A 46 2.71 12.68 8.75
C THR A 46 3.67 13.80 8.34
N ASP A 47 3.18 15.03 8.35
CA ASP A 47 4.00 16.18 8.00
C ASP A 47 4.97 16.53 9.11
N ARG A 48 6.04 17.23 8.76
CA ARG A 48 7.05 17.63 9.74
C ARG A 48 6.74 19.01 10.31
N GLU A 49 5.84 19.73 9.65
CA GLU A 49 5.47 21.07 10.09
C GLU A 49 4.19 21.03 10.92
N THR A 50 3.13 20.48 10.33
CA THR A 50 1.84 20.37 11.01
C THR A 50 1.81 19.17 11.94
N GLY A 51 2.54 18.12 11.58
CA GLY A 51 2.58 16.92 12.40
C GLY A 51 1.28 16.14 12.35
N SER A 52 0.57 16.26 11.23
CA SER A 52 -0.70 15.56 11.06
C SER A 52 -0.62 14.55 9.92
N SER A 53 -1.61 13.67 9.84
CA SER A 53 -1.64 12.65 8.80
C SER A 53 -1.84 13.27 7.43
N LYS A 54 -0.83 13.15 6.57
CA LYS A 54 -0.89 13.70 5.23
C LYS A 54 -2.10 13.16 4.47
N GLY A 55 -2.34 11.86 4.61
CA GLY A 55 -3.46 11.24 3.93
C GLY A 55 -3.06 9.99 3.17
N PHE A 56 -2.00 9.33 3.64
CA PHE A 56 -1.52 8.11 3.01
C PHE A 56 -0.57 7.35 3.92
N GLY A 57 -0.43 6.05 3.67
CA GLY A 57 0.45 5.24 4.49
C GLY A 57 0.82 3.93 3.82
N PHE A 58 0.95 2.87 4.61
CA PHE A 58 1.30 1.56 4.09
C PHE A 58 0.80 0.45 5.02
N VAL A 59 0.45 -0.69 4.44
CA VAL A 59 -0.04 -1.82 5.20
C VAL A 59 0.89 -3.02 5.07
N ASP A 60 1.52 -3.40 6.18
CA ASP A 60 2.43 -4.54 6.19
C ASP A 60 1.67 -5.86 6.19
N PHE A 61 2.25 -6.86 5.56
CA PHE A 61 1.62 -8.18 5.48
C PHE A 61 2.64 -9.29 5.68
N ASN A 62 2.17 -10.46 6.06
CA ASN A 62 3.05 -11.61 6.29
C ASN A 62 3.73 -12.03 5.00
N SER A 63 3.06 -11.82 3.87
CA SER A 63 3.61 -12.18 2.57
C SER A 63 2.81 -11.53 1.44
N GLU A 64 3.49 -11.24 0.34
CA GLU A 64 2.84 -10.61 -0.82
C GLU A 64 1.50 -11.27 -1.11
N GLU A 65 1.44 -12.59 -0.96
CA GLU A 65 0.22 -13.34 -1.20
C GLU A 65 -0.94 -12.79 -0.37
N ASP A 66 -0.77 -12.81 0.95
CA ASP A 66 -1.79 -12.31 1.87
C ASP A 66 -2.16 -10.87 1.54
N ALA A 67 -1.15 -10.09 1.15
CA ALA A 67 -1.35 -8.69 0.82
C ALA A 67 -2.28 -8.54 -0.38
N LYS A 68 -2.13 -9.44 -1.35
CA LYS A 68 -2.96 -9.42 -2.56
C LYS A 68 -4.41 -9.74 -2.22
N ALA A 69 -4.62 -10.81 -1.48
CA ALA A 69 -5.96 -11.22 -1.09
C ALA A 69 -6.73 -10.07 -0.45
N ALA A 70 -5.99 -9.11 0.10
CA ALA A 70 -6.61 -7.95 0.74
C ALA A 70 -6.80 -6.81 -0.25
N LYS A 71 -5.89 -6.73 -1.23
CA LYS A 71 -5.95 -5.69 -2.25
C LYS A 71 -7.17 -5.87 -3.14
N GLU A 72 -7.46 -7.12 -3.50
CA GLU A 72 -8.61 -7.43 -4.35
C GLU A 72 -9.91 -7.03 -3.66
N ALA A 73 -9.93 -7.11 -2.34
CA ALA A 73 -11.11 -6.75 -1.57
C ALA A 73 -11.21 -5.25 -1.36
N MET A 74 -10.11 -4.65 -0.92
CA MET A 74 -10.07 -3.21 -0.69
C MET A 74 -9.68 -2.45 -1.96
N GLU A 75 -9.74 -3.15 -3.09
CA GLU A 75 -9.39 -2.56 -4.38
C GLU A 75 -10.22 -1.30 -4.63
N ASP A 76 -11.50 -1.39 -4.34
CA ASP A 76 -12.41 -0.26 -4.54
C ASP A 76 -12.99 0.22 -3.21
N GLY A 77 -12.33 -0.17 -2.12
CA GLY A 77 -12.79 0.23 -0.81
C GLY A 77 -12.44 1.67 -0.48
N GLU A 78 -13.12 2.24 0.51
CA GLU A 78 -12.88 3.62 0.92
C GLU A 78 -12.82 3.73 2.44
N ILE A 79 -11.67 4.13 2.96
CA ILE A 79 -11.47 4.29 4.39
C ILE A 79 -11.97 5.64 4.87
N ASP A 80 -12.63 5.66 6.02
CA ASP A 80 -13.16 6.90 6.59
C ASP A 80 -13.98 7.66 5.56
N GLY A 81 -14.79 6.94 4.79
CA GLY A 81 -15.61 7.58 3.77
C GLY A 81 -14.78 8.21 2.67
N ASN A 82 -13.59 7.67 2.45
CA ASN A 82 -12.70 8.19 1.42
C ASN A 82 -12.11 7.06 0.58
N LYS A 83 -12.18 7.21 -0.73
CA LYS A 83 -11.65 6.20 -1.65
C LYS A 83 -10.14 6.09 -1.52
N VAL A 84 -9.65 4.85 -1.38
CA VAL A 84 -8.22 4.61 -1.25
C VAL A 84 -7.70 3.73 -2.39
N THR A 85 -6.45 3.93 -2.76
CA THR A 85 -5.85 3.15 -3.84
C THR A 85 -4.67 2.33 -3.32
N LEU A 86 -4.79 1.01 -3.38
CA LEU A 86 -3.73 0.12 -2.93
C LEU A 86 -2.77 -0.20 -4.07
N ASP A 87 -1.49 0.12 -3.86
CA ASP A 87 -0.47 -0.14 -4.87
C ASP A 87 0.79 -0.72 -4.22
N TRP A 88 1.35 -1.74 -4.86
CA TRP A 88 2.56 -2.39 -4.35
C TRP A 88 3.71 -1.40 -4.27
N ALA A 89 4.04 -0.98 -3.05
CA ALA A 89 5.14 -0.03 -2.84
C ALA A 89 6.37 -0.44 -3.63
N LYS A 90 6.86 0.47 -4.46
CA LYS A 90 8.05 0.20 -5.27
C LYS A 90 9.27 -0.01 -4.40
N PRO A 91 10.20 -0.85 -4.86
CA PRO A 91 11.43 -1.17 -4.14
C PRO A 91 12.39 0.02 -4.08
N LYS A 92 13.39 -0.07 -3.21
CA LYS A 92 14.37 0.99 -3.07
C LYS A 92 13.75 2.36 -3.31
N GLY A 93 12.55 2.56 -2.76
CA GLY A 93 11.86 3.82 -2.93
C GLY A 93 12.06 4.76 -1.76
N GLU A 94 11.68 4.30 -0.57
CA GLU A 94 11.83 5.12 0.65
C GLU A 94 13.10 4.73 1.40
N GLY A 95 13.15 3.49 1.86
CA GLY A 95 14.31 3.02 2.60
C GLY A 95 13.94 2.36 3.91
N GLY A 96 14.60 1.24 4.21
CA GLY A 96 14.31 0.52 5.45
C GLY A 96 15.38 0.73 6.50
N SER A 97 15.40 1.92 7.11
CA SER A 97 16.39 2.24 8.13
C SER A 97 16.59 1.06 9.08
N GLY A 98 17.67 1.10 9.85
CA GLY A 98 17.96 0.04 10.79
C GLY A 98 19.38 -0.48 10.67
N PRO A 99 19.60 -1.73 11.12
CA PRO A 99 20.92 -2.36 11.05
C PRO A 99 21.34 -2.69 9.63
N SER A 100 22.59 -3.13 9.48
CA SER A 100 23.12 -3.48 8.17
C SER A 100 23.70 -4.90 8.16
N SER A 101 24.45 -5.21 9.21
CA SER A 101 25.08 -6.52 9.34
C SER A 101 24.02 -7.59 9.62
N GLY A 102 23.20 -7.36 10.65
CA GLY A 102 22.18 -8.31 11.01
C GLY A 102 21.87 -8.29 12.49
N GLY A 1 1.14 3.89 -22.74
CA GLY A 1 1.30 2.46 -22.55
C GLY A 1 0.97 1.66 -23.80
N SER A 2 1.48 0.44 -23.87
CA SER A 2 1.25 -0.41 -25.03
C SER A 2 0.47 -1.66 -24.64
N SER A 3 0.99 -2.40 -23.65
CA SER A 3 0.35 -3.61 -23.18
C SER A 3 -0.65 -3.30 -22.06
N GLY A 4 -1.62 -4.19 -21.88
CA GLY A 4 -2.62 -3.99 -20.85
C GLY A 4 -2.50 -5.01 -19.72
N SER A 5 -1.56 -4.76 -18.80
CA SER A 5 -1.34 -5.67 -17.68
C SER A 5 -1.11 -4.89 -16.39
N SER A 6 -2.01 -5.04 -15.44
CA SER A 6 -1.90 -4.35 -14.16
C SER A 6 -1.63 -5.33 -13.03
N GLY A 7 -1.01 -4.85 -11.96
CA GLY A 7 -0.70 -5.70 -10.82
C GLY A 7 0.61 -6.44 -10.98
N PRO A 8 0.76 -7.56 -10.26
CA PRO A 8 1.97 -8.38 -10.31
C PRO A 8 2.13 -9.10 -11.64
N ASN A 9 2.62 -8.38 -12.64
CA ASN A 9 2.83 -8.95 -13.97
C ASN A 9 3.71 -10.19 -13.90
N ALA A 10 3.79 -10.93 -15.00
CA ALA A 10 4.59 -12.14 -15.06
C ALA A 10 5.95 -11.92 -14.41
N ARG A 11 6.66 -10.87 -14.85
CA ARG A 11 7.97 -10.55 -14.31
C ARG A 11 7.85 -9.74 -13.02
N SER A 12 7.18 -8.59 -13.12
CA SER A 12 6.99 -7.73 -11.96
C SER A 12 6.29 -8.46 -10.84
N GLN A 13 6.97 -8.61 -9.70
CA GLN A 13 6.41 -9.30 -8.55
C GLN A 13 5.77 -8.30 -7.59
N PRO A 14 4.80 -8.78 -6.80
CA PRO A 14 4.08 -7.96 -5.82
C PRO A 14 4.96 -7.56 -4.65
N SER A 15 4.37 -6.91 -3.66
CA SER A 15 5.11 -6.47 -2.47
C SER A 15 4.37 -6.87 -1.20
N LYS A 16 5.11 -7.08 -0.12
CA LYS A 16 4.53 -7.45 1.15
C LYS A 16 3.77 -6.29 1.78
N THR A 17 4.28 -5.08 1.57
CA THR A 17 3.65 -3.87 2.11
C THR A 17 2.83 -3.16 1.04
N LEU A 18 1.55 -2.93 1.33
CA LEU A 18 0.66 -2.26 0.40
C LEU A 18 0.63 -0.76 0.66
N PHE A 19 0.61 0.03 -0.41
CA PHE A 19 0.58 1.48 -0.30
C PHE A 19 -0.85 2.00 -0.35
N VAL A 20 -1.29 2.61 0.74
CA VAL A 20 -2.64 3.16 0.82
C VAL A 20 -2.62 4.68 0.76
N LYS A 21 -3.12 5.23 -0.35
CA LYS A 21 -3.17 6.68 -0.52
C LYS A 21 -4.60 7.16 -0.66
N GLY A 22 -4.86 8.38 -0.20
CA GLY A 22 -6.20 8.95 -0.29
C GLY A 22 -6.97 8.81 1.01
N LEU A 23 -6.27 8.96 2.13
CA LEU A 23 -6.90 8.86 3.44
C LEU A 23 -7.17 10.25 4.03
N SER A 24 -8.03 10.29 5.04
CA SER A 24 -8.38 11.55 5.69
C SER A 24 -7.37 11.92 6.76
N GLU A 25 -7.01 13.20 6.82
CA GLU A 25 -6.04 13.68 7.80
C GLU A 25 -6.29 13.03 9.16
N ASP A 26 -7.52 12.61 9.39
CA ASP A 26 -7.89 11.97 10.66
C ASP A 26 -7.57 10.48 10.62
N THR A 27 -7.79 9.86 9.47
CA THR A 27 -7.54 8.43 9.31
C THR A 27 -6.32 8.00 10.11
N THR A 28 -6.53 7.08 11.05
CA THR A 28 -5.45 6.58 11.89
C THR A 28 -5.02 5.19 11.47
N GLU A 29 -3.81 4.80 11.85
CA GLU A 29 -3.29 3.49 11.51
C GLU A 29 -4.25 2.38 11.94
N GLU A 30 -5.01 2.65 12.99
CA GLU A 30 -5.99 1.68 13.50
C GLU A 30 -7.02 1.33 12.44
N THR A 31 -7.72 2.35 11.96
CA THR A 31 -8.74 2.14 10.94
C THR A 31 -8.13 1.70 9.62
N LEU A 32 -6.83 1.94 9.46
CA LEU A 32 -6.12 1.55 8.25
C LEU A 32 -5.77 0.07 8.26
N LYS A 33 -5.43 -0.44 9.44
CA LYS A 33 -5.08 -1.85 9.59
C LYS A 33 -6.31 -2.73 9.46
N GLU A 34 -7.34 -2.42 10.22
CA GLU A 34 -8.58 -3.19 10.19
C GLU A 34 -9.16 -3.23 8.77
N SER A 35 -9.10 -2.10 8.08
CA SER A 35 -9.61 -2.01 6.72
C SER A 35 -9.30 -3.28 5.93
N PHE A 36 -8.13 -3.85 6.18
CA PHE A 36 -7.70 -5.07 5.50
C PHE A 36 -7.82 -6.28 6.41
N ASP A 37 -8.81 -7.12 6.16
CA ASP A 37 -9.03 -8.31 6.97
C ASP A 37 -7.90 -9.32 6.77
N GLY A 38 -6.89 -9.24 7.63
CA GLY A 38 -5.77 -10.15 7.54
C GLY A 38 -4.45 -9.48 7.89
N SER A 39 -4.28 -8.24 7.44
CA SER A 39 -3.06 -7.49 7.70
C SER A 39 -2.61 -7.69 9.14
N VAL A 40 -1.31 -7.49 9.38
CA VAL A 40 -0.74 -7.64 10.72
C VAL A 40 -0.57 -6.29 11.40
N ARG A 41 -0.22 -5.28 10.61
CA ARG A 41 -0.01 -3.94 11.14
C ARG A 41 -0.28 -2.88 10.07
N ALA A 42 -0.31 -1.62 10.48
CA ALA A 42 -0.55 -0.52 9.55
C ALA A 42 0.24 0.72 9.95
N ARG A 43 0.70 1.47 8.95
CA ARG A 43 1.48 2.67 9.20
C ARG A 43 0.92 3.85 8.41
N ILE A 44 1.04 5.05 8.97
CA ILE A 44 0.55 6.25 8.31
C ILE A 44 1.59 7.37 8.35
N VAL A 45 1.78 8.04 7.22
CA VAL A 45 2.74 9.13 7.13
C VAL A 45 2.18 10.42 7.72
N THR A 46 3.06 11.28 8.20
CA THR A 46 2.66 12.55 8.80
C THR A 46 3.61 13.67 8.41
N ASP A 47 3.15 14.90 8.55
CA ASP A 47 3.96 16.07 8.22
C ASP A 47 5.03 16.32 9.29
N ARG A 48 6.10 17.00 8.90
CA ARG A 48 7.19 17.29 9.82
C ARG A 48 7.01 18.68 10.44
N GLU A 49 6.14 19.48 9.85
CA GLU A 49 5.88 20.83 10.34
C GLU A 49 4.68 20.84 11.28
N THR A 50 3.59 20.21 10.85
CA THR A 50 2.37 20.15 11.64
C THR A 50 2.33 18.89 12.50
N GLY A 51 2.92 17.81 11.99
CA GLY A 51 2.94 16.56 12.72
C GLY A 51 1.62 15.84 12.68
N SER A 52 0.92 15.94 11.54
CA SER A 52 -0.38 15.29 11.38
C SER A 52 -0.36 14.35 10.18
N SER A 53 -1.34 13.46 10.12
CA SER A 53 -1.45 12.50 9.03
C SER A 53 -1.75 13.21 7.72
N LYS A 54 -0.83 13.09 6.77
CA LYS A 54 -0.99 13.72 5.46
C LYS A 54 -2.22 13.17 4.75
N GLY A 55 -2.30 11.84 4.66
CA GLY A 55 -3.43 11.21 4.01
C GLY A 55 -3.04 9.98 3.23
N PHE A 56 -2.07 9.23 3.75
CA PHE A 56 -1.59 8.02 3.09
C PHE A 56 -0.60 7.28 3.97
N GLY A 57 -0.56 5.96 3.83
CA GLY A 57 0.35 5.15 4.63
C GLY A 57 0.70 3.84 3.95
N PHE A 58 0.84 2.79 4.75
CA PHE A 58 1.17 1.46 4.22
C PHE A 58 0.65 0.37 5.14
N VAL A 59 0.27 -0.76 4.54
CA VAL A 59 -0.26 -1.89 5.29
C VAL A 59 0.69 -3.07 5.25
N ASP A 60 1.24 -3.44 6.39
CA ASP A 60 2.18 -4.56 6.48
C ASP A 60 1.42 -5.89 6.46
N PHE A 61 1.95 -6.84 5.69
CA PHE A 61 1.32 -8.16 5.58
C PHE A 61 2.33 -9.26 5.86
N ASN A 62 1.83 -10.43 6.24
CA ASN A 62 2.69 -11.57 6.55
C ASN A 62 3.48 -12.00 5.31
N SER A 63 2.85 -11.91 4.16
CA SER A 63 3.48 -12.29 2.90
C SER A 63 2.76 -11.67 1.70
N GLU A 64 3.51 -11.36 0.66
CA GLU A 64 2.95 -10.76 -0.54
C GLU A 64 1.57 -11.36 -0.85
N GLU A 65 1.52 -12.70 -0.90
CA GLU A 65 0.27 -13.40 -1.18
C GLU A 65 -0.88 -12.79 -0.40
N ASP A 66 -0.82 -12.89 0.92
CA ASP A 66 -1.86 -12.34 1.78
C ASP A 66 -2.17 -10.91 1.42
N ALA A 67 -1.12 -10.12 1.19
CA ALA A 67 -1.29 -8.71 0.83
C ALA A 67 -2.18 -8.56 -0.39
N LYS A 68 -1.83 -9.26 -1.47
CA LYS A 68 -2.60 -9.21 -2.70
C LYS A 68 -4.07 -9.55 -2.45
N ALA A 69 -4.30 -10.68 -1.77
CA ALA A 69 -5.64 -11.11 -1.46
C ALA A 69 -6.44 -10.00 -0.78
N ALA A 70 -5.76 -9.17 0.00
CA ALA A 70 -6.41 -8.08 0.70
C ALA A 70 -6.62 -6.89 -0.23
N LYS A 71 -5.67 -6.67 -1.14
CA LYS A 71 -5.76 -5.57 -2.09
C LYS A 71 -7.04 -5.65 -2.91
N GLU A 72 -7.32 -6.84 -3.43
CA GLU A 72 -8.51 -7.04 -4.24
C GLU A 72 -9.77 -6.79 -3.42
N ALA A 73 -9.68 -7.01 -2.12
CA ALA A 73 -10.81 -6.79 -1.23
C ALA A 73 -11.12 -5.31 -1.07
N MET A 74 -10.07 -4.50 -0.96
CA MET A 74 -10.22 -3.06 -0.81
C MET A 74 -9.95 -2.34 -2.14
N GLU A 75 -9.83 -3.11 -3.20
CA GLU A 75 -9.57 -2.55 -4.52
C GLU A 75 -10.41 -1.30 -4.76
N ASP A 76 -11.65 -1.34 -4.30
CA ASP A 76 -12.56 -0.21 -4.46
C ASP A 76 -13.09 0.26 -3.10
N GLY A 77 -12.41 -0.15 -2.03
CA GLY A 77 -12.83 0.23 -0.70
C GLY A 77 -12.51 1.68 -0.39
N GLU A 78 -13.20 2.23 0.62
CA GLU A 78 -12.99 3.62 1.02
C GLU A 78 -12.87 3.73 2.54
N ILE A 79 -11.71 4.17 3.01
CA ILE A 79 -11.46 4.32 4.43
C ILE A 79 -11.91 5.70 4.91
N ASP A 80 -12.55 5.73 6.08
CA ASP A 80 -13.03 6.98 6.66
C ASP A 80 -13.90 7.74 5.67
N GLY A 81 -14.72 6.99 4.93
CA GLY A 81 -15.61 7.61 3.96
C GLY A 81 -14.84 8.25 2.82
N ASN A 82 -13.61 7.80 2.60
CA ASN A 82 -12.78 8.34 1.53
C ASN A 82 -12.20 7.21 0.68
N LYS A 83 -12.25 7.40 -0.64
CA LYS A 83 -11.72 6.40 -1.56
C LYS A 83 -10.21 6.27 -1.44
N VAL A 84 -9.73 5.04 -1.25
CA VAL A 84 -8.30 4.80 -1.11
C VAL A 84 -7.78 3.96 -2.28
N THR A 85 -6.56 4.27 -2.73
CA THR A 85 -5.96 3.53 -3.82
C THR A 85 -4.79 2.67 -3.34
N LEU A 86 -4.97 1.35 -3.41
CA LEU A 86 -3.93 0.42 -2.96
C LEU A 86 -2.98 0.11 -4.11
N ASP A 87 -1.68 0.32 -3.86
CA ASP A 87 -0.66 0.05 -4.86
C ASP A 87 0.58 -0.59 -4.22
N TRP A 88 1.25 -1.45 -4.98
CA TRP A 88 2.44 -2.13 -4.49
C TRP A 88 3.59 -1.14 -4.31
N ALA A 89 4.17 -1.13 -3.12
CA ALA A 89 5.28 -0.24 -2.81
C ALA A 89 6.57 -0.73 -3.46
N LYS A 90 7.59 0.14 -3.47
CA LYS A 90 8.87 -0.22 -4.07
C LYS A 90 10.02 0.35 -3.23
N PRO A 91 11.05 -0.47 -3.02
CA PRO A 91 12.23 -0.07 -2.24
C PRO A 91 13.08 0.96 -2.98
N LYS A 92 13.75 1.83 -2.21
CA LYS A 92 14.59 2.86 -2.78
C LYS A 92 16.01 2.80 -2.20
N GLY A 93 16.98 2.58 -3.06
CA GLY A 93 18.37 2.51 -2.61
C GLY A 93 19.32 2.19 -3.75
N GLU A 94 20.16 3.16 -4.10
CA GLU A 94 21.13 2.98 -5.18
C GLU A 94 20.48 2.30 -6.38
N GLY A 95 19.19 2.54 -6.56
CA GLY A 95 18.47 1.95 -7.67
C GLY A 95 18.74 2.67 -8.98
N GLY A 96 19.85 2.32 -9.63
CA GLY A 96 20.20 2.95 -10.89
C GLY A 96 19.90 2.07 -12.08
N SER A 97 20.37 2.49 -13.26
CA SER A 97 20.14 1.72 -14.47
C SER A 97 21.45 1.14 -15.00
N GLY A 98 21.86 0.02 -14.43
CA GLY A 98 23.09 -0.63 -14.85
C GLY A 98 22.88 -1.55 -16.03
N PRO A 99 23.93 -2.31 -16.39
CA PRO A 99 23.87 -3.25 -17.52
C PRO A 99 22.99 -4.45 -17.22
N SER A 100 22.71 -5.24 -18.26
CA SER A 100 21.88 -6.43 -18.11
C SER A 100 22.67 -7.59 -17.52
N SER A 101 22.18 -8.13 -16.41
CA SER A 101 22.85 -9.24 -15.75
C SER A 101 21.83 -10.25 -15.22
N GLY A 102 22.04 -11.52 -15.54
CA GLY A 102 21.13 -12.55 -15.10
C GLY A 102 21.16 -13.78 -16.00
N GLY A 1 -4.08 -6.02 -22.90
CA GLY A 1 -5.12 -6.35 -23.85
C GLY A 1 -6.07 -7.41 -23.33
N SER A 2 -5.63 -8.67 -23.37
CA SER A 2 -6.45 -9.78 -22.90
C SER A 2 -7.22 -9.40 -21.64
N SER A 3 -8.52 -9.66 -21.64
CA SER A 3 -9.37 -9.34 -20.49
C SER A 3 -9.11 -10.31 -19.34
N GLY A 4 -9.30 -9.82 -18.11
CA GLY A 4 -9.09 -10.65 -16.94
C GLY A 4 -7.64 -11.06 -16.78
N SER A 5 -7.25 -11.37 -15.56
CA SER A 5 -5.87 -11.78 -15.27
C SER A 5 -5.74 -12.27 -13.83
N SER A 6 -4.64 -12.96 -13.54
CA SER A 6 -4.39 -13.50 -12.22
C SER A 6 -2.90 -13.42 -11.86
N GLY A 7 -2.60 -12.87 -10.69
CA GLY A 7 -1.23 -12.76 -10.27
C GLY A 7 -0.78 -11.31 -10.15
N PRO A 8 0.52 -11.12 -9.86
CA PRO A 8 1.10 -9.78 -9.72
C PRO A 8 1.19 -9.03 -11.05
N ASN A 9 1.85 -7.89 -11.04
CA ASN A 9 2.01 -7.09 -12.25
C ASN A 9 3.42 -6.50 -12.34
N ALA A 10 3.70 -5.83 -13.45
CA ALA A 10 5.02 -5.22 -13.65
C ALA A 10 6.08 -6.28 -13.87
N ARG A 11 5.68 -7.43 -14.40
CA ARG A 11 6.60 -8.52 -14.65
C ARG A 11 7.63 -8.63 -13.53
N SER A 12 7.24 -8.24 -12.33
CA SER A 12 8.12 -8.29 -11.17
C SER A 12 7.35 -8.70 -9.91
N GLN A 13 7.93 -9.62 -9.16
CA GLN A 13 7.29 -10.10 -7.93
C GLN A 13 6.58 -8.96 -7.21
N PRO A 14 5.50 -9.31 -6.49
CA PRO A 14 4.70 -8.33 -5.75
C PRO A 14 5.46 -7.78 -4.53
N SER A 15 4.73 -7.06 -3.68
CA SER A 15 5.33 -6.47 -2.49
C SER A 15 4.57 -6.88 -1.23
N LYS A 16 5.29 -7.03 -0.13
CA LYS A 16 4.68 -7.43 1.13
C LYS A 16 3.88 -6.27 1.74
N THR A 17 4.35 -5.05 1.52
CA THR A 17 3.68 -3.86 2.04
C THR A 17 2.82 -3.22 0.96
N LEU A 18 1.60 -2.85 1.35
CA LEU A 18 0.67 -2.21 0.42
C LEU A 18 0.57 -0.71 0.69
N PHE A 19 0.72 0.09 -0.37
CA PHE A 19 0.64 1.54 -0.25
C PHE A 19 -0.80 2.01 -0.34
N VAL A 20 -1.22 2.79 0.66
CA VAL A 20 -2.58 3.31 0.70
C VAL A 20 -2.58 4.84 0.60
N LYS A 21 -3.16 5.36 -0.48
CA LYS A 21 -3.23 6.79 -0.69
C LYS A 21 -4.67 7.26 -0.77
N GLY A 22 -4.95 8.46 -0.26
CA GLY A 22 -6.29 8.99 -0.30
C GLY A 22 -7.01 8.83 1.03
N LEU A 23 -6.30 9.08 2.12
CA LEU A 23 -6.89 8.96 3.45
C LEU A 23 -7.14 10.33 4.07
N SER A 24 -7.95 10.36 5.12
CA SER A 24 -8.27 11.62 5.79
C SER A 24 -7.21 11.98 6.82
N GLU A 25 -6.88 13.26 6.90
CA GLU A 25 -5.88 13.75 7.83
C GLU A 25 -6.06 13.10 9.20
N ASP A 26 -7.27 12.63 9.47
CA ASP A 26 -7.58 11.99 10.75
C ASP A 26 -7.30 10.49 10.69
N THR A 27 -7.49 9.90 9.51
CA THR A 27 -7.25 8.48 9.33
C THR A 27 -6.06 8.01 10.13
N THR A 28 -6.27 7.00 10.98
CA THR A 28 -5.21 6.47 11.82
C THR A 28 -4.78 5.08 11.33
N GLU A 29 -3.56 4.69 11.68
CA GLU A 29 -3.04 3.39 11.27
C GLU A 29 -3.93 2.27 11.77
N GLU A 30 -4.69 2.54 12.83
CA GLU A 30 -5.60 1.55 13.40
C GLU A 30 -6.71 1.20 12.42
N THR A 31 -7.37 2.23 11.90
CA THR A 31 -8.47 2.03 10.95
C THR A 31 -7.94 1.56 9.60
N LEU A 32 -6.74 2.00 9.25
CA LEU A 32 -6.12 1.63 7.99
C LEU A 32 -5.78 0.15 7.97
N LYS A 33 -5.33 -0.37 9.11
CA LYS A 33 -4.97 -1.78 9.22
C LYS A 33 -6.19 -2.67 9.11
N GLU A 34 -7.20 -2.40 9.95
CA GLU A 34 -8.43 -3.17 9.93
C GLU A 34 -9.00 -3.26 8.51
N SER A 35 -9.01 -2.14 7.81
CA SER A 35 -9.54 -2.09 6.46
C SER A 35 -9.16 -3.34 5.68
N PHE A 36 -8.01 -3.91 6.01
CA PHE A 36 -7.53 -5.12 5.34
C PHE A 36 -7.62 -6.32 6.28
N ASP A 37 -8.57 -7.21 6.02
CA ASP A 37 -8.76 -8.39 6.84
C ASP A 37 -7.63 -9.40 6.61
N GLY A 38 -6.62 -9.35 7.48
CA GLY A 38 -5.50 -10.26 7.36
C GLY A 38 -4.18 -9.59 7.68
N SER A 39 -4.02 -8.35 7.21
CA SER A 39 -2.79 -7.61 7.45
C SER A 39 -2.32 -7.77 8.89
N VAL A 40 -1.00 -7.66 9.09
CA VAL A 40 -0.42 -7.80 10.41
C VAL A 40 -0.30 -6.44 11.11
N ARG A 41 0.14 -5.44 10.36
CA ARG A 41 0.30 -4.09 10.89
C ARG A 41 0.15 -3.05 9.79
N ALA A 42 0.02 -1.78 10.20
CA ALA A 42 -0.14 -0.69 9.25
C ALA A 42 0.62 0.55 9.72
N ARG A 43 0.93 1.44 8.79
CA ARG A 43 1.64 2.67 9.12
C ARG A 43 1.09 3.84 8.31
N ILE A 44 1.29 5.05 8.83
CA ILE A 44 0.82 6.25 8.16
C ILE A 44 1.88 7.35 8.18
N VAL A 45 1.97 8.10 7.08
CA VAL A 45 2.94 9.18 6.96
C VAL A 45 2.41 10.46 7.61
N THR A 46 3.33 11.31 8.07
CA THR A 46 2.96 12.57 8.71
C THR A 46 3.87 13.70 8.25
N ASP A 47 3.35 14.92 8.30
CA ASP A 47 4.12 16.09 7.89
C ASP A 47 5.13 16.49 8.96
N ARG A 48 6.16 17.22 8.56
CA ARG A 48 7.20 17.66 9.49
C ARG A 48 6.89 19.05 10.02
N GLU A 49 6.00 19.76 9.34
CA GLU A 49 5.62 21.11 9.75
C GLU A 49 4.38 21.07 10.64
N THR A 50 3.30 20.52 10.11
CA THR A 50 2.05 20.42 10.85
C THR A 50 2.07 19.25 11.81
N GLY A 51 2.86 18.22 11.48
CA GLY A 51 2.95 17.04 12.32
C GLY A 51 1.65 16.26 12.36
N SER A 52 0.97 16.19 11.22
CA SER A 52 -0.30 15.47 11.14
C SER A 52 -0.28 14.49 9.97
N SER A 53 -1.19 13.53 10.00
CA SER A 53 -1.28 12.53 8.95
C SER A 53 -1.60 13.17 7.60
N LYS A 54 -0.62 13.15 6.69
CA LYS A 54 -0.80 13.72 5.37
C LYS A 54 -2.06 13.19 4.69
N GLY A 55 -2.21 11.87 4.70
CA GLY A 55 -3.38 11.26 4.09
C GLY A 55 -3.03 10.00 3.30
N PHE A 56 -2.06 9.25 3.80
CA PHE A 56 -1.63 8.03 3.12
C PHE A 56 -0.59 7.28 3.97
N GLY A 57 -0.56 5.96 3.82
CA GLY A 57 0.39 5.16 4.57
C GLY A 57 0.72 3.85 3.88
N PHE A 58 0.93 2.80 4.66
CA PHE A 58 1.26 1.49 4.12
C PHE A 58 0.72 0.38 5.01
N VAL A 59 0.51 -0.79 4.43
CA VAL A 59 0.00 -1.94 5.18
C VAL A 59 0.94 -3.13 5.06
N ASP A 60 1.42 -3.60 6.20
CA ASP A 60 2.33 -4.74 6.24
C ASP A 60 1.55 -6.06 6.25
N PHE A 61 2.09 -7.07 5.57
CA PHE A 61 1.45 -8.37 5.50
C PHE A 61 2.45 -9.49 5.78
N ASN A 62 1.94 -10.63 6.23
CA ASN A 62 2.78 -11.78 6.54
C ASN A 62 3.44 -12.33 5.29
N SER A 63 2.83 -12.05 4.14
CA SER A 63 3.36 -12.53 2.87
C SER A 63 2.66 -11.84 1.70
N GLU A 64 3.43 -11.54 0.65
CA GLU A 64 2.89 -10.87 -0.53
C GLU A 64 1.53 -11.47 -0.92
N GLU A 65 1.33 -12.73 -0.57
CA GLU A 65 0.08 -13.42 -0.89
C GLU A 65 -1.09 -12.79 -0.13
N ASP A 66 -0.90 -12.57 1.16
CA ASP A 66 -1.94 -11.97 2.00
C ASP A 66 -2.18 -10.51 1.60
N ALA A 67 -1.11 -9.84 1.21
CA ALA A 67 -1.21 -8.43 0.81
C ALA A 67 -2.03 -8.28 -0.47
N LYS A 68 -1.84 -9.21 -1.40
CA LYS A 68 -2.56 -9.19 -2.67
C LYS A 68 -4.03 -9.48 -2.46
N ALA A 69 -4.33 -10.62 -1.85
CA ALA A 69 -5.71 -11.02 -1.60
C ALA A 69 -6.48 -9.90 -0.89
N ALA A 70 -5.78 -9.16 -0.04
CA ALA A 70 -6.40 -8.06 0.70
C ALA A 70 -6.59 -6.85 -0.19
N LYS A 71 -5.81 -6.78 -1.27
CA LYS A 71 -5.90 -5.67 -2.21
C LYS A 71 -7.16 -5.76 -3.06
N GLU A 72 -7.38 -6.94 -3.66
CA GLU A 72 -8.55 -7.16 -4.50
C GLU A 72 -9.84 -6.85 -3.73
N ALA A 73 -9.77 -6.95 -2.41
CA ALA A 73 -10.92 -6.67 -1.56
C ALA A 73 -11.13 -5.17 -1.37
N MET A 74 -10.09 -4.49 -0.89
CA MET A 74 -10.16 -3.05 -0.67
C MET A 74 -9.84 -2.30 -1.96
N GLU A 75 -9.67 -3.03 -3.05
CA GLU A 75 -9.36 -2.43 -4.34
C GLU A 75 -10.14 -1.13 -4.53
N ASP A 76 -11.45 -1.19 -4.31
CA ASP A 76 -12.30 -0.02 -4.45
C ASP A 76 -12.88 0.40 -3.10
N GLY A 77 -12.35 -0.18 -2.03
CA GLY A 77 -12.82 0.15 -0.69
C GLY A 77 -12.54 1.60 -0.33
N GLU A 78 -13.27 2.10 0.66
CA GLU A 78 -13.09 3.48 1.11
C GLU A 78 -12.97 3.54 2.63
N ILE A 79 -11.81 3.98 3.10
CA ILE A 79 -11.57 4.10 4.54
C ILE A 79 -12.14 5.40 5.09
N ASP A 80 -12.72 5.32 6.28
CA ASP A 80 -13.30 6.49 6.93
C ASP A 80 -14.16 7.28 5.95
N GLY A 81 -15.04 6.59 5.23
CA GLY A 81 -15.90 7.24 4.26
C GLY A 81 -15.12 8.00 3.21
N ASN A 82 -13.95 7.47 2.85
CA ASN A 82 -13.10 8.11 1.85
C ASN A 82 -12.45 7.06 0.95
N LYS A 83 -12.46 7.31 -0.35
CA LYS A 83 -11.87 6.41 -1.32
C LYS A 83 -10.36 6.31 -1.13
N VAL A 84 -9.83 5.10 -1.29
CA VAL A 84 -8.39 4.87 -1.14
C VAL A 84 -7.85 4.02 -2.27
N THR A 85 -6.61 4.29 -2.67
CA THR A 85 -5.97 3.54 -3.75
C THR A 85 -4.84 2.66 -3.22
N LEU A 86 -4.95 1.36 -3.45
CA LEU A 86 -3.94 0.41 -3.00
C LEU A 86 -2.96 0.09 -4.11
N ASP A 87 -1.67 0.25 -3.83
CA ASP A 87 -0.63 -0.03 -4.81
C ASP A 87 0.53 -0.78 -4.17
N TRP A 88 1.40 -1.35 -5.00
CA TRP A 88 2.55 -2.09 -4.51
C TRP A 88 3.75 -1.16 -4.30
N ALA A 89 4.31 -1.19 -3.11
CA ALA A 89 5.46 -0.36 -2.78
C ALA A 89 6.70 -0.79 -3.55
N LYS A 90 7.63 0.13 -3.74
CA LYS A 90 8.87 -0.16 -4.47
C LYS A 90 9.95 0.85 -4.12
N PRO A 91 11.22 0.41 -4.19
CA PRO A 91 12.37 1.27 -3.88
C PRO A 91 12.59 2.34 -4.95
N LYS A 92 12.33 3.59 -4.59
CA LYS A 92 12.50 4.70 -5.51
C LYS A 92 13.97 5.08 -5.66
N GLY A 93 14.59 4.63 -6.74
CA GLY A 93 15.99 4.92 -6.98
C GLY A 93 16.90 3.79 -6.56
N GLU A 94 16.73 2.62 -7.19
CA GLU A 94 17.54 1.46 -6.88
C GLU A 94 18.83 1.46 -7.68
N GLY A 95 19.53 2.59 -7.68
CA GLY A 95 20.77 2.70 -8.43
C GLY A 95 21.80 3.57 -7.72
N GLY A 96 22.62 2.96 -6.87
CA GLY A 96 23.63 3.70 -6.15
C GLY A 96 24.85 2.85 -5.82
N SER A 97 25.55 2.40 -6.85
CA SER A 97 26.74 1.57 -6.68
C SER A 97 27.42 1.31 -8.01
N GLY A 98 28.69 0.91 -7.95
CA GLY A 98 29.44 0.63 -9.15
C GLY A 98 30.76 -0.05 -8.87
N PRO A 99 31.85 0.74 -8.78
CA PRO A 99 33.19 0.23 -8.50
C PRO A 99 33.33 -0.30 -7.08
N SER A 100 33.49 -1.61 -6.96
CA SER A 100 33.65 -2.25 -5.66
C SER A 100 34.47 -3.54 -5.75
N SER A 101 35.09 -3.92 -4.65
CA SER A 101 35.91 -5.12 -4.61
C SER A 101 35.06 -6.35 -4.34
N GLY A 102 34.14 -6.23 -3.39
CA GLY A 102 33.27 -7.34 -3.04
C GLY A 102 32.40 -7.04 -1.84
N GLY A 1 4.44 1.71 -20.21
CA GLY A 1 5.03 1.42 -18.92
C GLY A 1 5.24 -0.06 -18.70
N SER A 2 4.15 -0.79 -18.47
CA SER A 2 4.23 -2.23 -18.25
C SER A 2 3.16 -2.96 -19.07
N SER A 3 3.23 -4.29 -19.07
CA SER A 3 2.28 -5.10 -19.81
C SER A 3 2.00 -6.42 -19.07
N GLY A 4 0.88 -7.05 -19.41
CA GLY A 4 0.52 -8.30 -18.78
C GLY A 4 -0.82 -8.22 -18.07
N SER A 5 -1.54 -9.35 -18.04
CA SER A 5 -2.85 -9.41 -17.40
C SER A 5 -2.85 -10.44 -16.27
N SER A 6 -2.35 -11.63 -16.57
CA SER A 6 -2.29 -12.70 -15.59
C SER A 6 -1.20 -12.44 -14.54
N GLY A 7 -1.62 -12.06 -13.35
CA GLY A 7 -0.68 -11.78 -12.28
C GLY A 7 -1.00 -10.50 -11.54
N PRO A 8 -0.01 -9.99 -10.78
CA PRO A 8 -0.17 -8.76 -10.01
C PRO A 8 -0.27 -7.53 -10.89
N ASN A 9 -0.90 -6.48 -10.37
CA ASN A 9 -1.07 -5.23 -11.11
C ASN A 9 0.23 -4.85 -11.81
N ALA A 10 1.35 -5.29 -11.26
CA ALA A 10 2.66 -5.00 -11.84
C ALA A 10 3.17 -6.17 -12.66
N ARG A 11 4.39 -6.03 -13.19
CA ARG A 11 4.99 -7.08 -14.00
C ARG A 11 5.74 -8.09 -13.13
N SER A 12 6.70 -7.59 -12.35
CA SER A 12 7.49 -8.43 -11.47
C SER A 12 6.73 -8.74 -10.18
N GLN A 13 7.21 -9.74 -9.44
CA GLN A 13 6.56 -10.14 -8.19
C GLN A 13 6.03 -8.92 -7.45
N PRO A 14 4.92 -9.10 -6.73
CA PRO A 14 4.29 -8.02 -5.96
C PRO A 14 5.11 -7.62 -4.74
N SER A 15 4.49 -6.89 -3.83
CA SER A 15 5.16 -6.44 -2.62
C SER A 15 4.38 -6.83 -1.37
N LYS A 16 5.10 -7.06 -0.27
CA LYS A 16 4.48 -7.46 0.98
C LYS A 16 3.72 -6.28 1.60
N THR A 17 4.24 -5.08 1.42
CA THR A 17 3.62 -3.88 1.95
C THR A 17 2.80 -3.17 0.88
N LEU A 18 1.53 -2.92 1.19
CA LEU A 18 0.63 -2.24 0.25
C LEU A 18 0.59 -0.75 0.53
N PHE A 19 0.63 0.05 -0.54
CA PHE A 19 0.60 1.51 -0.40
C PHE A 19 -0.84 2.01 -0.43
N VAL A 20 -1.27 2.62 0.68
CA VAL A 20 -2.62 3.16 0.80
C VAL A 20 -2.62 4.68 0.71
N LYS A 21 -3.09 5.20 -0.41
CA LYS A 21 -3.14 6.64 -0.62
C LYS A 21 -4.58 7.11 -0.79
N GLY A 22 -4.91 8.24 -0.16
CA GLY A 22 -6.25 8.78 -0.26
C GLY A 22 -7.01 8.66 1.05
N LEU A 23 -6.32 8.88 2.16
CA LEU A 23 -6.94 8.80 3.48
C LEU A 23 -7.30 10.19 4.00
N SER A 24 -7.92 10.24 5.17
CA SER A 24 -8.33 11.50 5.78
C SER A 24 -7.32 11.93 6.85
N GLU A 25 -7.05 13.23 6.91
CA GLU A 25 -6.11 13.77 7.88
C GLU A 25 -6.32 13.13 9.25
N ASP A 26 -7.54 12.63 9.47
CA ASP A 26 -7.87 12.00 10.74
C ASP A 26 -7.59 10.50 10.70
N THR A 27 -7.76 9.90 9.52
CA THR A 27 -7.54 8.48 9.34
C THR A 27 -6.32 8.01 10.13
N THR A 28 -6.54 7.04 11.02
CA THR A 28 -5.46 6.51 11.84
C THR A 28 -5.01 5.14 11.35
N GLU A 29 -3.80 4.73 11.74
CA GLU A 29 -3.27 3.44 11.33
C GLU A 29 -4.17 2.31 11.78
N GLU A 30 -4.92 2.54 12.85
CA GLU A 30 -5.83 1.53 13.38
C GLU A 30 -6.90 1.16 12.35
N THR A 31 -7.53 2.17 11.78
CA THR A 31 -8.57 1.94 10.77
C THR A 31 -7.97 1.49 9.45
N LEU A 32 -6.67 1.74 9.27
CA LEU A 32 -5.97 1.36 8.05
C LEU A 32 -5.68 -0.14 8.05
N LYS A 33 -5.31 -0.67 9.20
CA LYS A 33 -5.00 -2.08 9.33
C LYS A 33 -6.25 -2.94 9.12
N GLU A 34 -7.27 -2.71 9.94
CA GLU A 34 -8.51 -3.45 9.83
C GLU A 34 -9.07 -3.38 8.41
N SER A 35 -9.03 -2.19 7.82
CA SER A 35 -9.54 -1.99 6.47
C SER A 35 -9.28 -3.23 5.61
N PHE A 36 -8.18 -3.91 5.87
CA PHE A 36 -7.81 -5.10 5.13
C PHE A 36 -8.00 -6.36 5.97
N ASP A 37 -8.98 -7.17 5.61
CA ASP A 37 -9.26 -8.41 6.33
C ASP A 37 -8.12 -9.41 6.16
N GLY A 38 -7.11 -9.29 7.00
CA GLY A 38 -5.97 -10.20 6.92
C GLY A 38 -4.68 -9.55 7.41
N SER A 39 -4.49 -8.28 7.07
CA SER A 39 -3.29 -7.56 7.47
C SER A 39 -2.98 -7.80 8.94
N VAL A 40 -1.81 -7.33 9.38
CA VAL A 40 -1.39 -7.49 10.77
C VAL A 40 -1.15 -6.14 11.43
N ARG A 41 -0.67 -5.18 10.63
CA ARG A 41 -0.38 -3.84 11.14
C ARG A 41 -0.44 -2.81 10.02
N ALA A 42 -0.34 -1.54 10.39
CA ALA A 42 -0.40 -0.46 9.41
C ALA A 42 0.44 0.74 9.87
N ARG A 43 0.94 1.51 8.92
CA ARG A 43 1.75 2.67 9.24
C ARG A 43 1.33 3.87 8.39
N ILE A 44 1.08 5.00 9.05
CA ILE A 44 0.66 6.21 8.36
C ILE A 44 1.76 7.28 8.41
N VAL A 45 1.88 8.05 7.33
CA VAL A 45 2.88 9.10 7.25
C VAL A 45 2.37 10.40 7.86
N THR A 46 3.30 11.26 8.27
CA THR A 46 2.93 12.54 8.86
C THR A 46 3.88 13.65 8.39
N ASP A 47 3.35 14.87 8.34
CA ASP A 47 4.15 16.02 7.92
C ASP A 47 5.16 16.40 8.98
N ARG A 48 6.21 17.12 8.58
CA ARG A 48 7.26 17.54 9.49
C ARG A 48 6.98 18.95 10.03
N GLU A 49 6.19 19.71 9.26
CA GLU A 49 5.86 21.08 9.66
C GLU A 49 4.58 21.10 10.51
N THR A 50 3.51 20.55 9.95
CA THR A 50 2.22 20.50 10.64
C THR A 50 2.18 19.37 11.65
N GLY A 51 2.89 18.28 11.34
CA GLY A 51 2.93 17.13 12.23
C GLY A 51 1.60 16.40 12.29
N SER A 52 0.96 16.24 11.14
CA SER A 52 -0.33 15.56 11.06
C SER A 52 -0.33 14.52 9.94
N SER A 53 -1.31 13.63 9.97
CA SER A 53 -1.43 12.58 8.97
C SER A 53 -1.63 13.17 7.58
N LYS A 54 -0.61 13.08 6.75
CA LYS A 54 -0.67 13.60 5.39
C LYS A 54 -1.92 13.11 4.67
N GLY A 55 -2.16 11.80 4.73
CA GLY A 55 -3.34 11.24 4.09
C GLY A 55 -3.03 9.94 3.37
N PHE A 56 -2.05 9.19 3.89
CA PHE A 56 -1.66 7.93 3.29
C PHE A 56 -0.60 7.22 4.15
N GLY A 57 -0.48 5.91 3.96
CA GLY A 57 0.47 5.14 4.73
C GLY A 57 0.87 3.86 4.03
N PHE A 58 0.86 2.75 4.78
CA PHE A 58 1.23 1.45 4.23
C PHE A 58 0.66 0.33 5.09
N VAL A 59 0.25 -0.76 4.45
CA VAL A 59 -0.29 -1.91 5.15
C VAL A 59 0.68 -3.09 5.12
N ASP A 60 1.14 -3.48 6.30
CA ASP A 60 2.08 -4.59 6.42
C ASP A 60 1.34 -5.93 6.43
N PHE A 61 1.77 -6.84 5.57
CA PHE A 61 1.14 -8.16 5.46
C PHE A 61 2.14 -9.26 5.78
N ASN A 62 1.63 -10.42 6.18
CA ASN A 62 2.49 -11.56 6.52
C ASN A 62 3.27 -12.04 5.29
N SER A 63 2.66 -11.91 4.13
CA SER A 63 3.29 -12.32 2.89
C SER A 63 2.60 -11.68 1.68
N GLU A 64 3.37 -11.45 0.61
CA GLU A 64 2.82 -10.85 -0.60
C GLU A 64 1.45 -11.43 -0.92
N GLU A 65 1.32 -12.74 -0.79
CA GLU A 65 0.06 -13.42 -1.07
C GLU A 65 -1.08 -12.80 -0.28
N ASP A 66 -1.00 -12.90 1.04
CA ASP A 66 -2.02 -12.34 1.93
C ASP A 66 -2.29 -10.88 1.59
N ALA A 67 -1.23 -10.16 1.20
CA ALA A 67 -1.37 -8.75 0.85
C ALA A 67 -2.22 -8.57 -0.39
N LYS A 68 -1.95 -9.37 -1.42
CA LYS A 68 -2.69 -9.30 -2.67
C LYS A 68 -4.17 -9.63 -2.44
N ALA A 69 -4.43 -10.80 -1.89
CA ALA A 69 -5.79 -11.23 -1.62
C ALA A 69 -6.58 -10.15 -0.89
N ALA A 70 -5.87 -9.31 -0.14
CA ALA A 70 -6.49 -8.22 0.60
C ALA A 70 -6.67 -6.99 -0.27
N LYS A 71 -5.83 -6.86 -1.29
CA LYS A 71 -5.89 -5.73 -2.20
C LYS A 71 -7.16 -5.79 -3.05
N GLU A 72 -7.40 -6.94 -3.66
CA GLU A 72 -8.57 -7.12 -4.51
C GLU A 72 -9.85 -6.81 -3.73
N ALA A 73 -9.81 -7.01 -2.42
CA ALA A 73 -10.96 -6.74 -1.57
C ALA A 73 -11.17 -5.24 -1.37
N MET A 74 -10.13 -4.57 -0.89
CA MET A 74 -10.20 -3.12 -0.66
C MET A 74 -9.91 -2.35 -1.94
N GLU A 75 -9.75 -3.08 -3.04
CA GLU A 75 -9.47 -2.46 -4.33
C GLU A 75 -10.28 -1.19 -4.52
N ASP A 76 -11.60 -1.31 -4.32
CA ASP A 76 -12.49 -0.17 -4.48
C ASP A 76 -13.09 0.23 -3.12
N GLY A 77 -12.38 -0.09 -2.05
CA GLY A 77 -12.86 0.24 -0.72
C GLY A 77 -12.55 1.67 -0.34
N GLU A 78 -13.23 2.17 0.68
CA GLU A 78 -13.03 3.54 1.15
C GLU A 78 -12.91 3.59 2.67
N ILE A 79 -11.76 4.05 3.15
CA ILE A 79 -11.51 4.15 4.58
C ILE A 79 -12.01 5.47 5.14
N ASP A 80 -12.68 5.41 6.29
CA ASP A 80 -13.22 6.61 6.92
C ASP A 80 -14.06 7.42 5.94
N GLY A 81 -14.93 6.73 5.19
CA GLY A 81 -15.76 7.40 4.23
C GLY A 81 -14.97 8.09 3.13
N ASN A 82 -13.74 7.63 2.93
CA ASN A 82 -12.86 8.21 1.90
C ASN A 82 -12.29 7.12 1.01
N LYS A 83 -12.33 7.35 -0.30
CA LYS A 83 -11.81 6.39 -1.27
C LYS A 83 -10.29 6.28 -1.15
N VAL A 84 -9.80 5.05 -1.01
CA VAL A 84 -8.38 4.80 -0.89
C VAL A 84 -7.87 3.94 -2.05
N THR A 85 -6.64 4.21 -2.48
CA THR A 85 -6.04 3.47 -3.58
C THR A 85 -4.87 2.61 -3.09
N LEU A 86 -4.97 1.31 -3.35
CA LEU A 86 -3.93 0.37 -2.94
C LEU A 86 -2.98 0.07 -4.08
N ASP A 87 -1.69 0.27 -3.85
CA ASP A 87 -0.67 0.01 -4.87
C ASP A 87 0.59 -0.57 -4.26
N TRP A 88 1.18 -1.55 -4.93
CA TRP A 88 2.39 -2.20 -4.44
C TRP A 88 3.52 -1.18 -4.27
N ALA A 89 4.04 -1.08 -3.06
CA ALA A 89 5.12 -0.14 -2.77
C ALA A 89 6.41 -0.55 -3.49
N LYS A 90 6.76 0.22 -4.52
CA LYS A 90 7.97 -0.06 -5.29
C LYS A 90 9.08 0.93 -4.95
N PRO A 91 10.25 0.41 -4.57
CA PRO A 91 11.41 1.23 -4.21
C PRO A 91 12.01 1.94 -5.42
N LYS A 92 11.60 3.18 -5.64
CA LYS A 92 12.10 3.97 -6.76
C LYS A 92 13.42 4.65 -6.41
N GLY A 93 14.49 4.24 -7.08
CA GLY A 93 15.80 4.81 -6.83
C GLY A 93 16.82 4.42 -7.88
N GLU A 94 17.39 3.23 -7.75
CA GLU A 94 18.39 2.75 -8.69
C GLU A 94 17.78 1.70 -9.63
N GLY A 95 18.01 1.89 -10.93
CA GLY A 95 17.47 0.96 -11.91
C GLY A 95 18.42 -0.20 -12.18
N GLY A 96 18.10 -1.37 -11.61
CA GLY A 96 18.94 -2.53 -11.80
C GLY A 96 18.95 -3.01 -13.24
N SER A 97 17.76 -3.09 -13.85
CA SER A 97 17.63 -3.54 -15.23
C SER A 97 17.09 -2.43 -16.12
N GLY A 98 17.33 -2.55 -17.42
CA GLY A 98 16.86 -1.54 -18.36
C GLY A 98 16.63 -2.11 -19.74
N PRO A 99 17.62 -1.96 -20.63
CA PRO A 99 17.54 -2.46 -22.00
C PRO A 99 17.57 -3.98 -22.08
N SER A 100 16.45 -4.57 -22.46
CA SER A 100 16.34 -6.02 -22.56
C SER A 100 15.69 -6.42 -23.88
N SER A 101 14.55 -5.82 -24.17
CA SER A 101 13.80 -6.11 -25.39
C SER A 101 14.45 -5.43 -26.60
N GLY A 102 14.90 -6.22 -27.55
CA GLY A 102 15.54 -5.68 -28.74
C GLY A 102 17.04 -5.92 -28.77
N GLY A 1 4.12 6.67 -16.87
CA GLY A 1 3.69 5.69 -15.88
C GLY A 1 4.29 5.97 -14.52
N SER A 2 3.58 5.55 -13.47
CA SER A 2 4.04 5.76 -12.11
C SER A 2 4.93 4.61 -11.65
N SER A 3 6.06 4.94 -11.04
CA SER A 3 7.01 3.93 -10.57
C SER A 3 6.26 2.70 -10.06
N GLY A 4 6.14 1.69 -10.94
CA GLY A 4 5.46 0.47 -10.56
C GLY A 4 4.58 -0.06 -11.68
N SER A 5 4.42 -1.38 -11.73
CA SER A 5 3.61 -2.02 -12.76
C SER A 5 2.41 -2.73 -12.14
N SER A 6 1.28 -2.67 -12.83
CA SER A 6 0.05 -3.30 -12.35
C SER A 6 0.03 -4.79 -12.71
N GLY A 7 -0.77 -5.56 -11.98
CA GLY A 7 -0.86 -6.98 -12.24
C GLY A 7 0.45 -7.71 -12.03
N PRO A 8 0.70 -8.14 -10.78
CA PRO A 8 1.93 -8.84 -10.41
C PRO A 8 1.99 -10.25 -11.02
N ASN A 9 0.97 -10.59 -11.80
CA ASN A 9 0.90 -11.90 -12.44
C ASN A 9 2.15 -12.17 -13.27
N ALA A 10 2.55 -11.17 -14.06
CA ALA A 10 3.73 -11.29 -14.91
C ALA A 10 4.94 -11.75 -14.10
N ARG A 11 6.03 -12.05 -14.79
CA ARG A 11 7.25 -12.50 -14.14
C ARG A 11 7.49 -11.75 -12.84
N SER A 12 7.19 -10.44 -12.85
CA SER A 12 7.38 -9.60 -11.68
C SER A 12 6.62 -10.17 -10.48
N GLN A 13 7.22 -10.03 -9.30
CA GLN A 13 6.60 -10.54 -8.08
C GLN A 13 6.00 -9.40 -7.26
N PRO A 14 4.93 -9.70 -6.53
CA PRO A 14 4.23 -8.72 -5.69
C PRO A 14 5.07 -8.29 -4.48
N SER A 15 4.55 -7.34 -3.70
CA SER A 15 5.24 -6.86 -2.53
C SER A 15 4.49 -7.25 -1.25
N LYS A 16 5.20 -7.23 -0.13
CA LYS A 16 4.61 -7.57 1.15
C LYS A 16 3.86 -6.38 1.75
N THR A 17 4.39 -5.19 1.52
CA THR A 17 3.77 -3.97 2.02
C THR A 17 2.91 -3.30 0.96
N LEU A 18 1.65 -3.06 1.30
CA LEU A 18 0.72 -2.42 0.37
C LEU A 18 0.64 -0.92 0.63
N PHE A 19 0.81 -0.13 -0.42
CA PHE A 19 0.76 1.32 -0.32
C PHE A 19 -0.68 1.81 -0.39
N VAL A 20 -1.10 2.55 0.65
CA VAL A 20 -2.46 3.08 0.71
C VAL A 20 -2.44 4.60 0.63
N LYS A 21 -3.02 5.14 -0.45
CA LYS A 21 -3.08 6.58 -0.64
C LYS A 21 -4.53 7.06 -0.76
N GLY A 22 -4.79 8.27 -0.31
CA GLY A 22 -6.12 8.82 -0.37
C GLY A 22 -6.89 8.64 0.92
N LEU A 23 -6.23 8.90 2.05
CA LEU A 23 -6.86 8.75 3.35
C LEU A 23 -7.18 10.12 3.96
N SER A 24 -8.06 10.13 4.96
CA SER A 24 -8.45 11.37 5.61
C SER A 24 -7.43 11.77 6.68
N GLU A 25 -7.15 13.06 6.76
CA GLU A 25 -6.19 13.57 7.74
C GLU A 25 -6.42 12.93 9.10
N ASP A 26 -7.62 12.43 9.33
CA ASP A 26 -7.97 11.80 10.59
C ASP A 26 -7.67 10.30 10.55
N THR A 27 -7.81 9.71 9.37
CA THR A 27 -7.55 8.28 9.19
C THR A 27 -6.35 7.83 10.03
N THR A 28 -6.61 6.96 10.99
CA THR A 28 -5.55 6.45 11.86
C THR A 28 -5.13 5.04 11.44
N GLU A 29 -3.93 4.64 11.85
CA GLU A 29 -3.40 3.33 11.52
C GLU A 29 -4.35 2.23 11.99
N GLU A 30 -5.17 2.55 12.98
CA GLU A 30 -6.12 1.58 13.52
C GLU A 30 -7.17 1.21 12.47
N THR A 31 -7.81 2.22 11.89
CA THR A 31 -8.83 1.99 10.87
C THR A 31 -8.21 1.51 9.57
N LEU A 32 -6.97 1.90 9.33
CA LEU A 32 -6.26 1.51 8.11
C LEU A 32 -5.93 0.01 8.13
N LYS A 33 -5.58 -0.49 9.32
CA LYS A 33 -5.24 -1.90 9.48
C LYS A 33 -6.48 -2.78 9.27
N GLU A 34 -7.53 -2.50 10.03
CA GLU A 34 -8.77 -3.26 9.94
C GLU A 34 -9.27 -3.30 8.49
N SER A 35 -9.23 -2.15 7.83
CA SER A 35 -9.68 -2.05 6.44
C SER A 35 -9.32 -3.31 5.66
N PHE A 36 -8.17 -3.89 5.96
CA PHE A 36 -7.71 -5.10 5.29
C PHE A 36 -7.89 -6.31 6.19
N ASP A 37 -8.85 -7.17 5.85
CA ASP A 37 -9.11 -8.37 6.62
C ASP A 37 -8.01 -9.39 6.44
N GLY A 38 -7.03 -9.38 7.34
CA GLY A 38 -5.93 -10.31 7.27
C GLY A 38 -4.61 -9.68 7.68
N SER A 39 -4.41 -8.42 7.29
CA SER A 39 -3.18 -7.71 7.62
C SER A 39 -2.80 -7.93 9.08
N VAL A 40 -1.55 -7.61 9.42
CA VAL A 40 -1.05 -7.77 10.78
C VAL A 40 -0.74 -6.43 11.42
N ARG A 41 -0.26 -5.50 10.61
CA ARG A 41 0.08 -4.16 11.09
C ARG A 41 -0.15 -3.11 10.01
N ALA A 42 -0.23 -1.84 10.42
CA ALA A 42 -0.44 -0.75 9.49
C ALA A 42 0.32 0.50 9.92
N ARG A 43 0.77 1.27 8.94
CA ARG A 43 1.52 2.49 9.21
C ARG A 43 0.96 3.68 8.42
N ILE A 44 1.01 4.86 9.01
CA ILE A 44 0.51 6.06 8.36
C ILE A 44 1.53 7.19 8.43
N VAL A 45 1.73 7.88 7.31
CA VAL A 45 2.68 8.99 7.26
C VAL A 45 2.10 10.23 7.93
N THR A 46 2.99 11.13 8.35
CA THR A 46 2.57 12.36 9.01
C THR A 46 3.42 13.55 8.54
N ASP A 47 2.79 14.72 8.46
CA ASP A 47 3.49 15.92 8.04
C ASP A 47 4.40 16.44 9.16
N ARG A 48 5.38 17.25 8.77
CA ARG A 48 6.32 17.82 9.73
C ARG A 48 5.89 19.22 10.15
N GLU A 49 5.14 19.89 9.28
CA GLU A 49 4.67 21.23 9.57
C GLU A 49 3.52 21.21 10.58
N THR A 50 2.45 20.51 10.23
CA THR A 50 1.29 20.41 11.11
C THR A 50 1.46 19.26 12.11
N GLY A 51 2.06 18.17 11.65
CA GLY A 51 2.27 17.03 12.53
C GLY A 51 1.07 16.10 12.56
N SER A 52 0.37 15.99 11.44
CA SER A 52 -0.80 15.14 11.34
C SER A 52 -0.68 14.16 10.18
N SER A 53 -1.62 13.22 10.10
CA SER A 53 -1.62 12.23 9.03
C SER A 53 -1.80 12.89 7.67
N LYS A 54 -0.75 12.86 6.85
CA LYS A 54 -0.79 13.46 5.52
C LYS A 54 -2.01 12.98 4.76
N GLY A 55 -2.20 11.66 4.71
CA GLY A 55 -3.34 11.09 4.01
C GLY A 55 -2.98 9.84 3.25
N PHE A 56 -2.02 9.08 3.78
CA PHE A 56 -1.57 7.85 3.13
C PHE A 56 -0.64 7.06 4.05
N GLY A 57 -0.59 5.75 3.84
CA GLY A 57 0.27 4.91 4.66
C GLY A 57 0.64 3.61 3.97
N PHE A 58 0.93 2.59 4.76
CA PHE A 58 1.30 1.28 4.22
C PHE A 58 0.84 0.16 5.14
N VAL A 59 0.31 -0.91 4.55
CA VAL A 59 -0.17 -2.05 5.32
C VAL A 59 0.77 -3.24 5.16
N ASP A 60 1.36 -3.67 6.27
CA ASP A 60 2.28 -4.80 6.26
C ASP A 60 1.52 -6.12 6.31
N PHE A 61 2.00 -7.11 5.57
CA PHE A 61 1.35 -8.42 5.53
C PHE A 61 2.37 -9.53 5.78
N ASN A 62 1.92 -10.60 6.42
CA ASN A 62 2.78 -11.73 6.72
C ASN A 62 3.51 -12.21 5.47
N SER A 63 2.82 -12.17 4.33
CA SER A 63 3.40 -12.60 3.07
C SER A 63 2.68 -11.94 1.89
N GLU A 64 3.44 -11.66 0.83
CA GLU A 64 2.89 -11.02 -0.35
C GLU A 64 1.47 -11.52 -0.64
N GLU A 65 1.32 -12.84 -0.64
CA GLU A 65 0.02 -13.45 -0.90
C GLU A 65 -1.07 -12.76 -0.10
N ASP A 66 -0.95 -12.79 1.23
CA ASP A 66 -1.93 -12.16 2.10
C ASP A 66 -2.18 -10.72 1.69
N ALA A 67 -1.12 -10.00 1.35
CA ALA A 67 -1.23 -8.62 0.93
C ALA A 67 -2.13 -8.49 -0.31
N LYS A 68 -1.82 -9.28 -1.33
CA LYS A 68 -2.60 -9.25 -2.57
C LYS A 68 -4.07 -9.56 -2.30
N ALA A 69 -4.33 -10.72 -1.69
CA ALA A 69 -5.69 -11.12 -1.38
C ALA A 69 -6.46 -10.00 -0.69
N ALA A 70 -5.74 -9.15 0.04
CA ALA A 70 -6.35 -8.03 0.73
C ALA A 70 -6.55 -6.84 -0.20
N LYS A 71 -5.66 -6.71 -1.18
CA LYS A 71 -5.74 -5.62 -2.14
C LYS A 71 -7.02 -5.71 -2.97
N GLU A 72 -7.31 -6.90 -3.48
CA GLU A 72 -8.51 -7.11 -4.28
C GLU A 72 -9.77 -6.82 -3.47
N ALA A 73 -9.69 -7.06 -2.16
CA ALA A 73 -10.83 -6.81 -1.28
C ALA A 73 -11.13 -5.32 -1.17
N MET A 74 -10.10 -4.52 -0.90
CA MET A 74 -10.26 -3.08 -0.78
C MET A 74 -9.98 -2.39 -2.11
N GLU A 75 -9.86 -3.18 -3.17
CA GLU A 75 -9.59 -2.63 -4.50
C GLU A 75 -10.36 -1.34 -4.73
N ASP A 76 -11.65 -1.35 -4.40
CA ASP A 76 -12.49 -0.19 -4.57
C ASP A 76 -13.06 0.28 -3.24
N GLY A 77 -12.40 -0.12 -2.15
CA GLY A 77 -12.85 0.26 -0.82
C GLY A 77 -12.49 1.69 -0.49
N GLU A 78 -13.20 2.26 0.49
CA GLU A 78 -12.95 3.63 0.91
C GLU A 78 -12.87 3.74 2.43
N ILE A 79 -11.69 4.11 2.93
CA ILE A 79 -11.48 4.24 4.37
C ILE A 79 -11.93 5.61 4.86
N ASP A 80 -12.60 5.63 6.02
CA ASP A 80 -13.08 6.87 6.60
C ASP A 80 -13.88 7.68 5.57
N GLY A 81 -14.76 7.00 4.85
CA GLY A 81 -15.57 7.67 3.85
C GLY A 81 -14.73 8.33 2.77
N ASN A 82 -13.54 7.79 2.54
CA ASN A 82 -12.64 8.34 1.53
C ASN A 82 -12.05 7.23 0.67
N LYS A 83 -12.09 7.43 -0.65
CA LYS A 83 -11.56 6.44 -1.58
C LYS A 83 -10.05 6.28 -1.42
N VAL A 84 -9.60 5.04 -1.31
CA VAL A 84 -8.18 4.76 -1.16
C VAL A 84 -7.64 3.94 -2.33
N THR A 85 -6.40 4.21 -2.73
CA THR A 85 -5.78 3.50 -3.84
C THR A 85 -4.66 2.60 -3.34
N LEU A 86 -4.84 1.29 -3.51
CA LEU A 86 -3.85 0.32 -3.08
C LEU A 86 -2.87 0.00 -4.21
N ASP A 87 -1.58 0.15 -3.93
CA ASP A 87 -0.55 -0.11 -4.91
C ASP A 87 0.69 -0.74 -4.26
N TRP A 88 1.37 -1.60 -5.00
CA TRP A 88 2.56 -2.27 -4.50
C TRP A 88 3.71 -1.28 -4.32
N ALA A 89 3.99 -0.92 -3.07
CA ALA A 89 5.06 0.02 -2.76
C ALA A 89 6.23 -0.16 -3.73
N LYS A 90 6.74 -1.37 -3.81
CA LYS A 90 7.86 -1.68 -4.70
C LYS A 90 8.11 -3.18 -4.77
N PRO A 91 8.28 -3.69 -6.00
CA PRO A 91 8.53 -5.11 -6.23
C PRO A 91 9.91 -5.56 -5.75
N LYS A 92 9.93 -6.45 -4.77
CA LYS A 92 11.19 -6.95 -4.22
C LYS A 92 11.94 -7.78 -5.25
N GLY A 93 12.76 -7.12 -6.06
CA GLY A 93 13.53 -7.80 -7.07
C GLY A 93 15.03 -7.66 -6.87
N GLU A 94 15.80 -8.38 -7.67
CA GLU A 94 17.26 -8.32 -7.57
C GLU A 94 17.84 -7.46 -8.70
N GLY A 95 18.40 -6.32 -8.32
CA GLY A 95 18.99 -5.42 -9.30
C GLY A 95 19.63 -4.20 -8.66
N GLY A 96 20.89 -3.95 -9.00
CA GLY A 96 21.60 -2.81 -8.44
C GLY A 96 22.09 -3.06 -7.03
N SER A 97 21.99 -2.06 -6.17
CA SER A 97 22.44 -2.18 -4.80
C SER A 97 21.41 -1.59 -3.83
N GLY A 98 21.45 -2.05 -2.58
CA GLY A 98 20.52 -1.56 -1.59
C GLY A 98 20.74 -0.10 -1.24
N PRO A 99 19.93 0.43 -0.33
CA PRO A 99 20.03 1.83 0.11
C PRO A 99 21.27 2.09 0.94
N SER A 100 22.10 1.06 1.10
CA SER A 100 23.33 1.18 1.87
C SER A 100 23.03 1.54 3.32
N SER A 101 22.11 0.80 3.93
CA SER A 101 21.72 1.06 5.32
C SER A 101 21.78 -0.22 6.14
N GLY A 102 21.48 -0.10 7.44
CA GLY A 102 21.50 -1.26 8.31
C GLY A 102 22.77 -1.34 9.14
N GLY A 1 -5.59 -3.34 -28.09
CA GLY A 1 -5.19 -4.37 -27.15
C GLY A 1 -6.20 -4.57 -26.03
N SER A 2 -5.71 -4.60 -24.80
CA SER A 2 -6.57 -4.80 -23.63
C SER A 2 -6.02 -4.04 -22.42
N SER A 3 -6.91 -3.34 -21.72
CA SER A 3 -6.51 -2.58 -20.55
C SER A 3 -6.76 -3.38 -19.27
N GLY A 4 -5.74 -4.08 -18.80
CA GLY A 4 -5.87 -4.87 -17.59
C GLY A 4 -4.72 -5.85 -17.41
N SER A 5 -3.57 -5.35 -16.98
CA SER A 5 -2.39 -6.18 -16.77
C SER A 5 -2.78 -7.50 -16.11
N SER A 6 -1.93 -8.52 -16.29
CA SER A 6 -2.18 -9.83 -15.72
C SER A 6 -1.45 -9.99 -14.39
N GLY A 7 -1.99 -10.84 -13.51
CA GLY A 7 -1.37 -11.07 -12.23
C GLY A 7 -1.12 -9.79 -11.46
N PRO A 8 -0.25 -9.86 -10.45
CA PRO A 8 0.09 -8.69 -9.62
C PRO A 8 0.91 -7.66 -10.38
N ASN A 9 0.76 -6.39 -10.00
CA ASN A 9 1.49 -5.31 -10.64
C ASN A 9 2.96 -5.33 -10.25
N ALA A 10 3.71 -6.25 -10.86
CA ALA A 10 5.14 -6.37 -10.58
C ALA A 10 5.88 -7.00 -11.75
N ARG A 11 7.21 -6.93 -11.72
CA ARG A 11 8.02 -7.49 -12.78
C ARG A 11 8.31 -8.97 -12.53
N SER A 12 8.58 -9.30 -11.27
CA SER A 12 8.87 -10.69 -10.89
C SER A 12 7.94 -11.16 -9.78
N GLN A 13 7.89 -10.37 -8.70
CA GLN A 13 7.04 -10.70 -7.57
C GLN A 13 6.48 -9.44 -6.91
N PRO A 14 5.30 -9.57 -6.30
CA PRO A 14 4.62 -8.45 -5.63
C PRO A 14 5.36 -8.01 -4.36
N SER A 15 4.68 -7.23 -3.52
CA SER A 15 5.26 -6.75 -2.28
C SER A 15 4.40 -7.15 -1.09
N LYS A 16 5.02 -7.18 0.09
CA LYS A 16 4.32 -7.54 1.31
C LYS A 16 3.56 -6.35 1.89
N THR A 17 4.13 -5.16 1.72
CA THR A 17 3.51 -3.93 2.22
C THR A 17 2.75 -3.21 1.11
N LEU A 18 1.46 -2.99 1.35
CA LEU A 18 0.61 -2.31 0.38
C LEU A 18 0.52 -0.81 0.70
N PHE A 19 0.74 0.00 -0.33
CA PHE A 19 0.68 1.46 -0.17
C PHE A 19 -0.76 1.95 -0.28
N VAL A 20 -1.21 2.68 0.75
CA VAL A 20 -2.57 3.21 0.76
C VAL A 20 -2.55 4.73 0.67
N LYS A 21 -3.23 5.26 -0.34
CA LYS A 21 -3.29 6.71 -0.55
C LYS A 21 -4.74 7.16 -0.66
N GLY A 22 -5.01 8.40 -0.24
CA GLY A 22 -6.35 8.94 -0.31
C GLY A 22 -7.09 8.83 1.01
N LEU A 23 -6.35 8.96 2.11
CA LEU A 23 -6.94 8.87 3.44
C LEU A 23 -7.21 10.25 4.02
N SER A 24 -8.12 10.33 4.98
CA SER A 24 -8.48 11.59 5.61
C SER A 24 -7.48 11.95 6.71
N GLU A 25 -7.11 13.21 6.79
CA GLU A 25 -6.18 13.68 7.80
C GLU A 25 -6.45 13.02 9.15
N ASP A 26 -7.70 12.59 9.34
CA ASP A 26 -8.09 11.95 10.59
C ASP A 26 -7.75 10.46 10.57
N THR A 27 -7.92 9.83 9.40
CA THR A 27 -7.62 8.42 9.24
C THR A 27 -6.44 8.00 10.10
N THR A 28 -6.61 6.93 10.88
CA THR A 28 -5.55 6.44 11.75
C THR A 28 -5.11 5.04 11.32
N GLU A 29 -3.94 4.63 11.80
CA GLU A 29 -3.41 3.31 11.48
C GLU A 29 -4.35 2.20 11.96
N GLU A 30 -5.21 2.55 12.91
CA GLU A 30 -6.15 1.59 13.47
C GLU A 30 -7.24 1.25 12.45
N THR A 31 -7.92 2.28 11.94
CA THR A 31 -8.98 2.08 10.96
C THR A 31 -8.40 1.71 9.59
N LEU A 32 -7.12 2.00 9.41
CA LEU A 32 -6.46 1.68 8.14
C LEU A 32 -6.10 0.20 8.07
N LYS A 33 -5.69 -0.36 9.21
CA LYS A 33 -5.31 -1.77 9.27
C LYS A 33 -6.52 -2.66 9.08
N GLU A 34 -7.53 -2.48 9.93
CA GLU A 34 -8.75 -3.27 9.86
C GLU A 34 -9.28 -3.33 8.42
N SER A 35 -9.25 -2.18 7.75
CA SER A 35 -9.73 -2.09 6.37
C SER A 35 -9.29 -3.31 5.57
N PHE A 36 -8.16 -3.89 5.95
CA PHE A 36 -7.64 -5.07 5.26
C PHE A 36 -7.69 -6.30 6.17
N ASP A 37 -8.57 -7.23 5.85
CA ASP A 37 -8.72 -8.45 6.63
C ASP A 37 -7.53 -9.38 6.42
N GLY A 38 -6.70 -9.50 7.44
CA GLY A 38 -5.52 -10.36 7.34
C GLY A 38 -4.25 -9.64 7.73
N SER A 39 -4.10 -8.41 7.28
CA SER A 39 -2.91 -7.62 7.58
C SER A 39 -2.46 -7.84 9.02
N VAL A 40 -1.17 -7.68 9.26
CA VAL A 40 -0.60 -7.87 10.60
C VAL A 40 -0.46 -6.53 11.31
N ARG A 41 -0.15 -5.49 10.55
CA ARG A 41 0.03 -4.16 11.12
C ARG A 41 -0.19 -3.08 10.05
N ALA A 42 -0.34 -1.84 10.50
CA ALA A 42 -0.56 -0.72 9.59
C ALA A 42 0.25 0.50 10.02
N ARG A 43 0.58 1.35 9.06
CA ARG A 43 1.35 2.56 9.34
C ARG A 43 0.81 3.75 8.54
N ILE A 44 0.98 4.94 9.10
CA ILE A 44 0.51 6.16 8.44
C ILE A 44 1.56 7.26 8.52
N VAL A 45 1.81 7.92 7.39
CA VAL A 45 2.78 9.00 7.32
C VAL A 45 2.20 10.30 7.86
N THR A 46 3.06 11.17 8.37
CA THR A 46 2.63 12.45 8.92
C THR A 46 3.59 13.57 8.54
N ASP A 47 3.09 14.80 8.51
CA ASP A 47 3.91 15.95 8.16
C ASP A 47 4.86 16.31 9.30
N ARG A 48 5.90 17.07 8.98
CA ARG A 48 6.89 17.48 9.97
C ARG A 48 6.54 18.85 10.56
N GLU A 49 5.75 19.61 9.82
CA GLU A 49 5.33 20.93 10.26
C GLU A 49 4.06 20.87 11.10
N THR A 50 3.01 20.28 10.53
CA THR A 50 1.74 20.15 11.22
C THR A 50 1.74 18.94 12.15
N GLY A 51 2.59 17.97 11.84
CA GLY A 51 2.68 16.76 12.65
C GLY A 51 1.39 15.96 12.62
N SER A 52 0.73 15.95 11.47
CA SER A 52 -0.52 15.21 11.31
C SER A 52 -0.44 14.26 10.12
N SER A 53 -1.39 13.34 10.05
CA SER A 53 -1.43 12.37 8.96
C SER A 53 -1.57 13.06 7.61
N LYS A 54 -0.59 12.85 6.74
CA LYS A 54 -0.59 13.46 5.41
C LYS A 54 -1.80 12.98 4.60
N GLY A 55 -2.18 11.72 4.80
CA GLY A 55 -3.31 11.17 4.08
C GLY A 55 -2.97 9.88 3.36
N PHE A 56 -1.90 9.23 3.79
CA PHE A 56 -1.46 7.98 3.18
C PHE A 56 -0.57 7.19 4.13
N GLY A 57 -0.56 5.87 3.96
CA GLY A 57 0.25 5.03 4.82
C GLY A 57 0.64 3.72 4.13
N PHE A 58 0.81 2.68 4.93
CA PHE A 58 1.19 1.37 4.40
C PHE A 58 0.63 0.24 5.26
N VAL A 59 0.09 -0.78 4.61
CA VAL A 59 -0.48 -1.93 5.32
C VAL A 59 0.40 -3.16 5.18
N ASP A 60 1.00 -3.57 6.30
CA ASP A 60 1.87 -4.75 6.31
C ASP A 60 1.05 -6.04 6.28
N PHE A 61 1.67 -7.11 5.80
CA PHE A 61 0.99 -8.40 5.71
C PHE A 61 1.97 -9.54 5.97
N ASN A 62 1.48 -10.59 6.63
CA ASN A 62 2.32 -11.74 6.95
C ASN A 62 3.11 -12.19 5.72
N SER A 63 2.52 -12.02 4.54
CA SER A 63 3.17 -12.41 3.30
C SER A 63 2.53 -11.72 2.11
N GLU A 64 3.27 -11.64 1.00
CA GLU A 64 2.76 -11.01 -0.20
C GLU A 64 1.39 -11.54 -0.57
N GLU A 65 1.18 -12.83 -0.36
CA GLU A 65 -0.09 -13.47 -0.66
C GLU A 65 -1.23 -12.80 0.09
N ASP A 66 -1.18 -12.87 1.42
CA ASP A 66 -2.20 -12.26 2.26
C ASP A 66 -2.51 -10.83 1.81
N ALA A 67 -1.46 -10.08 1.51
CA ALA A 67 -1.62 -8.69 1.06
C ALA A 67 -2.49 -8.62 -0.19
N LYS A 68 -2.11 -9.39 -1.20
CA LYS A 68 -2.85 -9.42 -2.46
C LYS A 68 -4.34 -9.67 -2.22
N ALA A 69 -4.63 -10.77 -1.53
CA ALA A 69 -6.02 -11.13 -1.23
C ALA A 69 -6.76 -9.96 -0.60
N ALA A 70 -6.04 -9.12 0.13
CA ALA A 70 -6.63 -7.96 0.78
C ALA A 70 -6.78 -6.80 -0.21
N LYS A 71 -5.94 -6.80 -1.23
CA LYS A 71 -5.98 -5.74 -2.25
C LYS A 71 -7.23 -5.87 -3.11
N GLU A 72 -7.47 -7.08 -3.63
CA GLU A 72 -8.63 -7.32 -4.47
C GLU A 72 -9.93 -6.99 -3.73
N ALA A 73 -9.87 -7.05 -2.40
CA ALA A 73 -11.04 -6.76 -1.58
C ALA A 73 -11.20 -5.25 -1.38
N MET A 74 -10.10 -4.58 -1.08
CA MET A 74 -10.12 -3.14 -0.86
C MET A 74 -9.67 -2.39 -2.12
N GLU A 75 -9.62 -3.10 -3.24
CA GLU A 75 -9.21 -2.51 -4.51
C GLU A 75 -10.01 -1.24 -4.80
N ASP A 76 -11.31 -1.30 -4.51
CA ASP A 76 -12.19 -0.15 -4.74
C ASP A 76 -12.87 0.28 -3.45
N GLY A 77 -12.22 0.00 -2.32
CA GLY A 77 -12.78 0.37 -1.03
C GLY A 77 -12.47 1.80 -0.65
N GLU A 78 -13.20 2.33 0.31
CA GLU A 78 -13.00 3.70 0.76
C GLU A 78 -13.04 3.78 2.29
N ILE A 79 -11.92 4.22 2.87
CA ILE A 79 -11.82 4.35 4.32
C ILE A 79 -12.32 5.72 4.79
N ASP A 80 -13.07 5.72 5.88
CA ASP A 80 -13.61 6.96 6.44
C ASP A 80 -14.33 7.77 5.36
N GLY A 81 -15.15 7.10 4.58
CA GLY A 81 -15.88 7.78 3.51
C GLY A 81 -14.97 8.38 2.48
N ASN A 82 -13.75 7.86 2.39
CA ASN A 82 -12.77 8.36 1.43
C ASN A 82 -12.22 7.22 0.58
N LYS A 83 -12.17 7.43 -0.73
CA LYS A 83 -11.65 6.42 -1.65
C LYS A 83 -10.14 6.27 -1.50
N VAL A 84 -9.69 5.03 -1.31
CA VAL A 84 -8.26 4.76 -1.16
C VAL A 84 -7.74 3.91 -2.32
N THR A 85 -6.46 4.10 -2.65
CA THR A 85 -5.84 3.36 -3.74
C THR A 85 -4.69 2.50 -3.23
N LEU A 86 -4.85 1.19 -3.32
CA LEU A 86 -3.82 0.25 -2.87
C LEU A 86 -2.84 -0.05 -4.00
N ASP A 87 -1.55 0.14 -3.72
CA ASP A 87 -0.51 -0.13 -4.71
C ASP A 87 0.73 -0.73 -4.05
N TRP A 88 1.27 -1.77 -4.67
CA TRP A 88 2.45 -2.44 -4.15
C TRP A 88 3.59 -1.44 -3.93
N ALA A 89 4.19 -1.49 -2.75
CA ALA A 89 5.30 -0.59 -2.42
C ALA A 89 6.60 -1.08 -3.04
N LYS A 90 7.05 -0.40 -4.09
CA LYS A 90 8.28 -0.77 -4.77
C LYS A 90 9.50 -0.47 -3.90
N PRO A 91 10.51 -1.35 -3.97
CA PRO A 91 11.74 -1.20 -3.19
C PRO A 91 12.59 -0.04 -3.67
N LYS A 92 12.45 1.11 -3.00
CA LYS A 92 13.20 2.30 -3.35
C LYS A 92 14.68 2.13 -2.99
N GLY A 93 15.48 3.12 -3.36
CA GLY A 93 16.90 3.07 -3.07
C GLY A 93 17.70 2.38 -4.18
N GLU A 94 18.73 3.04 -4.66
CA GLU A 94 19.57 2.49 -5.72
C GLU A 94 20.22 1.18 -5.27
N GLY A 95 19.92 0.11 -6.01
CA GLY A 95 20.48 -1.19 -5.67
C GLY A 95 19.62 -1.95 -4.68
N GLY A 96 19.70 -3.28 -4.73
CA GLY A 96 18.92 -4.10 -3.82
C GLY A 96 19.43 -5.53 -3.74
N SER A 97 18.65 -6.46 -4.27
CA SER A 97 19.04 -7.86 -4.26
C SER A 97 19.44 -8.35 -5.65
N GLY A 98 20.74 -8.40 -5.90
CA GLY A 98 21.22 -8.85 -7.20
C GLY A 98 22.70 -9.16 -7.19
N PRO A 99 23.24 -9.53 -8.36
CA PRO A 99 24.66 -9.87 -8.51
C PRO A 99 25.57 -8.64 -8.38
N SER A 100 26.87 -8.87 -8.34
CA SER A 100 27.84 -7.79 -8.21
C SER A 100 29.26 -8.30 -8.40
N SER A 101 30.20 -7.38 -8.53
CA SER A 101 31.60 -7.74 -8.72
C SER A 101 32.51 -6.91 -7.82
N GLY A 102 33.73 -7.40 -7.58
CA GLY A 102 34.66 -6.69 -6.74
C GLY A 102 35.73 -7.60 -6.17
N GLY A 1 -9.33 6.01 -11.46
CA GLY A 1 -7.95 5.60 -11.65
C GLY A 1 -7.82 4.44 -12.62
N SER A 2 -7.61 3.24 -12.10
CA SER A 2 -7.46 2.06 -12.93
C SER A 2 -8.22 0.87 -12.34
N SER A 3 -9.12 0.30 -13.13
CA SER A 3 -9.93 -0.83 -12.68
C SER A 3 -10.10 -1.84 -13.81
N GLY A 4 -9.50 -3.01 -13.64
CA GLY A 4 -9.60 -4.06 -14.64
C GLY A 4 -8.52 -5.12 -14.50
N SER A 5 -7.87 -5.45 -15.61
CA SER A 5 -6.82 -6.45 -15.61
C SER A 5 -5.99 -6.37 -14.33
N SER A 6 -6.12 -7.38 -13.47
CA SER A 6 -5.39 -7.42 -12.22
C SER A 6 -4.02 -8.08 -12.39
N GLY A 7 -2.97 -7.28 -12.40
CA GLY A 7 -1.63 -7.79 -12.56
C GLY A 7 -0.68 -7.31 -11.49
N PRO A 8 -0.69 -7.99 -10.32
CA PRO A 8 0.17 -7.64 -9.20
C PRO A 8 1.64 -7.94 -9.47
N ASN A 9 1.90 -8.80 -10.44
CA ASN A 9 3.26 -9.17 -10.81
C ASN A 9 3.33 -9.66 -12.25
N ALA A 10 4.17 -8.99 -13.05
CA ALA A 10 4.33 -9.35 -14.45
C ALA A 10 5.80 -9.60 -14.79
N ARG A 11 6.68 -8.79 -14.22
CA ARG A 11 8.10 -8.92 -14.46
C ARG A 11 8.81 -9.50 -13.24
N SER A 12 8.40 -9.07 -12.06
CA SER A 12 9.00 -9.54 -10.82
C SER A 12 7.92 -9.82 -9.76
N GLN A 13 8.30 -10.50 -8.69
CA GLN A 13 7.38 -10.83 -7.62
C GLN A 13 6.75 -9.57 -7.04
N PRO A 14 5.59 -9.73 -6.39
CA PRO A 14 4.86 -8.61 -5.77
C PRO A 14 5.59 -8.06 -4.55
N SER A 15 4.86 -7.28 -3.75
CA SER A 15 5.43 -6.69 -2.54
C SER A 15 4.64 -7.10 -1.31
N LYS A 16 5.28 -7.01 -0.14
CA LYS A 16 4.64 -7.39 1.11
C LYS A 16 3.85 -6.21 1.69
N THR A 17 4.35 -4.99 1.46
CA THR A 17 3.70 -3.80 1.95
C THR A 17 2.87 -3.14 0.86
N LEU A 18 1.63 -2.79 1.21
CA LEU A 18 0.72 -2.15 0.26
C LEU A 18 0.62 -0.65 0.52
N PHE A 19 0.79 0.14 -0.53
CA PHE A 19 0.72 1.59 -0.42
C PHE A 19 -0.74 2.07 -0.49
N VAL A 20 -1.19 2.72 0.58
CA VAL A 20 -2.55 3.23 0.65
C VAL A 20 -2.57 4.75 0.56
N LYS A 21 -3.28 5.28 -0.44
CA LYS A 21 -3.38 6.72 -0.63
C LYS A 21 -4.84 7.15 -0.72
N GLY A 22 -5.12 8.36 -0.25
CA GLY A 22 -6.48 8.87 -0.29
C GLY A 22 -7.20 8.72 1.03
N LEU A 23 -6.47 8.92 2.12
CA LEU A 23 -7.03 8.80 3.46
C LEU A 23 -7.39 10.18 4.02
N SER A 24 -8.15 10.19 5.11
CA SER A 24 -8.56 11.43 5.75
C SER A 24 -7.56 11.85 6.82
N GLU A 25 -7.29 13.16 6.89
CA GLU A 25 -6.35 13.69 7.87
C GLU A 25 -6.54 13.02 9.24
N ASP A 26 -7.75 12.50 9.46
CA ASP A 26 -8.06 11.83 10.72
C ASP A 26 -7.71 10.34 10.66
N THR A 27 -7.88 9.75 9.48
CA THR A 27 -7.59 8.35 9.29
C THR A 27 -6.38 7.92 10.10
N THR A 28 -6.59 7.03 11.06
CA THR A 28 -5.51 6.54 11.91
C THR A 28 -5.06 5.15 11.48
N GLU A 29 -3.83 4.80 11.85
CA GLU A 29 -3.28 3.50 11.49
C GLU A 29 -4.21 2.37 11.93
N GLU A 30 -5.01 2.65 12.96
CA GLU A 30 -5.95 1.65 13.47
C GLU A 30 -7.01 1.30 12.43
N THR A 31 -7.74 2.31 11.97
CA THR A 31 -8.78 2.12 10.97
C THR A 31 -8.19 1.66 9.65
N LEU A 32 -6.96 2.06 9.38
CA LEU A 32 -6.28 1.68 8.14
C LEU A 32 -5.92 0.20 8.14
N LYS A 33 -5.49 -0.30 9.30
CA LYS A 33 -5.12 -1.71 9.44
C LYS A 33 -6.36 -2.60 9.35
N GLU A 34 -7.36 -2.29 10.16
CA GLU A 34 -8.60 -3.07 10.16
C GLU A 34 -9.21 -3.15 8.76
N SER A 35 -9.19 -2.02 8.06
CA SER A 35 -9.74 -1.96 6.71
C SER A 35 -9.42 -3.23 5.93
N PHE A 36 -8.23 -3.78 6.16
CA PHE A 36 -7.81 -5.00 5.48
C PHE A 36 -8.01 -6.22 6.37
N ASP A 37 -8.97 -7.06 6.01
CA ASP A 37 -9.27 -8.26 6.78
C ASP A 37 -8.22 -9.35 6.51
N GLY A 38 -6.95 -8.97 6.57
CA GLY A 38 -5.89 -9.93 6.32
C GLY A 38 -4.51 -9.32 6.47
N SER A 39 -4.42 -8.27 7.30
CA SER A 39 -3.15 -7.60 7.53
C SER A 39 -2.64 -7.88 8.94
N VAL A 40 -1.42 -7.43 9.21
CA VAL A 40 -0.80 -7.62 10.52
C VAL A 40 -0.50 -6.28 11.19
N ARG A 41 -0.11 -5.30 10.39
CA ARG A 41 0.22 -3.98 10.91
C ARG A 41 -0.08 -2.90 9.86
N ALA A 42 -0.15 -1.65 10.32
CA ALA A 42 -0.42 -0.53 9.42
C ALA A 42 0.39 0.69 9.82
N ARG A 43 0.63 1.57 8.85
CA ARG A 43 1.40 2.78 9.11
C ARG A 43 0.87 3.95 8.27
N ILE A 44 1.02 5.17 8.79
CA ILE A 44 0.56 6.36 8.09
C ILE A 44 1.61 7.46 8.13
N VAL A 45 1.79 8.15 7.00
CA VAL A 45 2.75 9.23 6.92
C VAL A 45 2.22 10.51 7.55
N THR A 46 3.13 11.38 7.97
CA THR A 46 2.75 12.64 8.60
C THR A 46 3.66 13.77 8.16
N ASP A 47 3.16 15.01 8.22
CA ASP A 47 3.93 16.17 7.83
C ASP A 47 4.90 16.58 8.94
N ARG A 48 5.96 17.27 8.57
CA ARG A 48 6.96 17.72 9.53
C ARG A 48 6.64 19.12 10.03
N GLU A 49 5.77 19.83 9.31
CA GLU A 49 5.39 21.18 9.68
C GLU A 49 4.13 21.16 10.55
N THR A 50 3.07 20.53 10.04
CA THR A 50 1.81 20.46 10.77
C THR A 50 1.82 19.28 11.75
N GLY A 51 2.49 18.21 11.37
CA GLY A 51 2.57 17.03 12.23
C GLY A 51 1.28 16.25 12.24
N SER A 52 0.65 16.11 11.07
CA SER A 52 -0.61 15.38 10.95
C SER A 52 -0.56 14.39 9.79
N SER A 53 -1.52 13.48 9.76
CA SER A 53 -1.59 12.47 8.70
C SER A 53 -1.81 13.13 7.35
N LYS A 54 -0.78 13.11 6.50
CA LYS A 54 -0.87 13.69 5.17
C LYS A 54 -2.10 13.18 4.43
N GLY A 55 -2.28 11.87 4.45
CA GLY A 55 -3.43 11.28 3.77
C GLY A 55 -3.07 10.01 3.03
N PHE A 56 -2.09 9.28 3.54
CA PHE A 56 -1.65 8.04 2.92
C PHE A 56 -0.67 7.29 3.82
N GLY A 57 -0.63 5.97 3.67
CA GLY A 57 0.27 5.16 4.48
C GLY A 57 0.62 3.85 3.81
N PHE A 58 0.78 2.81 4.62
CA PHE A 58 1.13 1.48 4.10
C PHE A 58 0.61 0.38 5.02
N VAL A 59 0.20 -0.74 4.43
CA VAL A 59 -0.30 -1.86 5.21
C VAL A 59 0.65 -3.05 5.14
N ASP A 60 1.23 -3.39 6.28
CA ASP A 60 2.16 -4.51 6.36
C ASP A 60 1.41 -5.84 6.35
N PHE A 61 2.06 -6.87 5.80
CA PHE A 61 1.45 -8.19 5.71
C PHE A 61 2.48 -9.28 6.01
N ASN A 62 2.01 -10.42 6.50
CA ASN A 62 2.89 -11.53 6.83
C ASN A 62 3.60 -12.04 5.59
N SER A 63 2.95 -11.92 4.44
CA SER A 63 3.52 -12.37 3.17
C SER A 63 2.80 -11.72 1.99
N GLU A 64 3.55 -11.47 0.92
CA GLU A 64 2.98 -10.85 -0.27
C GLU A 64 1.59 -11.39 -0.55
N GLU A 65 1.44 -12.71 -0.48
CA GLU A 65 0.16 -13.35 -0.73
C GLU A 65 -0.96 -12.67 0.05
N ASP A 66 -0.83 -12.67 1.38
CA ASP A 66 -1.82 -12.04 2.24
C ASP A 66 -2.13 -10.62 1.78
N ALA A 67 -1.08 -9.87 1.46
CA ALA A 67 -1.23 -8.50 1.00
C ALA A 67 -2.13 -8.42 -0.23
N LYS A 68 -1.77 -9.18 -1.26
CA LYS A 68 -2.55 -9.20 -2.49
C LYS A 68 -4.02 -9.52 -2.21
N ALA A 69 -4.27 -10.66 -1.58
CA ALA A 69 -5.62 -11.07 -1.25
C ALA A 69 -6.37 -9.96 -0.53
N ALA A 70 -5.63 -9.12 0.18
CA ALA A 70 -6.23 -8.00 0.91
C ALA A 70 -6.42 -6.79 0.02
N LYS A 71 -5.67 -6.74 -1.08
CA LYS A 71 -5.75 -5.64 -2.02
C LYS A 71 -7.03 -5.73 -2.85
N GLU A 72 -7.30 -6.92 -3.37
CA GLU A 72 -8.49 -7.14 -4.20
C GLU A 72 -9.76 -6.78 -3.43
N ALA A 73 -9.76 -7.09 -2.13
CA ALA A 73 -10.91 -6.79 -1.29
C ALA A 73 -11.11 -5.28 -1.15
N MET A 74 -10.04 -4.58 -0.80
CA MET A 74 -10.10 -3.13 -0.63
C MET A 74 -9.86 -2.42 -1.95
N GLU A 75 -9.74 -3.20 -3.02
CA GLU A 75 -9.50 -2.64 -4.34
C GLU A 75 -10.32 -1.37 -4.56
N ASP A 76 -11.61 -1.47 -4.29
CA ASP A 76 -12.51 -0.32 -4.45
C ASP A 76 -13.09 0.10 -3.11
N GLY A 77 -12.35 -0.17 -2.03
CA GLY A 77 -12.81 0.21 -0.71
C GLY A 77 -12.52 1.65 -0.37
N GLU A 78 -13.25 2.18 0.61
CA GLU A 78 -13.07 3.56 1.03
C GLU A 78 -13.04 3.68 2.55
N ILE A 79 -11.92 4.15 3.07
CA ILE A 79 -11.75 4.30 4.52
C ILE A 79 -12.24 5.68 4.98
N ASP A 80 -12.95 5.69 6.10
CA ASP A 80 -13.48 6.94 6.65
C ASP A 80 -14.28 7.71 5.60
N GLY A 81 -15.05 6.97 4.80
CA GLY A 81 -15.85 7.60 3.76
C GLY A 81 -15.00 8.23 2.67
N ASN A 82 -13.79 7.72 2.51
CA ASN A 82 -12.88 8.24 1.50
C ASN A 82 -12.28 7.11 0.67
N LYS A 83 -12.34 7.26 -0.66
CA LYS A 83 -11.80 6.25 -1.57
C LYS A 83 -10.29 6.16 -1.45
N VAL A 84 -9.79 4.95 -1.23
CA VAL A 84 -8.35 4.73 -1.10
C VAL A 84 -7.82 3.86 -2.25
N THR A 85 -6.58 4.12 -2.65
CA THR A 85 -5.96 3.37 -3.73
C THR A 85 -4.80 2.54 -3.22
N LEU A 86 -4.89 1.22 -3.40
CA LEU A 86 -3.83 0.31 -2.96
C LEU A 86 -2.90 -0.04 -4.11
N ASP A 87 -1.61 0.22 -3.92
CA ASP A 87 -0.60 -0.07 -4.93
C ASP A 87 0.66 -0.64 -4.31
N TRP A 88 1.29 -1.57 -5.01
CA TRP A 88 2.51 -2.20 -4.52
C TRP A 88 3.64 -1.18 -4.39
N ALA A 89 4.16 -1.04 -3.18
CA ALA A 89 5.25 -0.10 -2.91
C ALA A 89 6.50 -0.49 -3.67
N LYS A 90 6.93 0.35 -4.60
CA LYS A 90 8.12 0.10 -5.40
C LYS A 90 9.26 1.01 -4.96
N PRO A 91 10.46 0.43 -4.87
CA PRO A 91 11.67 1.17 -4.46
C PRO A 91 12.12 2.16 -5.53
N LYS A 92 12.69 3.28 -5.08
CA LYS A 92 13.16 4.31 -6.00
C LYS A 92 14.62 4.05 -6.40
N GLY A 93 14.80 3.21 -7.42
CA GLY A 93 16.13 2.90 -7.89
C GLY A 93 16.18 1.58 -8.64
N GLU A 94 15.37 1.45 -9.68
CA GLU A 94 15.32 0.24 -10.48
C GLU A 94 16.32 0.31 -11.63
N GLY A 95 17.54 -0.15 -11.37
CA GLY A 95 18.57 -0.13 -12.40
C GLY A 95 19.94 -0.49 -11.86
N GLY A 96 20.39 0.28 -10.87
CA GLY A 96 21.69 0.03 -10.28
C GLY A 96 22.23 1.22 -9.51
N SER A 97 22.46 2.32 -10.21
CA SER A 97 22.97 3.53 -9.59
C SER A 97 23.95 3.19 -8.47
N GLY A 98 24.97 2.39 -8.79
CA GLY A 98 25.95 2.00 -7.81
C GLY A 98 27.09 1.21 -8.41
N PRO A 99 28.24 1.17 -7.70
CA PRO A 99 29.42 0.45 -8.16
C PRO A 99 29.24 -1.05 -8.12
N SER A 100 28.76 -1.61 -9.23
CA SER A 100 28.52 -3.05 -9.33
C SER A 100 29.85 -3.82 -9.34
N SER A 101 30.20 -4.39 -8.19
CA SER A 101 31.44 -5.14 -8.07
C SER A 101 31.60 -6.14 -9.22
N GLY A 102 32.83 -6.53 -9.49
CA GLY A 102 33.09 -7.47 -10.57
C GLY A 102 33.79 -8.73 -10.07
N GLY A 1 -5.63 -1.89 -28.39
CA GLY A 1 -6.09 -2.78 -27.33
C GLY A 1 -4.95 -3.36 -26.52
N SER A 2 -5.15 -3.46 -25.21
CA SER A 2 -4.13 -3.99 -24.33
C SER A 2 -4.13 -5.52 -24.34
N SER A 3 -3.11 -6.12 -23.74
CA SER A 3 -3.00 -7.57 -23.69
C SER A 3 -2.50 -8.04 -22.33
N GLY A 4 -2.76 -9.29 -22.00
CA GLY A 4 -2.34 -9.84 -20.72
C GLY A 4 -3.20 -9.34 -19.57
N SER A 5 -3.05 -9.99 -18.42
CA SER A 5 -3.82 -9.61 -17.23
C SER A 5 -2.93 -8.96 -16.19
N SER A 6 -3.47 -7.98 -15.48
CA SER A 6 -2.72 -7.28 -14.45
C SER A 6 -2.62 -8.12 -13.18
N GLY A 7 -1.39 -8.41 -12.77
CA GLY A 7 -1.18 -9.21 -11.57
C GLY A 7 0.26 -9.16 -11.09
N PRO A 8 0.55 -9.88 -10.00
CA PRO A 8 1.89 -9.94 -9.42
C PRO A 8 2.87 -10.71 -10.31
N ASN A 9 2.34 -11.58 -11.15
CA ASN A 9 3.17 -12.37 -12.05
C ASN A 9 3.53 -11.58 -13.31
N ALA A 10 2.50 -11.10 -14.01
CA ALA A 10 2.70 -10.33 -15.22
C ALA A 10 3.75 -9.24 -15.02
N ARG A 11 3.65 -8.53 -13.91
CA ARG A 11 4.59 -7.46 -13.61
C ARG A 11 5.53 -7.87 -12.47
N SER A 12 6.56 -7.07 -12.24
CA SER A 12 7.53 -7.36 -11.19
C SER A 12 6.85 -7.95 -9.97
N GLN A 13 7.56 -8.83 -9.27
CA GLN A 13 7.02 -9.46 -8.07
C GLN A 13 6.25 -8.46 -7.22
N PRO A 14 5.31 -8.96 -6.41
CA PRO A 14 4.49 -8.13 -5.53
C PRO A 14 5.30 -7.55 -4.37
N SER A 15 4.60 -6.95 -3.42
CA SER A 15 5.25 -6.34 -2.25
C SER A 15 4.50 -6.68 -0.98
N LYS A 16 5.26 -7.03 0.07
CA LYS A 16 4.67 -7.37 1.36
C LYS A 16 3.88 -6.21 1.93
N THR A 17 4.39 -4.99 1.74
CA THR A 17 3.73 -3.79 2.23
C THR A 17 2.91 -3.12 1.13
N LEU A 18 1.65 -2.85 1.42
CA LEU A 18 0.76 -2.20 0.45
C LEU A 18 0.72 -0.70 0.67
N PHE A 19 0.70 0.05 -0.42
CA PHE A 19 0.65 1.51 -0.35
C PHE A 19 -0.78 2.02 -0.42
N VAL A 20 -1.20 2.71 0.63
CA VAL A 20 -2.55 3.26 0.69
C VAL A 20 -2.54 4.78 0.59
N LYS A 21 -3.22 5.31 -0.43
CA LYS A 21 -3.28 6.74 -0.65
C LYS A 21 -4.74 7.21 -0.77
N GLY A 22 -5.00 8.43 -0.31
CA GLY A 22 -6.35 8.97 -0.38
C GLY A 22 -7.07 8.89 0.94
N LEU A 23 -6.31 8.94 2.04
CA LEU A 23 -6.89 8.88 3.38
C LEU A 23 -7.21 10.27 3.90
N SER A 24 -8.01 10.33 4.97
CA SER A 24 -8.38 11.59 5.57
C SER A 24 -7.36 12.03 6.62
N GLU A 25 -7.07 13.32 6.67
CA GLU A 25 -6.12 13.87 7.63
C GLU A 25 -6.32 13.25 9.01
N ASP A 26 -7.53 12.75 9.25
CA ASP A 26 -7.85 12.14 10.53
C ASP A 26 -7.54 10.64 10.50
N THR A 27 -7.73 10.03 9.34
CA THR A 27 -7.49 8.60 9.18
C THR A 27 -6.30 8.15 10.04
N THR A 28 -6.57 7.20 10.94
CA THR A 28 -5.54 6.68 11.83
C THR A 28 -5.11 5.28 11.41
N GLU A 29 -3.90 4.89 11.82
CA GLU A 29 -3.37 3.58 11.48
C GLU A 29 -4.31 2.47 11.95
N GLU A 30 -5.10 2.77 12.99
CA GLU A 30 -6.04 1.81 13.54
C GLU A 30 -7.12 1.46 12.52
N THR A 31 -7.71 2.49 11.92
CA THR A 31 -8.76 2.28 10.92
C THR A 31 -8.17 1.86 9.58
N LEU A 32 -6.91 2.21 9.35
CA LEU A 32 -6.23 1.88 8.11
C LEU A 32 -5.82 0.41 8.10
N LYS A 33 -5.48 -0.12 9.27
CA LYS A 33 -5.06 -1.51 9.40
C LYS A 33 -6.26 -2.44 9.25
N GLU A 34 -7.24 -2.29 10.13
CA GLU A 34 -8.43 -3.12 10.10
C GLU A 34 -9.02 -3.18 8.69
N SER A 35 -9.11 -2.02 8.04
CA SER A 35 -9.64 -1.94 6.68
C SER A 35 -9.23 -3.16 5.87
N PHE A 36 -8.05 -3.69 6.16
CA PHE A 36 -7.54 -4.87 5.45
C PHE A 36 -7.60 -6.11 6.33
N ASP A 37 -8.61 -6.94 6.11
CA ASP A 37 -8.78 -8.16 6.89
C ASP A 37 -7.68 -9.17 6.56
N GLY A 38 -6.67 -9.23 7.41
CA GLY A 38 -5.57 -10.14 7.21
C GLY A 38 -4.23 -9.53 7.57
N SER A 39 -4.08 -8.24 7.30
CA SER A 39 -2.84 -7.54 7.60
C SER A 39 -2.40 -7.80 9.04
N VAL A 40 -1.16 -7.40 9.35
CA VAL A 40 -0.62 -7.59 10.69
C VAL A 40 -0.30 -6.25 11.34
N ARG A 41 0.01 -5.26 10.52
CA ARG A 41 0.34 -3.92 11.02
C ARG A 41 0.05 -2.86 9.95
N ALA A 42 -0.09 -1.62 10.39
CA ALA A 42 -0.37 -0.51 9.48
C ALA A 42 0.41 0.75 9.89
N ARG A 43 0.81 1.53 8.90
CA ARG A 43 1.56 2.76 9.15
C ARG A 43 0.97 3.92 8.36
N ILE A 44 1.14 5.13 8.89
CA ILE A 44 0.63 6.33 8.24
C ILE A 44 1.66 7.43 8.23
N VAL A 45 1.86 8.05 7.07
CA VAL A 45 2.83 9.13 6.93
C VAL A 45 2.24 10.46 7.39
N THR A 46 3.12 11.39 7.75
CA THR A 46 2.69 12.71 8.21
C THR A 46 3.61 13.80 7.68
N ASP A 47 3.20 15.05 7.89
CA ASP A 47 3.99 16.19 7.43
C ASP A 47 5.24 16.37 8.29
N ARG A 48 6.28 16.94 7.70
CA ARG A 48 7.54 17.15 8.41
C ARG A 48 7.55 18.53 9.09
N GLU A 49 6.49 19.30 8.87
CA GLU A 49 6.39 20.63 9.45
C GLU A 49 5.40 20.63 10.62
N THR A 50 4.16 20.24 10.34
CA THR A 50 3.13 20.19 11.38
C THR A 50 3.10 18.83 12.06
N GLY A 51 3.37 17.78 11.30
CA GLY A 51 3.37 16.44 11.86
C GLY A 51 2.00 15.80 11.81
N SER A 52 1.15 16.28 10.91
CA SER A 52 -0.20 15.75 10.77
C SER A 52 -0.28 14.76 9.63
N SER A 53 -1.20 13.80 9.72
CA SER A 53 -1.38 12.79 8.70
C SER A 53 -1.63 13.43 7.33
N LYS A 54 -0.71 13.20 6.40
CA LYS A 54 -0.83 13.75 5.06
C LYS A 54 -2.05 13.20 4.34
N GLY A 55 -2.27 11.90 4.47
CA GLY A 55 -3.42 11.28 3.82
C GLY A 55 -3.06 9.98 3.11
N PHE A 56 -2.07 9.27 3.65
CA PHE A 56 -1.63 8.02 3.04
C PHE A 56 -0.60 7.33 3.95
N GLY A 57 -0.51 6.01 3.81
CA GLY A 57 0.42 5.25 4.62
C GLY A 57 0.82 3.94 3.95
N PHE A 58 0.83 2.87 4.74
CA PHE A 58 1.20 1.55 4.22
C PHE A 58 0.61 0.44 5.10
N VAL A 59 0.31 -0.69 4.47
CA VAL A 59 -0.25 -1.84 5.19
C VAL A 59 0.69 -3.03 5.16
N ASP A 60 1.20 -3.40 6.33
CA ASP A 60 2.12 -4.52 6.44
C ASP A 60 1.35 -5.85 6.46
N PHE A 61 1.85 -6.82 5.69
CA PHE A 61 1.21 -8.12 5.61
C PHE A 61 2.22 -9.24 5.88
N ASN A 62 1.76 -10.31 6.52
CA ASN A 62 2.62 -11.43 6.83
C ASN A 62 3.43 -11.86 5.62
N SER A 63 2.81 -11.78 4.44
CA SER A 63 3.47 -12.15 3.20
C SER A 63 2.74 -11.56 2.00
N GLU A 64 3.50 -11.25 0.95
CA GLU A 64 2.93 -10.67 -0.26
C GLU A 64 1.55 -11.27 -0.55
N GLU A 65 1.47 -12.60 -0.59
CA GLU A 65 0.22 -13.28 -0.86
C GLU A 65 -0.92 -12.66 -0.06
N ASP A 66 -0.81 -12.72 1.26
CA ASP A 66 -1.83 -12.16 2.14
C ASP A 66 -2.18 -10.73 1.73
N ALA A 67 -1.16 -9.96 1.38
CA ALA A 67 -1.37 -8.58 0.97
C ALA A 67 -2.28 -8.50 -0.25
N LYS A 68 -1.97 -9.29 -1.27
CA LYS A 68 -2.77 -9.30 -2.50
C LYS A 68 -4.23 -9.59 -2.18
N ALA A 69 -4.49 -10.71 -1.51
CA ALA A 69 -5.85 -11.08 -1.15
C ALA A 69 -6.58 -9.93 -0.47
N ALA A 70 -5.82 -9.07 0.19
CA ALA A 70 -6.39 -7.92 0.89
C ALA A 70 -6.56 -6.73 -0.05
N LYS A 71 -5.75 -6.70 -1.10
CA LYS A 71 -5.80 -5.62 -2.08
C LYS A 71 -7.09 -5.70 -2.89
N GLU A 72 -7.38 -6.88 -3.43
CA GLU A 72 -8.57 -7.09 -4.24
C GLU A 72 -9.83 -6.73 -3.44
N ALA A 73 -9.80 -7.01 -2.15
CA ALA A 73 -10.94 -6.72 -1.28
C ALA A 73 -11.17 -5.21 -1.16
N MET A 74 -10.12 -4.49 -0.78
CA MET A 74 -10.20 -3.05 -0.63
C MET A 74 -9.91 -2.34 -1.96
N GLU A 75 -9.77 -3.13 -3.02
CA GLU A 75 -9.50 -2.59 -4.34
C GLU A 75 -10.30 -1.30 -4.58
N ASP A 76 -11.59 -1.36 -4.32
CA ASP A 76 -12.47 -0.21 -4.50
C ASP A 76 -13.08 0.23 -3.17
N GLY A 77 -12.36 -0.03 -2.08
CA GLY A 77 -12.85 0.34 -0.77
C GLY A 77 -12.56 1.79 -0.43
N GLU A 78 -13.27 2.31 0.57
CA GLU A 78 -13.08 3.69 0.99
C GLU A 78 -13.05 3.80 2.52
N ILE A 79 -11.94 4.30 3.04
CA ILE A 79 -11.78 4.47 4.48
C ILE A 79 -12.31 5.81 4.96
N ASP A 80 -13.03 5.79 6.08
CA ASP A 80 -13.60 7.02 6.63
C ASP A 80 -14.39 7.78 5.58
N GLY A 81 -15.10 7.04 4.73
CA GLY A 81 -15.88 7.67 3.68
C GLY A 81 -15.03 8.31 2.61
N ASN A 82 -13.82 7.80 2.44
CA ASN A 82 -12.89 8.34 1.45
C ASN A 82 -12.28 7.21 0.61
N LYS A 83 -12.33 7.36 -0.70
CA LYS A 83 -11.78 6.37 -1.61
C LYS A 83 -10.26 6.28 -1.45
N VAL A 84 -9.77 5.04 -1.29
CA VAL A 84 -8.34 4.82 -1.12
C VAL A 84 -7.79 3.95 -2.25
N THR A 85 -6.57 4.25 -2.68
CA THR A 85 -5.93 3.50 -3.75
C THR A 85 -4.80 2.63 -3.22
N LEU A 86 -4.88 1.32 -3.48
CA LEU A 86 -3.86 0.39 -3.02
C LEU A 86 -2.89 0.06 -4.15
N ASP A 87 -1.59 0.22 -3.87
CA ASP A 87 -0.56 -0.07 -4.86
C ASP A 87 0.66 -0.70 -4.20
N TRP A 88 1.32 -1.61 -4.91
CA TRP A 88 2.50 -2.28 -4.39
C TRP A 88 3.65 -1.29 -4.21
N ALA A 89 3.91 -0.91 -2.96
CA ALA A 89 4.97 0.03 -2.65
C ALA A 89 6.18 -0.20 -3.55
N LYS A 90 6.77 0.89 -4.03
CA LYS A 90 7.94 0.80 -4.90
C LYS A 90 9.22 1.10 -4.13
N PRO A 91 10.29 0.37 -4.46
CA PRO A 91 11.59 0.54 -3.81
C PRO A 91 12.26 1.87 -4.17
N LYS A 92 12.69 2.60 -3.16
CA LYS A 92 13.35 3.89 -3.37
C LYS A 92 14.86 3.74 -3.36
N GLY A 93 15.47 3.79 -4.55
CA GLY A 93 16.90 3.67 -4.65
C GLY A 93 17.40 3.90 -6.07
N GLU A 94 18.40 4.77 -6.21
CA GLU A 94 18.96 5.09 -7.52
C GLU A 94 20.48 5.27 -7.43
N GLY A 95 21.16 5.07 -8.54
CA GLY A 95 22.60 5.21 -8.57
C GLY A 95 23.32 3.91 -8.88
N GLY A 96 23.57 3.12 -7.85
CA GLY A 96 24.24 1.85 -8.04
C GLY A 96 25.45 1.70 -7.13
N SER A 97 25.33 0.82 -6.14
CA SER A 97 26.41 0.57 -5.19
C SER A 97 26.12 -0.65 -4.33
N GLY A 98 27.07 -1.57 -4.28
CA GLY A 98 26.90 -2.77 -3.49
C GLY A 98 28.17 -3.57 -3.36
N PRO A 99 28.25 -4.42 -2.32
CA PRO A 99 29.43 -5.25 -2.06
C PRO A 99 29.59 -6.36 -3.09
N SER A 100 30.68 -6.31 -3.85
CA SER A 100 30.95 -7.31 -4.87
C SER A 100 32.31 -7.96 -4.66
N SER A 101 32.48 -9.17 -5.17
CA SER A 101 33.73 -9.89 -5.04
C SER A 101 34.90 -9.05 -5.54
N GLY A 102 36.12 -9.50 -5.26
CA GLY A 102 37.30 -8.78 -5.68
C GLY A 102 38.18 -9.58 -6.62
#